data_2YS8
#
_entry.id   2YS8
#
_entity_poly.entity_id   1
_entity_poly.type   'polypeptide(L)'
_entity_poly.pdbx_seq_one_letter_code
;GSSGSSGSSASFTKEQADAIRRIRNSKDSWDMLGVKPGASRDEVNKAYRKLAVLLHPDKCVAPGSEDAFKAVVNARTALL
KNIKSGPSSG
;
_entity_poly.pdbx_strand_id   A
#
# COMPACT_ATOMS: atom_id res chain seq x y z
N GLY A 1 2.64 -20.04 19.80
CA GLY A 1 3.65 -20.33 18.78
C GLY A 1 3.84 -19.18 17.82
N SER A 2 4.34 -19.49 16.62
CA SER A 2 4.57 -18.48 15.61
C SER A 2 4.08 -18.95 14.25
N SER A 3 3.57 -18.02 13.44
CA SER A 3 3.06 -18.34 12.12
C SER A 3 4.16 -18.23 11.08
N GLY A 4 4.13 -19.12 10.08
CA GLY A 4 5.13 -19.11 9.04
C GLY A 4 4.62 -19.69 7.73
N SER A 5 5.00 -19.07 6.62
CA SER A 5 4.57 -19.53 5.31
C SER A 5 5.73 -19.49 4.31
N SER A 6 5.83 -20.53 3.49
CA SER A 6 6.89 -20.62 2.50
C SER A 6 6.41 -20.11 1.14
N GLY A 7 7.15 -19.17 0.57
CA GLY A 7 6.80 -18.60 -0.71
C GLY A 7 7.85 -18.85 -1.78
N SER A 8 8.35 -20.08 -1.82
CA SER A 8 9.37 -20.45 -2.79
C SER A 8 9.10 -19.80 -4.14
N SER A 9 7.90 -20.01 -4.67
CA SER A 9 7.52 -19.45 -5.96
C SER A 9 7.22 -17.96 -5.83
N ALA A 10 7.71 -17.18 -6.79
CA ALA A 10 7.50 -15.74 -6.79
C ALA A 10 7.33 -15.21 -8.21
N SER A 11 6.08 -14.90 -8.56
CA SER A 11 5.78 -14.39 -9.90
C SER A 11 4.97 -13.10 -9.80
N PHE A 12 5.56 -12.00 -10.26
CA PHE A 12 4.89 -10.70 -10.23
C PHE A 12 5.63 -9.70 -11.12
N THR A 13 5.07 -8.50 -11.24
CA THR A 13 5.66 -7.44 -12.05
C THR A 13 6.57 -6.55 -11.21
N LYS A 14 7.28 -5.65 -11.88
CA LYS A 14 8.19 -4.73 -11.20
C LYS A 14 7.41 -3.80 -10.27
N GLU A 15 6.35 -3.19 -10.80
CA GLU A 15 5.53 -2.28 -10.01
C GLU A 15 5.23 -2.87 -8.63
N GLN A 16 4.67 -4.07 -8.61
CA GLN A 16 4.34 -4.74 -7.36
C GLN A 16 5.56 -4.83 -6.45
N ALA A 17 6.56 -5.60 -6.88
CA ALA A 17 7.79 -5.78 -6.10
C ALA A 17 8.26 -4.44 -5.54
N ASP A 18 8.36 -3.43 -6.39
CA ASP A 18 8.80 -2.11 -5.98
C ASP A 18 7.96 -1.60 -4.81
N ALA A 19 6.67 -1.92 -4.84
CA ALA A 19 5.75 -1.49 -3.79
C ALA A 19 6.12 -2.11 -2.45
N ILE A 20 6.11 -3.44 -2.39
CA ILE A 20 6.45 -4.16 -1.18
C ILE A 20 7.83 -3.77 -0.68
N ARG A 21 8.73 -3.48 -1.61
CA ARG A 21 10.09 -3.09 -1.25
C ARG A 21 10.11 -1.74 -0.54
N ARG A 22 9.30 -0.80 -1.04
CA ARG A 22 9.22 0.53 -0.45
C ARG A 22 8.53 0.48 0.91
N ILE A 23 7.44 -0.27 0.98
CA ILE A 23 6.68 -0.40 2.22
C ILE A 23 7.56 -0.94 3.34
N ARG A 24 8.23 -2.06 3.08
CA ARG A 24 9.11 -2.69 4.06
C ARG A 24 10.30 -1.79 4.37
N ASN A 25 10.60 -0.87 3.47
CA ASN A 25 11.72 0.05 3.65
C ASN A 25 11.22 1.48 3.82
N SER A 26 9.94 1.62 4.14
CA SER A 26 9.34 2.94 4.32
C SER A 26 9.59 3.45 5.74
N LYS A 27 9.86 4.74 5.85
CA LYS A 27 10.12 5.36 7.15
C LYS A 27 8.87 6.06 7.69
N ASP A 28 7.79 5.99 6.91
CA ASP A 28 6.54 6.62 7.32
C ASP A 28 5.40 6.15 6.41
N SER A 29 4.17 6.54 6.76
CA SER A 29 3.00 6.16 5.99
C SER A 29 3.00 6.88 4.64
N TRP A 30 3.33 8.16 4.64
CA TRP A 30 3.37 8.95 3.42
C TRP A 30 4.16 8.22 2.33
N ASP A 31 5.31 7.68 2.70
CA ASP A 31 6.16 6.96 1.75
C ASP A 31 5.43 5.73 1.21
N MET A 32 4.84 4.96 2.11
CA MET A 32 4.12 3.75 1.73
C MET A 32 3.05 4.07 0.68
N LEU A 33 2.05 4.84 1.07
CA LEU A 33 0.97 5.20 0.16
C LEU A 33 1.50 6.00 -1.02
N GLY A 34 2.56 6.77 -0.79
CA GLY A 34 3.16 7.57 -1.85
C GLY A 34 2.49 8.92 -1.99
N VAL A 35 2.19 9.55 -0.87
CA VAL A 35 1.55 10.86 -0.88
C VAL A 35 2.27 11.84 0.05
N LYS A 36 1.87 13.11 0.00
CA LYS A 36 2.47 14.13 0.84
C LYS A 36 1.81 14.16 2.22
N PRO A 37 2.58 14.61 3.23
CA PRO A 37 2.09 14.70 4.61
C PRO A 37 1.06 15.82 4.77
N GLY A 38 0.70 16.46 3.68
CA GLY A 38 -0.28 17.53 3.72
C GLY A 38 -1.47 17.27 2.82
N ALA A 39 -1.76 15.99 2.58
CA ALA A 39 -2.87 15.61 1.73
C ALA A 39 -4.17 15.48 2.54
N SER A 40 -5.27 15.28 1.84
CA SER A 40 -6.57 15.15 2.50
C SER A 40 -7.05 13.70 2.47
N ARG A 41 -8.06 13.40 3.28
CA ARG A 41 -8.60 12.05 3.37
C ARG A 41 -8.80 11.47 1.97
N ASP A 42 -9.37 12.27 1.08
CA ASP A 42 -9.63 11.82 -0.29
C ASP A 42 -8.33 11.41 -0.98
N GLU A 43 -7.26 12.16 -0.73
CA GLU A 43 -5.96 11.86 -1.32
C GLU A 43 -5.40 10.55 -0.76
N VAL A 44 -5.22 10.50 0.55
CA VAL A 44 -4.69 9.32 1.21
C VAL A 44 -5.42 8.06 0.75
N ASN A 45 -6.74 8.15 0.65
CA ASN A 45 -7.55 7.02 0.23
C ASN A 45 -7.26 6.66 -1.23
N LYS A 46 -7.13 7.68 -2.06
CA LYS A 46 -6.84 7.48 -3.48
C LYS A 46 -5.58 6.65 -3.67
N ALA A 47 -4.51 7.04 -2.99
CA ALA A 47 -3.24 6.33 -3.08
C ALA A 47 -3.34 4.94 -2.46
N TYR A 48 -4.05 4.85 -1.35
CA TYR A 48 -4.23 3.57 -0.66
C TYR A 48 -5.01 2.59 -1.52
N ARG A 49 -5.99 3.10 -2.25
CA ARG A 49 -6.80 2.26 -3.13
C ARG A 49 -5.97 1.70 -4.27
N LYS A 50 -5.50 2.58 -5.14
CA LYS A 50 -4.69 2.17 -6.27
C LYS A 50 -3.63 1.15 -5.86
N LEU A 51 -2.95 1.44 -4.75
CA LEU A 51 -1.91 0.55 -4.24
C LEU A 51 -2.51 -0.78 -3.78
N ALA A 52 -3.48 -0.71 -2.87
CA ALA A 52 -4.14 -1.90 -2.36
C ALA A 52 -4.41 -2.90 -3.48
N VAL A 53 -4.96 -2.41 -4.59
CA VAL A 53 -5.28 -3.25 -5.72
C VAL A 53 -4.02 -3.94 -6.27
N LEU A 54 -2.91 -3.22 -6.24
CA LEU A 54 -1.65 -3.76 -6.73
C LEU A 54 -1.07 -4.77 -5.74
N LEU A 55 -1.16 -4.45 -4.45
CA LEU A 55 -0.65 -5.33 -3.41
C LEU A 55 -1.71 -6.35 -2.98
N HIS A 56 -2.91 -6.21 -3.54
CA HIS A 56 -4.01 -7.11 -3.22
C HIS A 56 -3.58 -8.57 -3.41
N PRO A 57 -4.04 -9.44 -2.49
CA PRO A 57 -3.71 -10.87 -2.54
C PRO A 57 -4.39 -11.59 -3.70
N ASP A 58 -5.27 -10.87 -4.40
CA ASP A 58 -5.98 -11.43 -5.53
C ASP A 58 -5.33 -11.01 -6.85
N LYS A 59 -4.43 -10.04 -6.78
CA LYS A 59 -3.73 -9.54 -7.96
C LYS A 59 -2.24 -9.83 -7.87
N CYS A 60 -1.70 -9.81 -6.65
CA CYS A 60 -0.29 -10.07 -6.44
C CYS A 60 -0.08 -11.30 -5.56
N VAL A 61 0.26 -12.42 -6.18
CA VAL A 61 0.47 -13.67 -5.46
C VAL A 61 1.87 -13.70 -4.83
N ALA A 62 2.56 -12.56 -4.87
CA ALA A 62 3.90 -12.46 -4.31
C ALA A 62 3.91 -12.85 -2.84
N PRO A 63 5.06 -13.34 -2.36
CA PRO A 63 5.23 -13.76 -0.96
C PRO A 63 5.22 -12.58 0.00
N GLY A 64 5.42 -11.38 -0.55
CA GLY A 64 5.43 -10.19 0.28
C GLY A 64 4.18 -9.35 0.12
N SER A 65 3.53 -9.48 -1.03
CA SER A 65 2.32 -8.73 -1.32
C SER A 65 1.39 -8.70 -0.10
N GLU A 66 1.39 -9.80 0.65
CA GLU A 66 0.56 -9.91 1.85
C GLU A 66 0.97 -8.88 2.89
N ASP A 67 2.23 -8.95 3.31
CA ASP A 67 2.76 -8.03 4.31
C ASP A 67 2.53 -6.58 3.88
N ALA A 68 2.83 -6.28 2.62
CA ALA A 68 2.67 -4.94 2.09
C ALA A 68 1.27 -4.41 2.34
N PHE A 69 0.26 -5.15 1.88
CA PHE A 69 -1.13 -4.76 2.07
C PHE A 69 -1.41 -4.42 3.53
N LYS A 70 -0.85 -5.22 4.44
CA LYS A 70 -1.04 -5.00 5.86
C LYS A 70 -0.50 -3.65 6.29
N ALA A 71 0.70 -3.33 5.83
CA ALA A 71 1.34 -2.05 6.15
C ALA A 71 0.47 -0.88 5.70
N VAL A 72 0.08 -0.89 4.43
CA VAL A 72 -0.74 0.18 3.88
C VAL A 72 -1.86 0.56 4.84
N VAL A 73 -2.65 -0.43 5.25
CA VAL A 73 -3.75 -0.20 6.17
C VAL A 73 -3.30 0.63 7.37
N ASN A 74 -2.33 0.10 8.11
CA ASN A 74 -1.81 0.78 9.28
C ASN A 74 -1.41 2.21 8.95
N ALA A 75 -0.93 2.42 7.73
CA ALA A 75 -0.50 3.74 7.27
C ALA A 75 -1.71 4.65 7.05
N ARG A 76 -2.52 4.33 6.04
CA ARG A 76 -3.70 5.11 5.72
C ARG A 76 -4.58 5.30 6.96
N THR A 77 -5.16 4.20 7.44
CA THR A 77 -6.02 4.25 8.61
C THR A 77 -5.48 5.21 9.66
N ALA A 78 -4.18 5.11 9.94
CA ALA A 78 -3.54 5.98 10.92
C ALA A 78 -3.55 7.44 10.45
N LEU A 79 -2.94 7.69 9.30
CA LEU A 79 -2.88 9.03 8.75
C LEU A 79 -4.25 9.72 8.83
N LEU A 80 -5.27 9.06 8.29
CA LEU A 80 -6.62 9.60 8.31
C LEU A 80 -6.97 10.17 9.68
N LYS A 81 -6.78 9.35 10.71
CA LYS A 81 -7.07 9.76 12.08
C LYS A 81 -6.46 11.12 12.37
N ASN A 82 -5.25 11.35 11.87
CA ASN A 82 -4.56 12.61 12.08
C ASN A 82 -5.13 13.71 11.18
N ILE A 83 -5.52 13.32 9.97
CA ILE A 83 -6.09 14.27 9.02
C ILE A 83 -7.04 15.24 9.70
N LYS A 84 -7.84 14.71 10.62
CA LYS A 84 -8.81 15.53 11.36
C LYS A 84 -8.11 16.70 12.04
N SER A 85 -8.44 17.91 11.61
CA SER A 85 -7.84 19.11 12.19
C SER A 85 -8.47 19.43 13.54
N GLY A 86 -9.80 19.50 13.58
CA GLY A 86 -10.50 19.80 14.81
C GLY A 86 -11.21 18.59 15.39
N PRO A 87 -11.25 18.50 16.72
CA PRO A 87 -11.90 17.39 17.42
C PRO A 87 -13.42 17.43 17.28
N SER A 88 -13.95 16.60 16.38
CA SER A 88 -15.38 16.54 16.14
C SER A 88 -16.13 16.12 17.40
N SER A 89 -15.77 14.96 17.93
CA SER A 89 -16.40 14.45 19.15
C SER A 89 -15.62 14.87 20.38
N GLY A 90 -16.22 14.64 21.55
CA GLY A 90 -15.57 15.00 22.80
C GLY A 90 -16.17 16.24 23.43
N GLY A 1 8.81 -23.33 6.93
CA GLY A 1 8.32 -22.88 8.22
C GLY A 1 7.75 -24.01 9.05
N SER A 2 6.85 -23.67 9.97
CA SER A 2 6.24 -24.66 10.84
C SER A 2 5.53 -25.74 10.02
N SER A 3 4.60 -25.32 9.17
CA SER A 3 3.86 -26.26 8.33
C SER A 3 4.76 -27.38 7.83
N GLY A 4 5.99 -27.01 7.44
CA GLY A 4 6.92 -28.01 6.95
C GLY A 4 7.44 -27.67 5.57
N SER A 5 6.58 -27.75 4.57
CA SER A 5 6.95 -27.46 3.20
C SER A 5 5.74 -27.05 2.38
N SER A 6 5.67 -25.77 2.04
CA SER A 6 4.55 -25.24 1.25
C SER A 6 4.94 -25.10 -0.22
N GLY A 7 4.17 -25.75 -1.09
CA GLY A 7 4.44 -25.69 -2.51
C GLY A 7 3.47 -24.78 -3.25
N SER A 8 3.86 -23.52 -3.40
CA SER A 8 3.01 -22.54 -4.09
C SER A 8 3.84 -21.66 -5.01
N SER A 9 3.59 -21.76 -6.31
CA SER A 9 4.32 -20.98 -7.30
C SER A 9 3.82 -19.54 -7.33
N ALA A 10 4.66 -18.62 -6.87
CA ALA A 10 4.31 -17.21 -6.85
C ALA A 10 4.83 -16.49 -8.07
N SER A 11 4.02 -15.58 -8.61
CA SER A 11 4.40 -14.82 -9.80
C SER A 11 3.74 -13.45 -9.80
N PHE A 12 4.55 -12.41 -9.97
CA PHE A 12 4.05 -11.04 -9.99
C PHE A 12 4.91 -10.16 -10.90
N THR A 13 4.43 -8.94 -11.15
CA THR A 13 5.15 -8.00 -12.00
C THR A 13 6.21 -7.23 -11.20
N LYS A 14 7.04 -6.50 -11.91
CA LYS A 14 8.10 -5.71 -11.28
C LYS A 14 7.51 -4.62 -10.38
N GLU A 15 6.58 -3.85 -10.94
CA GLU A 15 5.93 -2.78 -10.19
C GLU A 15 5.52 -3.25 -8.80
N GLN A 16 4.74 -4.34 -8.76
CA GLN A 16 4.28 -4.89 -7.49
C GLN A 16 5.45 -5.12 -6.53
N ALA A 17 6.35 -6.00 -6.92
CA ALA A 17 7.52 -6.31 -6.10
C ALA A 17 8.20 -5.04 -5.61
N ASP A 18 8.43 -4.11 -6.53
CA ASP A 18 9.06 -2.84 -6.19
C ASP A 18 8.26 -2.08 -5.15
N ALA A 19 6.94 -2.32 -5.13
CA ALA A 19 6.05 -1.66 -4.19
C ALA A 19 6.24 -2.21 -2.78
N ILE A 20 6.29 -3.54 -2.68
CA ILE A 20 6.45 -4.20 -1.39
C ILE A 20 7.78 -3.80 -0.73
N ARG A 21 8.87 -3.91 -1.49
CA ARG A 21 10.18 -3.57 -0.99
C ARG A 21 10.20 -2.15 -0.42
N ARG A 22 9.44 -1.26 -1.05
CA ARG A 22 9.37 0.13 -0.61
C ARG A 22 8.62 0.23 0.72
N ILE A 23 7.53 -0.52 0.84
CA ILE A 23 6.73 -0.51 2.06
C ILE A 23 7.55 -0.94 3.26
N ARG A 24 8.46 -1.88 3.04
CA ARG A 24 9.32 -2.39 4.11
C ARG A 24 10.51 -1.46 4.32
N ASN A 25 10.98 -0.84 3.25
CA ASN A 25 12.12 0.06 3.32
C ASN A 25 11.66 1.51 3.46
N SER A 26 10.38 1.69 3.77
CA SER A 26 9.81 3.03 3.94
C SER A 26 10.22 3.63 5.27
N LYS A 27 10.11 4.96 5.37
CA LYS A 27 10.47 5.67 6.60
C LYS A 27 9.23 6.29 7.24
N ASP A 28 8.12 6.29 6.50
CA ASP A 28 6.88 6.85 7.00
C ASP A 28 5.70 6.47 6.10
N SER A 29 4.51 6.41 6.68
CA SER A 29 3.31 6.05 5.93
C SER A 29 3.27 6.77 4.59
N TRP A 30 3.56 8.07 4.61
CA TRP A 30 3.56 8.88 3.40
C TRP A 30 4.26 8.15 2.26
N ASP A 31 5.42 7.58 2.56
CA ASP A 31 6.19 6.85 1.56
C ASP A 31 5.43 5.63 1.06
N MET A 32 4.86 4.88 1.99
CA MET A 32 4.10 3.68 1.65
C MET A 32 2.96 4.02 0.70
N LEU A 33 2.02 4.83 1.16
CA LEU A 33 0.88 5.24 0.35
C LEU A 33 1.33 6.05 -0.87
N GLY A 34 2.40 6.82 -0.69
CA GLY A 34 2.92 7.63 -1.78
C GLY A 34 2.23 8.98 -1.86
N VAL A 35 2.02 9.62 -0.72
CA VAL A 35 1.37 10.92 -0.68
C VAL A 35 2.11 11.87 0.27
N LYS A 36 1.66 13.12 0.31
CA LYS A 36 2.28 14.13 1.16
C LYS A 36 1.60 14.17 2.52
N PRO A 37 2.35 14.60 3.55
CA PRO A 37 1.84 14.70 4.92
C PRO A 37 0.81 15.82 5.07
N GLY A 38 0.48 16.48 3.96
CA GLY A 38 -0.48 17.57 3.99
C GLY A 38 -1.67 17.31 3.09
N ALA A 39 -1.96 16.03 2.84
CA ALA A 39 -3.08 15.66 1.99
C ALA A 39 -4.36 15.48 2.81
N SER A 40 -5.48 15.32 2.12
CA SER A 40 -6.76 15.15 2.78
C SER A 40 -7.27 13.71 2.62
N ARG A 41 -8.22 13.34 3.45
CA ARG A 41 -8.80 11.99 3.41
C ARG A 41 -8.94 11.51 1.98
N ASP A 42 -9.55 12.34 1.13
CA ASP A 42 -9.74 11.99 -0.27
C ASP A 42 -8.43 11.55 -0.92
N GLU A 43 -7.36 12.31 -0.66
CA GLU A 43 -6.05 12.00 -1.20
C GLU A 43 -5.55 10.65 -0.69
N VAL A 44 -5.41 10.54 0.63
CA VAL A 44 -4.94 9.31 1.24
C VAL A 44 -5.65 8.09 0.65
N ASN A 45 -6.96 8.19 0.49
CA ASN A 45 -7.74 7.10 -0.08
C ASN A 45 -7.38 6.87 -1.53
N LYS A 46 -7.26 7.95 -2.30
CA LYS A 46 -6.91 7.86 -3.71
C LYS A 46 -5.58 7.14 -3.90
N ALA A 47 -4.59 7.54 -3.12
CA ALA A 47 -3.26 6.93 -3.20
C ALA A 47 -3.26 5.52 -2.62
N TYR A 48 -3.95 5.36 -1.49
CA TYR A 48 -4.04 4.06 -0.82
C TYR A 48 -4.72 3.03 -1.72
N ARG A 49 -5.65 3.51 -2.56
CA ARG A 49 -6.37 2.63 -3.47
C ARG A 49 -5.45 2.08 -4.55
N LYS A 50 -4.92 2.98 -5.38
CA LYS A 50 -4.02 2.58 -6.45
C LYS A 50 -2.99 1.56 -5.96
N LEU A 51 -2.58 1.71 -4.70
CA LEU A 51 -1.59 0.80 -4.11
C LEU A 51 -2.25 -0.52 -3.71
N ALA A 52 -3.26 -0.42 -2.84
CA ALA A 52 -3.98 -1.60 -2.38
C ALA A 52 -4.29 -2.54 -3.53
N VAL A 53 -4.72 -1.98 -4.65
CA VAL A 53 -5.06 -2.77 -5.83
C VAL A 53 -3.82 -3.47 -6.39
N LEU A 54 -2.68 -2.82 -6.28
CA LEU A 54 -1.43 -3.39 -6.76
C LEU A 54 -0.89 -4.46 -5.82
N LEU A 55 -1.13 -4.24 -4.52
CA LEU A 55 -0.68 -5.19 -3.51
C LEU A 55 -1.80 -6.16 -3.13
N HIS A 56 -2.92 -6.06 -3.84
CA HIS A 56 -4.05 -6.93 -3.58
C HIS A 56 -3.63 -8.41 -3.59
N PRO A 57 -4.22 -9.19 -2.69
CA PRO A 57 -3.92 -10.63 -2.58
C PRO A 57 -4.44 -11.42 -3.76
N ASP A 58 -5.64 -11.07 -4.22
CA ASP A 58 -6.25 -11.76 -5.35
C ASP A 58 -5.59 -11.35 -6.66
N LYS A 59 -4.70 -10.37 -6.59
CA LYS A 59 -3.99 -9.88 -7.77
C LYS A 59 -2.49 -10.10 -7.63
N CYS A 60 -2.02 -10.18 -6.40
CA CYS A 60 -0.59 -10.39 -6.13
C CYS A 60 -0.39 -11.56 -5.17
N VAL A 61 0.02 -12.70 -5.72
CA VAL A 61 0.25 -13.89 -4.92
C VAL A 61 1.65 -13.90 -4.33
N ALA A 62 2.38 -12.80 -4.53
CA ALA A 62 3.74 -12.68 -4.03
C ALA A 62 3.79 -12.92 -2.52
N PRO A 63 4.96 -13.33 -2.03
CA PRO A 63 5.16 -13.60 -0.60
C PRO A 63 5.14 -12.33 0.24
N GLY A 64 5.69 -11.25 -0.30
CA GLY A 64 5.71 -9.99 0.42
C GLY A 64 4.45 -9.18 0.22
N SER A 65 3.82 -9.35 -0.94
CA SER A 65 2.59 -8.63 -1.26
C SER A 65 1.63 -8.62 -0.06
N GLU A 66 1.60 -9.74 0.66
CA GLU A 66 0.72 -9.85 1.82
C GLU A 66 1.08 -8.80 2.87
N ASP A 67 2.30 -8.85 3.37
CA ASP A 67 2.77 -7.91 4.37
C ASP A 67 2.61 -6.47 3.88
N ALA A 68 2.81 -6.27 2.57
CA ALA A 68 2.69 -4.95 1.97
C ALA A 68 1.32 -4.35 2.24
N PHE A 69 0.28 -5.11 1.94
CA PHE A 69 -1.09 -4.65 2.14
C PHE A 69 -1.35 -4.34 3.60
N LYS A 70 -0.82 -5.18 4.49
CA LYS A 70 -1.00 -4.98 5.92
C LYS A 70 -0.47 -3.62 6.35
N ALA A 71 0.74 -3.29 5.91
CA ALA A 71 1.35 -2.01 6.26
C ALA A 71 0.50 -0.85 5.75
N VAL A 72 0.12 -0.90 4.48
CA VAL A 72 -0.69 0.14 3.88
C VAL A 72 -1.85 0.52 4.79
N VAL A 73 -2.63 -0.47 5.20
CA VAL A 73 -3.78 -0.24 6.06
C VAL A 73 -3.36 0.48 7.34
N ASN A 74 -2.41 -0.10 8.06
CA ASN A 74 -1.92 0.49 9.30
C ASN A 74 -1.56 1.96 9.10
N ALA A 75 -1.08 2.29 7.90
CA ALA A 75 -0.71 3.66 7.58
C ALA A 75 -1.93 4.51 7.27
N ARG A 76 -2.67 4.11 6.25
CA ARG A 76 -3.87 4.84 5.85
C ARG A 76 -4.81 5.05 7.03
N THR A 77 -5.39 3.97 7.52
CA THR A 77 -6.30 4.02 8.65
C THR A 77 -5.77 4.95 9.74
N ALA A 78 -4.46 4.89 9.97
CA ALA A 78 -3.83 5.73 10.99
C ALA A 78 -3.92 7.21 10.61
N LEU A 79 -3.41 7.54 9.43
CA LEU A 79 -3.43 8.92 8.95
C LEU A 79 -4.84 9.49 9.00
N LEU A 80 -5.76 8.85 8.29
CA LEU A 80 -7.15 9.28 8.25
C LEU A 80 -7.63 9.72 9.64
N LYS A 81 -7.50 8.82 10.61
CA LYS A 81 -7.90 9.11 11.97
C LYS A 81 -7.47 10.51 12.39
N ASN A 82 -6.24 10.88 12.04
CA ASN A 82 -5.71 12.19 12.37
C ASN A 82 -6.31 13.27 11.48
N ILE A 83 -6.54 12.92 10.22
CA ILE A 83 -7.12 13.84 9.26
C ILE A 83 -8.28 14.62 9.88
N LYS A 84 -9.00 13.96 10.78
CA LYS A 84 -10.14 14.59 11.45
C LYS A 84 -9.87 16.07 11.73
N SER A 85 -8.63 16.37 12.10
CA SER A 85 -8.23 17.74 12.40
C SER A 85 -8.53 18.66 11.22
N GLY A 86 -8.49 19.97 11.48
CA GLY A 86 -8.75 20.94 10.43
C GLY A 86 -9.47 22.17 10.94
N PRO A 87 -9.99 22.99 10.01
CA PRO A 87 -10.71 24.22 10.36
C PRO A 87 -12.06 23.93 11.02
N SER A 88 -12.35 22.66 11.23
CA SER A 88 -13.61 22.25 11.85
C SER A 88 -13.69 22.76 13.29
N SER A 89 -14.90 22.80 13.83
CA SER A 89 -15.11 23.27 15.19
C SER A 89 -13.96 22.86 16.09
N GLY A 90 -13.63 21.57 16.09
CA GLY A 90 -12.55 21.08 16.91
C GLY A 90 -13.01 20.63 18.28
N GLY A 1 -1.62 -14.01 -22.34
CA GLY A 1 -0.80 -15.03 -22.96
C GLY A 1 -0.61 -14.81 -24.44
N SER A 2 -1.69 -14.45 -25.13
CA SER A 2 -1.64 -14.21 -26.57
C SER A 2 -1.33 -12.75 -26.87
N SER A 3 -0.49 -12.52 -27.88
CA SER A 3 -0.11 -11.17 -28.26
C SER A 3 -1.35 -10.33 -28.59
N GLY A 4 -1.59 -9.30 -27.78
CA GLY A 4 -2.74 -8.44 -28.00
C GLY A 4 -3.19 -7.74 -26.74
N SER A 5 -3.74 -8.50 -25.80
CA SER A 5 -4.22 -7.94 -24.54
C SER A 5 -4.03 -8.93 -23.39
N SER A 6 -3.65 -8.42 -22.23
CA SER A 6 -3.43 -9.27 -21.06
C SER A 6 -4.71 -9.99 -20.67
N GLY A 7 -4.56 -11.14 -20.03
CA GLY A 7 -5.71 -11.91 -19.61
C GLY A 7 -5.65 -12.31 -18.15
N SER A 8 -4.76 -13.25 -17.83
CA SER A 8 -4.61 -13.73 -16.46
C SER A 8 -3.20 -14.25 -16.22
N SER A 9 -2.55 -13.75 -15.17
CA SER A 9 -1.19 -14.17 -14.84
C SER A 9 -1.15 -14.86 -13.48
N ALA A 10 -0.13 -15.69 -13.28
CA ALA A 10 0.02 -16.41 -12.02
C ALA A 10 0.86 -15.60 -11.03
N SER A 11 2.10 -15.34 -11.41
CA SER A 11 3.01 -14.58 -10.55
C SER A 11 2.74 -13.09 -10.64
N PHE A 12 3.48 -12.30 -9.88
CA PHE A 12 3.31 -10.85 -9.87
C PHE A 12 4.32 -10.19 -10.80
N THR A 13 4.10 -8.90 -11.09
CA THR A 13 4.99 -8.16 -11.97
C THR A 13 6.03 -7.39 -11.17
N LYS A 14 6.91 -6.69 -11.87
CA LYS A 14 7.96 -5.91 -11.23
C LYS A 14 7.36 -4.78 -10.38
N GLU A 15 6.54 -3.96 -11.01
CA GLU A 15 5.89 -2.84 -10.33
C GLU A 15 5.49 -3.24 -8.91
N GLN A 16 4.72 -4.32 -8.79
CA GLN A 16 4.27 -4.80 -7.50
C GLN A 16 5.45 -5.02 -6.56
N ALA A 17 6.39 -5.86 -6.98
CA ALA A 17 7.56 -6.15 -6.18
C ALA A 17 8.24 -4.87 -5.70
N ASP A 18 8.39 -3.92 -6.61
CA ASP A 18 9.02 -2.64 -6.27
C ASP A 18 8.21 -1.89 -5.22
N ALA A 19 6.93 -2.25 -5.10
CA ALA A 19 6.05 -1.61 -4.14
C ALA A 19 6.28 -2.16 -2.74
N ILE A 20 6.36 -3.49 -2.63
CA ILE A 20 6.58 -4.13 -1.34
C ILE A 20 7.94 -3.77 -0.76
N ARG A 21 8.97 -3.84 -1.60
CA ARG A 21 10.32 -3.51 -1.17
C ARG A 21 10.36 -2.13 -0.50
N ARG A 22 9.55 -1.22 -1.02
CA ARG A 22 9.50 0.14 -0.48
C ARG A 22 8.79 0.16 0.86
N ILE A 23 7.56 -0.34 0.89
CA ILE A 23 6.77 -0.38 2.11
C ILE A 23 7.61 -0.85 3.30
N ARG A 24 8.37 -1.92 3.08
CA ARG A 24 9.23 -2.47 4.12
C ARG A 24 10.47 -1.61 4.33
N ASN A 25 10.89 -0.93 3.26
CA ASN A 25 12.06 -0.06 3.32
C ASN A 25 11.66 1.40 3.51
N SER A 26 10.42 1.61 3.92
CA SER A 26 9.91 2.96 4.13
C SER A 26 10.20 3.44 5.55
N LYS A 27 10.07 4.74 5.77
CA LYS A 27 10.32 5.33 7.09
C LYS A 27 9.04 5.93 7.66
N ASP A 28 8.00 6.01 6.83
CA ASP A 28 6.73 6.58 7.25
C ASP A 28 5.61 6.19 6.28
N SER A 29 4.37 6.44 6.68
CA SER A 29 3.22 6.10 5.85
C SER A 29 3.27 6.86 4.53
N TRP A 30 3.64 8.14 4.61
CA TRP A 30 3.73 8.98 3.42
C TRP A 30 4.50 8.27 2.30
N ASP A 31 5.53 7.51 2.69
CA ASP A 31 6.33 6.78 1.72
C ASP A 31 5.56 5.60 1.15
N MET A 32 4.90 4.85 2.03
CA MET A 32 4.12 3.69 1.61
C MET A 32 3.05 4.08 0.61
N LEU A 33 2.08 4.87 1.06
CA LEU A 33 0.99 5.33 0.19
C LEU A 33 1.53 6.22 -0.93
N GLY A 34 2.60 6.95 -0.63
CA GLY A 34 3.19 7.84 -1.62
C GLY A 34 2.46 9.16 -1.71
N VAL A 35 2.13 9.73 -0.56
CA VAL A 35 1.43 11.01 -0.51
C VAL A 35 2.04 11.94 0.53
N LYS A 36 1.88 13.24 0.33
CA LYS A 36 2.41 14.24 1.26
C LYS A 36 1.66 14.20 2.58
N PRO A 37 2.34 14.62 3.66
CA PRO A 37 1.75 14.65 5.01
C PRO A 37 0.68 15.73 5.15
N GLY A 38 0.44 16.46 4.06
CA GLY A 38 -0.56 17.52 4.08
C GLY A 38 -1.70 17.25 3.13
N ALA A 39 -1.98 15.97 2.88
CA ALA A 39 -3.06 15.58 1.98
C ALA A 39 -4.36 15.38 2.75
N SER A 40 -5.48 15.42 2.03
CA SER A 40 -6.79 15.24 2.65
C SER A 40 -7.22 13.78 2.59
N ARG A 41 -8.27 13.45 3.34
CA ARG A 41 -8.78 12.08 3.37
C ARG A 41 -8.93 11.52 1.96
N ASP A 42 -9.54 12.31 1.07
CA ASP A 42 -9.75 11.91 -0.31
C ASP A 42 -8.44 11.49 -0.95
N GLU A 43 -7.37 12.22 -0.62
CA GLU A 43 -6.05 11.93 -1.18
C GLU A 43 -5.50 10.63 -0.62
N VAL A 44 -5.38 10.55 0.70
CA VAL A 44 -4.86 9.36 1.36
C VAL A 44 -5.54 8.10 0.82
N ASN A 45 -6.85 8.17 0.67
CA ASN A 45 -7.62 7.03 0.16
C ASN A 45 -7.34 6.80 -1.32
N LYS A 46 -7.29 7.89 -2.08
CA LYS A 46 -7.02 7.81 -3.51
C LYS A 46 -5.71 7.08 -3.79
N ALA A 47 -4.68 7.41 -2.99
CA ALA A 47 -3.37 6.79 -3.15
C ALA A 47 -3.36 5.38 -2.55
N TYR A 48 -4.14 5.19 -1.48
CA TYR A 48 -4.20 3.89 -0.82
C TYR A 48 -4.92 2.87 -1.71
N ARG A 49 -5.91 3.33 -2.45
CA ARG A 49 -6.68 2.46 -3.33
C ARG A 49 -5.79 1.92 -4.46
N LYS A 50 -5.31 2.81 -5.32
CA LYS A 50 -4.46 2.43 -6.43
C LYS A 50 -3.40 1.43 -5.98
N LEU A 51 -2.83 1.66 -4.80
CA LEU A 51 -1.80 0.79 -4.26
C LEU A 51 -2.39 -0.55 -3.84
N ALA A 52 -3.38 -0.50 -2.95
CA ALA A 52 -4.04 -1.71 -2.47
C ALA A 52 -4.31 -2.68 -3.62
N VAL A 53 -4.81 -2.17 -4.73
CA VAL A 53 -5.11 -2.98 -5.89
C VAL A 53 -3.85 -3.64 -6.44
N LEU A 54 -2.72 -2.93 -6.34
CA LEU A 54 -1.45 -3.45 -6.81
C LEU A 54 -0.88 -4.49 -5.86
N LEU A 55 -1.20 -4.34 -4.58
CA LEU A 55 -0.72 -5.26 -3.56
C LEU A 55 -1.83 -6.24 -3.15
N HIS A 56 -2.95 -6.19 -3.86
CA HIS A 56 -4.08 -7.06 -3.58
C HIS A 56 -3.63 -8.52 -3.55
N PRO A 57 -4.22 -9.30 -2.62
CA PRO A 57 -3.90 -10.72 -2.45
C PRO A 57 -4.40 -11.56 -3.63
N ASP A 58 -5.59 -11.25 -4.11
CA ASP A 58 -6.18 -11.98 -5.22
C ASP A 58 -5.57 -11.54 -6.55
N LYS A 59 -4.67 -10.56 -6.48
CA LYS A 59 -4.00 -10.04 -7.67
C LYS A 59 -2.50 -10.27 -7.60
N CYS A 60 -1.96 -10.26 -6.38
CA CYS A 60 -0.53 -10.47 -6.18
C CYS A 60 -0.28 -11.65 -5.25
N VAL A 61 0.15 -12.77 -5.82
CA VAL A 61 0.43 -13.96 -5.05
C VAL A 61 1.83 -13.94 -4.47
N ALA A 62 2.49 -12.79 -4.57
CA ALA A 62 3.84 -12.62 -4.06
C ALA A 62 3.89 -12.89 -2.56
N PRO A 63 5.07 -13.31 -2.07
CA PRO A 63 5.28 -13.61 -0.65
C PRO A 63 5.24 -12.35 0.21
N GLY A 64 5.59 -11.21 -0.39
CA GLY A 64 5.60 -9.96 0.35
C GLY A 64 4.31 -9.19 0.17
N SER A 65 3.67 -9.34 -0.99
CA SER A 65 2.44 -8.64 -1.28
C SER A 65 1.54 -8.57 -0.05
N GLU A 66 1.40 -9.71 0.64
CA GLU A 66 0.58 -9.78 1.83
C GLU A 66 0.98 -8.71 2.84
N ASP A 67 2.23 -8.79 3.31
CA ASP A 67 2.74 -7.83 4.27
C ASP A 67 2.52 -6.40 3.79
N ALA A 68 2.82 -6.17 2.50
CA ALA A 68 2.65 -4.85 1.92
C ALA A 68 1.26 -4.30 2.18
N PHE A 69 0.24 -5.08 1.82
CA PHE A 69 -1.14 -4.67 2.01
C PHE A 69 -1.41 -4.31 3.47
N LYS A 70 -0.91 -5.14 4.38
CA LYS A 70 -1.09 -4.91 5.81
C LYS A 70 -0.52 -3.57 6.22
N ALA A 71 0.71 -3.28 5.79
CA ALA A 71 1.36 -2.02 6.10
C ALA A 71 0.53 -0.83 5.63
N VAL A 72 0.09 -0.90 4.37
CA VAL A 72 -0.71 0.16 3.79
C VAL A 72 -1.83 0.60 4.74
N VAL A 73 -2.63 -0.37 5.16
CA VAL A 73 -3.74 -0.09 6.07
C VAL A 73 -3.26 0.65 7.31
N ASN A 74 -2.31 0.07 8.02
CA ASN A 74 -1.76 0.67 9.22
C ASN A 74 -1.34 2.12 8.97
N ALA A 75 -0.96 2.40 7.73
CA ALA A 75 -0.55 3.76 7.36
C ALA A 75 -1.75 4.65 7.10
N ARG A 76 -2.56 4.29 6.11
CA ARG A 76 -3.75 5.05 5.76
C ARG A 76 -4.66 5.22 6.97
N THR A 77 -5.21 4.11 7.45
CA THR A 77 -6.10 4.13 8.61
C THR A 77 -5.63 5.15 9.65
N ALA A 78 -4.32 5.12 9.94
CA ALA A 78 -3.75 6.03 10.92
C ALA A 78 -3.87 7.48 10.46
N LEU A 79 -3.41 7.75 9.24
CA LEU A 79 -3.48 9.10 8.68
C LEU A 79 -4.89 9.67 8.79
N LEU A 80 -5.84 9.00 8.16
CA LEU A 80 -7.23 9.44 8.20
C LEU A 80 -7.61 9.95 9.58
N LYS A 81 -7.50 9.09 10.59
CA LYS A 81 -7.81 9.45 11.96
C LYS A 81 -7.34 10.87 12.26
N ASN A 82 -6.17 11.22 11.77
CA ASN A 82 -5.61 12.55 11.99
C ASN A 82 -6.29 13.58 11.10
N ILE A 83 -6.65 13.17 9.90
CA ILE A 83 -7.32 14.07 8.96
C ILE A 83 -8.49 14.78 9.60
N LYS A 84 -8.95 14.24 10.73
CA LYS A 84 -10.08 14.81 11.46
C LYS A 84 -9.63 16.04 12.25
N SER A 85 -8.48 16.59 11.88
CA SER A 85 -7.95 17.77 12.55
C SER A 85 -8.99 18.88 12.63
N GLY A 86 -8.63 19.98 13.28
CA GLY A 86 -9.55 21.10 13.41
C GLY A 86 -9.94 21.37 14.85
N PRO A 87 -10.89 20.58 15.36
CA PRO A 87 -11.38 20.72 16.73
C PRO A 87 -10.34 20.30 17.76
N SER A 88 -9.44 21.23 18.10
CA SER A 88 -8.39 20.95 19.08
C SER A 88 -8.04 22.20 19.87
N SER A 89 -7.68 22.00 21.13
CA SER A 89 -7.32 23.11 22.01
C SER A 89 -5.86 23.50 21.84
N GLY A 90 -4.99 22.50 21.86
CA GLY A 90 -3.56 22.76 21.70
C GLY A 90 -3.00 23.62 22.83
N GLY A 1 28.99 -22.77 -16.52
CA GLY A 1 28.34 -24.06 -16.50
C GLY A 1 27.01 -24.05 -17.24
N SER A 2 26.73 -25.12 -17.97
CA SER A 2 25.49 -25.23 -18.73
C SER A 2 24.31 -24.68 -17.94
N SER A 3 24.22 -25.07 -16.67
CA SER A 3 23.14 -24.62 -15.80
C SER A 3 23.66 -23.61 -14.79
N GLY A 4 22.76 -22.72 -14.35
CA GLY A 4 23.14 -21.71 -13.38
C GLY A 4 22.52 -20.35 -13.69
N SER A 5 21.22 -20.36 -13.99
CA SER A 5 20.50 -19.13 -14.30
C SER A 5 19.59 -18.71 -13.15
N SER A 6 19.03 -17.52 -13.25
CA SER A 6 18.13 -17.00 -12.22
C SER A 6 16.83 -16.50 -12.83
N GLY A 7 15.87 -16.16 -11.96
CA GLY A 7 14.60 -15.66 -12.43
C GLY A 7 13.94 -16.61 -13.43
N SER A 8 13.71 -17.85 -13.00
CA SER A 8 13.09 -18.84 -13.86
C SER A 8 11.74 -18.35 -14.39
N SER A 9 10.85 -18.02 -13.46
CA SER A 9 9.51 -17.53 -13.82
C SER A 9 9.00 -16.54 -12.79
N ALA A 10 8.52 -15.39 -13.27
CA ALA A 10 8.00 -14.35 -12.40
C ALA A 10 6.48 -14.25 -12.52
N SER A 11 5.79 -14.26 -11.38
CA SER A 11 4.34 -14.16 -11.35
C SER A 11 3.89 -12.71 -11.33
N PHE A 12 4.51 -11.92 -10.45
CA PHE A 12 4.17 -10.51 -10.31
C PHE A 12 5.07 -9.65 -11.19
N THR A 13 4.80 -8.35 -11.21
CA THR A 13 5.59 -7.42 -12.00
C THR A 13 6.58 -6.65 -11.13
N LYS A 14 7.43 -5.84 -11.76
CA LYS A 14 8.42 -5.06 -11.04
C LYS A 14 7.75 -4.03 -10.13
N GLU A 15 6.76 -3.33 -10.67
CA GLU A 15 6.03 -2.33 -9.90
C GLU A 15 5.61 -2.88 -8.54
N GLN A 16 4.85 -3.96 -8.55
CA GLN A 16 4.38 -4.59 -7.31
C GLN A 16 5.54 -4.85 -6.37
N ALA A 17 6.46 -5.72 -6.77
CA ALA A 17 7.62 -6.06 -5.95
C ALA A 17 8.28 -4.80 -5.40
N ASP A 18 8.43 -3.79 -6.25
CA ASP A 18 9.04 -2.53 -5.85
C ASP A 18 8.22 -1.85 -4.76
N ALA A 19 6.92 -2.11 -4.75
CA ALA A 19 6.02 -1.53 -3.76
C ALA A 19 6.25 -2.14 -2.38
N ILE A 20 6.25 -3.48 -2.32
CA ILE A 20 6.46 -4.18 -1.07
C ILE A 20 7.80 -3.80 -0.44
N ARG A 21 8.86 -3.89 -1.24
CA ARG A 21 10.20 -3.57 -0.76
C ARG A 21 10.24 -2.16 -0.19
N ARG A 22 9.51 -1.25 -0.81
CA ARG A 22 9.46 0.14 -0.37
C ARG A 22 8.66 0.27 0.93
N ILE A 23 7.56 -0.47 1.01
CA ILE A 23 6.71 -0.44 2.20
C ILE A 23 7.50 -0.81 3.45
N ARG A 24 8.30 -1.86 3.35
CA ARG A 24 9.11 -2.32 4.47
C ARG A 24 10.31 -1.41 4.68
N ASN A 25 10.83 -0.86 3.58
CA ASN A 25 11.98 0.02 3.63
C ASN A 25 11.55 1.49 3.67
N SER A 26 10.28 1.71 3.98
CA SER A 26 9.74 3.06 4.05
C SER A 26 10.10 3.73 5.38
N LYS A 27 10.08 5.05 5.40
CA LYS A 27 10.40 5.81 6.60
C LYS A 27 9.14 6.38 7.25
N ASP A 28 8.05 6.38 6.49
CA ASP A 28 6.78 6.90 6.98
C ASP A 28 5.64 6.52 6.03
N SER A 29 4.41 6.55 6.55
CA SER A 29 3.24 6.22 5.75
C SER A 29 3.30 6.89 4.39
N TRP A 30 3.63 8.18 4.37
CA TRP A 30 3.73 8.93 3.13
C TRP A 30 4.51 8.16 2.08
N ASP A 31 5.53 7.43 2.51
CA ASP A 31 6.35 6.64 1.61
C ASP A 31 5.57 5.43 1.08
N MET A 32 4.86 4.75 1.98
CA MET A 32 4.07 3.59 1.61
C MET A 32 2.99 3.96 0.60
N LEU A 33 2.04 4.77 1.04
CA LEU A 33 0.94 5.20 0.17
C LEU A 33 1.46 6.07 -0.97
N GLY A 34 2.56 6.77 -0.72
CA GLY A 34 3.14 7.63 -1.74
C GLY A 34 2.42 8.95 -1.86
N VAL A 35 2.00 9.51 -0.72
CA VAL A 35 1.30 10.78 -0.70
C VAL A 35 1.95 11.76 0.27
N LYS A 36 1.94 13.04 -0.08
CA LYS A 36 2.53 14.08 0.76
C LYS A 36 1.85 14.10 2.13
N PRO A 37 2.60 14.56 3.15
CA PRO A 37 2.09 14.65 4.52
C PRO A 37 1.02 15.73 4.67
N GLY A 38 0.85 16.54 3.64
CA GLY A 38 -0.14 17.61 3.68
C GLY A 38 -1.33 17.31 2.81
N ALA A 39 -1.61 16.03 2.60
CA ALA A 39 -2.75 15.62 1.77
C ALA A 39 -4.04 15.58 2.59
N SER A 40 -5.15 15.26 1.93
CA SER A 40 -6.44 15.19 2.59
C SER A 40 -6.98 13.76 2.56
N ARG A 41 -8.03 13.53 3.35
CA ARG A 41 -8.65 12.20 3.43
C ARG A 41 -8.89 11.64 2.02
N ASP A 42 -9.38 12.50 1.13
CA ASP A 42 -9.66 12.09 -0.24
C ASP A 42 -8.41 11.55 -0.91
N GLU A 43 -7.29 12.25 -0.71
CA GLU A 43 -6.02 11.85 -1.31
C GLU A 43 -5.56 10.50 -0.75
N VAL A 44 -5.37 10.44 0.55
CA VAL A 44 -4.94 9.21 1.21
C VAL A 44 -5.73 8.01 0.71
N ASN A 45 -7.05 8.17 0.65
CA ASN A 45 -7.93 7.10 0.18
C ASN A 45 -7.65 6.76 -1.27
N LYS A 46 -7.53 7.79 -2.10
CA LYS A 46 -7.26 7.60 -3.53
C LYS A 46 -5.99 6.78 -3.73
N ALA A 47 -4.93 7.16 -3.03
CA ALA A 47 -3.66 6.46 -3.13
C ALA A 47 -3.73 5.08 -2.49
N TYR A 48 -4.40 4.99 -1.35
CA TYR A 48 -4.54 3.73 -0.63
C TYR A 48 -5.24 2.69 -1.50
N ARG A 49 -6.08 3.16 -2.42
CA ARG A 49 -6.80 2.27 -3.32
C ARG A 49 -5.87 1.71 -4.39
N LYS A 50 -5.40 2.58 -5.28
CA LYS A 50 -4.51 2.17 -6.35
C LYS A 50 -3.42 1.24 -5.83
N LEU A 51 -3.03 1.43 -4.58
CA LEU A 51 -1.99 0.60 -3.97
C LEU A 51 -2.58 -0.73 -3.51
N ALA A 52 -3.61 -0.67 -2.66
CA ALA A 52 -4.25 -1.87 -2.15
C ALA A 52 -4.50 -2.88 -3.27
N VAL A 53 -4.98 -2.39 -4.41
CA VAL A 53 -5.26 -3.24 -5.55
C VAL A 53 -3.97 -3.86 -6.11
N LEU A 54 -2.91 -3.07 -6.12
CA LEU A 54 -1.63 -3.54 -6.63
C LEU A 54 -1.02 -4.58 -5.69
N LEU A 55 -1.24 -4.40 -4.39
CA LEU A 55 -0.72 -5.33 -3.39
C LEU A 55 -1.77 -6.37 -3.00
N HIS A 56 -2.99 -6.18 -3.51
CA HIS A 56 -4.08 -7.10 -3.22
C HIS A 56 -3.67 -8.54 -3.54
N PRO A 57 -4.09 -9.47 -2.67
CA PRO A 57 -3.78 -10.90 -2.83
C PRO A 57 -4.52 -11.52 -4.02
N ASP A 58 -5.36 -10.73 -4.66
CA ASP A 58 -6.13 -11.20 -5.80
C ASP A 58 -5.40 -10.91 -7.10
N LYS A 59 -4.51 -9.92 -7.07
CA LYS A 59 -3.74 -9.54 -8.25
C LYS A 59 -2.27 -9.83 -8.06
N CYS A 60 -1.80 -9.71 -6.82
CA CYS A 60 -0.40 -9.97 -6.50
C CYS A 60 -0.27 -11.13 -5.52
N VAL A 61 0.10 -12.30 -6.05
CA VAL A 61 0.26 -13.49 -5.22
C VAL A 61 1.67 -13.57 -4.63
N ALA A 62 2.43 -12.49 -4.80
CA ALA A 62 3.79 -12.43 -4.29
C ALA A 62 3.83 -12.77 -2.79
N PRO A 63 4.98 -13.25 -2.32
CA PRO A 63 5.17 -13.63 -0.92
C PRO A 63 5.18 -12.41 0.00
N GLY A 64 5.61 -11.27 -0.53
CA GLY A 64 5.65 -10.05 0.27
C GLY A 64 4.40 -9.21 0.12
N SER A 65 3.71 -9.38 -1.01
CA SER A 65 2.50 -8.63 -1.27
C SER A 65 1.57 -8.63 -0.05
N GLU A 66 1.56 -9.75 0.66
CA GLU A 66 0.73 -9.88 1.85
C GLU A 66 1.07 -8.81 2.89
N ASP A 67 2.28 -8.88 3.42
CA ASP A 67 2.74 -7.93 4.42
C ASP A 67 2.56 -6.50 3.92
N ALA A 68 2.79 -6.29 2.63
CA ALA A 68 2.65 -4.97 2.02
C ALA A 68 1.25 -4.42 2.23
N PHE A 69 0.24 -5.19 1.82
CA PHE A 69 -1.15 -4.77 1.97
C PHE A 69 -1.46 -4.41 3.41
N LYS A 70 -0.90 -5.18 4.34
CA LYS A 70 -1.12 -4.94 5.76
C LYS A 70 -0.54 -3.59 6.19
N ALA A 71 0.72 -3.36 5.86
CA ALA A 71 1.39 -2.11 6.20
C ALA A 71 0.60 -0.91 5.68
N VAL A 72 0.18 -0.98 4.42
CA VAL A 72 -0.58 0.10 3.81
C VAL A 72 -1.72 0.55 4.71
N VAL A 73 -2.57 -0.41 5.08
CA VAL A 73 -3.72 -0.11 5.95
C VAL A 73 -3.27 0.62 7.21
N ASN A 74 -2.36 -0.01 7.95
CA ASN A 74 -1.86 0.57 9.19
C ASN A 74 -1.38 2.01 8.95
N ALA A 75 -1.03 2.32 7.72
CA ALA A 75 -0.57 3.66 7.37
C ALA A 75 -1.75 4.59 7.07
N ARG A 76 -2.64 4.15 6.20
CA ARG A 76 -3.81 4.94 5.84
C ARG A 76 -4.72 5.16 7.05
N THR A 77 -5.24 4.06 7.58
CA THR A 77 -6.14 4.12 8.74
C THR A 77 -5.59 5.09 9.79
N ALA A 78 -4.30 4.94 10.11
CA ALA A 78 -3.67 5.80 11.10
C ALA A 78 -3.71 7.26 10.68
N LEU A 79 -3.27 7.53 9.46
CA LEU A 79 -3.26 8.89 8.93
C LEU A 79 -4.66 9.50 8.97
N LEU A 80 -5.62 8.82 8.36
CA LEU A 80 -7.00 9.28 8.33
C LEU A 80 -7.50 9.61 9.73
N LYS A 81 -7.37 8.63 10.63
CA LYS A 81 -7.81 8.80 12.02
C LYS A 81 -7.48 10.20 12.51
N ASN A 82 -6.32 10.72 12.11
CA ASN A 82 -5.91 12.06 12.52
C ASN A 82 -6.56 13.13 11.65
N ILE A 83 -6.71 12.81 10.37
CA ILE A 83 -7.31 13.74 9.42
C ILE A 83 -8.75 14.05 9.80
N LYS A 84 -9.51 13.00 10.14
CA LYS A 84 -10.90 13.16 10.52
C LYS A 84 -11.08 14.37 11.42
N SER A 85 -10.26 14.47 12.45
CA SER A 85 -10.33 15.58 13.40
C SER A 85 -11.68 15.60 14.11
N GLY A 86 -12.12 14.43 14.56
CA GLY A 86 -13.39 14.33 15.25
C GLY A 86 -13.26 13.68 16.62
N PRO A 87 -14.32 13.78 17.43
CA PRO A 87 -14.34 13.20 18.78
C PRO A 87 -14.38 11.67 18.75
N SER A 88 -14.33 11.10 17.55
CA SER A 88 -14.36 9.66 17.39
C SER A 88 -13.24 9.00 18.19
N SER A 89 -13.39 7.70 18.46
CA SER A 89 -12.40 6.96 19.22
C SER A 89 -11.29 6.43 18.31
N GLY A 90 -11.68 5.93 17.13
CA GLY A 90 -10.72 5.41 16.19
C GLY A 90 -11.38 4.66 15.05
N GLY A 1 5.14 -18.19 -15.76
CA GLY A 1 5.57 -17.39 -16.89
C GLY A 1 5.52 -18.15 -18.19
N SER A 2 6.68 -18.43 -18.77
CA SER A 2 6.76 -19.15 -20.03
C SER A 2 6.81 -20.66 -19.80
N SER A 3 5.97 -21.40 -20.52
CA SER A 3 5.92 -22.84 -20.38
C SER A 3 6.51 -23.53 -21.61
N GLY A 4 7.58 -24.28 -21.41
CA GLY A 4 8.22 -24.98 -22.52
C GLY A 4 9.73 -25.03 -22.37
N SER A 5 10.32 -23.92 -21.98
CA SER A 5 11.76 -23.84 -21.81
C SER A 5 12.13 -23.19 -20.47
N SER A 6 13.14 -23.72 -19.81
CA SER A 6 13.58 -23.20 -18.52
C SER A 6 14.44 -21.95 -18.71
N GLY A 7 14.59 -21.17 -17.64
CA GLY A 7 15.38 -19.97 -17.70
C GLY A 7 15.05 -18.99 -16.60
N SER A 8 14.78 -17.75 -16.96
CA SER A 8 14.46 -16.71 -15.98
C SER A 8 13.03 -16.20 -16.18
N SER A 9 12.27 -16.16 -15.09
CA SER A 9 10.88 -15.71 -15.15
C SER A 9 10.57 -14.81 -13.96
N ALA A 10 9.35 -14.28 -13.94
CA ALA A 10 8.91 -13.41 -12.86
C ALA A 10 7.45 -13.65 -12.50
N SER A 11 7.19 -13.84 -11.21
CA SER A 11 5.83 -14.10 -10.73
C SER A 11 5.00 -12.81 -10.74
N PHE A 12 5.54 -11.76 -10.14
CA PHE A 12 4.85 -10.48 -10.08
C PHE A 12 5.49 -9.47 -11.02
N THR A 13 4.91 -8.28 -11.08
CA THR A 13 5.42 -7.22 -11.94
C THR A 13 6.36 -6.29 -11.18
N LYS A 14 7.07 -5.44 -11.92
CA LYS A 14 7.99 -4.48 -11.32
C LYS A 14 7.27 -3.57 -10.33
N GLU A 15 6.16 -2.99 -10.79
CA GLU A 15 5.38 -2.09 -9.95
C GLU A 15 5.14 -2.70 -8.57
N GLN A 16 4.46 -3.83 -8.54
CA GLN A 16 4.17 -4.51 -7.28
C GLN A 16 5.42 -4.64 -6.43
N ALA A 17 6.45 -5.29 -6.97
CA ALA A 17 7.70 -5.47 -6.26
C ALA A 17 8.20 -4.16 -5.67
N ASP A 18 8.24 -3.12 -6.50
CA ASP A 18 8.70 -1.81 -6.06
C ASP A 18 7.94 -1.35 -4.83
N ALA A 19 6.61 -1.50 -4.87
CA ALA A 19 5.76 -1.10 -3.76
C ALA A 19 6.12 -1.86 -2.48
N ILE A 20 5.99 -3.18 -2.54
CA ILE A 20 6.31 -4.02 -1.39
C ILE A 20 7.73 -3.76 -0.89
N ARG A 21 8.64 -3.49 -1.83
CA ARG A 21 10.03 -3.23 -1.48
C ARG A 21 10.15 -1.94 -0.67
N ARG A 22 9.37 -0.93 -1.03
CA ARG A 22 9.39 0.34 -0.33
C ARG A 22 8.67 0.24 1.01
N ILE A 23 7.49 -0.39 1.00
CA ILE A 23 6.71 -0.55 2.22
C ILE A 23 7.55 -1.17 3.33
N ARG A 24 8.32 -2.19 2.99
CA ARG A 24 9.17 -2.86 3.95
C ARG A 24 10.41 -2.04 4.27
N ASN A 25 10.75 -1.13 3.36
CA ASN A 25 11.91 -0.28 3.54
C ASN A 25 11.49 1.18 3.76
N SER A 26 10.23 1.37 4.13
CA SER A 26 9.70 2.71 4.37
C SER A 26 9.93 3.14 5.81
N LYS A 27 9.89 4.44 6.04
CA LYS A 27 10.09 4.99 7.39
C LYS A 27 8.85 5.72 7.87
N ASP A 28 7.86 5.83 6.99
CA ASP A 28 6.61 6.51 7.34
C ASP A 28 5.50 6.14 6.35
N SER A 29 4.26 6.41 6.74
CA SER A 29 3.11 6.11 5.89
C SER A 29 3.23 6.82 4.54
N TRP A 30 3.70 8.07 4.57
CA TRP A 30 3.86 8.85 3.36
C TRP A 30 4.67 8.08 2.31
N ASP A 31 5.61 7.28 2.77
CA ASP A 31 6.45 6.49 1.88
C ASP A 31 5.68 5.30 1.32
N MET A 32 4.95 4.62 2.19
CA MET A 32 4.15 3.47 1.77
C MET A 32 3.12 3.86 0.72
N LEU A 33 2.16 4.68 1.12
CA LEU A 33 1.10 5.13 0.22
C LEU A 33 1.69 5.96 -0.91
N GLY A 34 2.79 6.67 -0.63
CA GLY A 34 3.43 7.49 -1.63
C GLY A 34 2.76 8.84 -1.79
N VAL A 35 2.30 9.40 -0.68
CA VAL A 35 1.64 10.70 -0.68
C VAL A 35 2.33 11.67 0.27
N LYS A 36 1.99 12.95 0.13
CA LYS A 36 2.58 13.99 0.97
C LYS A 36 1.85 14.08 2.30
N PRO A 37 2.56 14.54 3.35
CA PRO A 37 2.00 14.69 4.70
C PRO A 37 0.98 15.82 4.77
N GLY A 38 0.69 16.43 3.63
CA GLY A 38 -0.27 17.52 3.60
C GLY A 38 -1.46 17.21 2.71
N ALA A 39 -1.76 15.93 2.54
CA ALA A 39 -2.89 15.49 1.71
C ALA A 39 -4.16 15.37 2.53
N SER A 40 -5.29 15.25 1.84
CA SER A 40 -6.58 15.12 2.52
C SER A 40 -7.09 13.69 2.44
N ARG A 41 -8.16 13.41 3.18
CA ARG A 41 -8.75 12.07 3.20
C ARG A 41 -8.89 11.52 1.78
N ASP A 42 -9.39 12.35 0.87
CA ASP A 42 -9.57 11.94 -0.52
C ASP A 42 -8.25 11.47 -1.13
N GLU A 43 -7.17 12.16 -0.80
CA GLU A 43 -5.86 11.81 -1.31
C GLU A 43 -5.40 10.47 -0.75
N VAL A 44 -5.27 10.41 0.57
CA VAL A 44 -4.83 9.18 1.23
C VAL A 44 -5.64 7.98 0.75
N ASN A 45 -6.94 8.17 0.60
CA ASN A 45 -7.82 7.10 0.15
C ASN A 45 -7.57 6.77 -1.31
N LYS A 46 -7.44 7.81 -2.14
CA LYS A 46 -7.20 7.64 -3.57
C LYS A 46 -5.90 6.88 -3.80
N ALA A 47 -4.85 7.27 -3.07
CA ALA A 47 -3.55 6.63 -3.21
C ALA A 47 -3.57 5.22 -2.61
N TYR A 48 -4.22 5.07 -1.47
CA TYR A 48 -4.32 3.78 -0.80
C TYR A 48 -5.05 2.77 -1.67
N ARG A 49 -6.07 3.24 -2.39
CA ARG A 49 -6.85 2.38 -3.26
C ARG A 49 -5.99 1.83 -4.40
N LYS A 50 -5.58 2.71 -5.30
CA LYS A 50 -4.75 2.31 -6.43
C LYS A 50 -3.64 1.35 -5.99
N LEU A 51 -3.19 1.52 -4.76
CA LEU A 51 -2.13 0.66 -4.22
C LEU A 51 -2.68 -0.69 -3.81
N ALA A 52 -3.70 -0.67 -2.94
CA ALA A 52 -4.32 -1.90 -2.47
C ALA A 52 -4.55 -2.88 -3.62
N VAL A 53 -5.11 -2.37 -4.73
CA VAL A 53 -5.38 -3.19 -5.90
C VAL A 53 -4.09 -3.80 -6.46
N LEU A 54 -2.99 -3.05 -6.34
CA LEU A 54 -1.70 -3.51 -6.83
C LEU A 54 -1.08 -4.53 -5.87
N LEU A 55 -1.32 -4.33 -4.58
CA LEU A 55 -0.79 -5.23 -3.56
C LEU A 55 -1.84 -6.25 -3.13
N HIS A 56 -2.96 -6.27 -3.85
CA HIS A 56 -4.04 -7.20 -3.54
C HIS A 56 -3.52 -8.63 -3.47
N PRO A 57 -4.07 -9.41 -2.52
CA PRO A 57 -3.67 -10.81 -2.31
C PRO A 57 -4.13 -11.71 -3.45
N ASP A 58 -5.29 -11.41 -4.01
CA ASP A 58 -5.83 -12.19 -5.11
C ASP A 58 -5.29 -11.70 -6.45
N LYS A 59 -4.48 -10.65 -6.41
CA LYS A 59 -3.90 -10.08 -7.61
C LYS A 59 -2.37 -10.18 -7.58
N CYS A 60 -1.81 -10.19 -6.37
CA CYS A 60 -0.37 -10.28 -6.21
C CYS A 60 0.01 -11.48 -5.33
N VAL A 61 0.49 -12.54 -5.96
CA VAL A 61 0.89 -13.75 -5.24
C VAL A 61 2.31 -13.63 -4.71
N ALA A 62 2.82 -12.40 -4.66
CA ALA A 62 4.18 -12.16 -4.18
C ALA A 62 4.32 -12.57 -2.72
N PRO A 63 5.55 -12.93 -2.32
CA PRO A 63 5.84 -13.36 -0.95
C PRO A 63 5.77 -12.21 0.04
N GLY A 64 5.72 -10.99 -0.48
CA GLY A 64 5.64 -9.81 0.37
C GLY A 64 4.34 -9.06 0.20
N SER A 65 3.73 -9.18 -0.98
CA SER A 65 2.48 -8.49 -1.27
C SER A 65 1.55 -8.52 -0.07
N GLU A 66 1.41 -9.70 0.54
CA GLU A 66 0.54 -9.86 1.71
C GLU A 66 0.90 -8.86 2.79
N ASP A 67 2.14 -8.93 3.28
CA ASP A 67 2.60 -8.03 4.31
C ASP A 67 2.44 -6.57 3.88
N ALA A 68 2.65 -6.31 2.60
CA ALA A 68 2.52 -4.96 2.05
C ALA A 68 1.14 -4.40 2.32
N PHE A 69 0.11 -5.14 1.92
CA PHE A 69 -1.27 -4.71 2.11
C PHE A 69 -1.52 -4.31 3.56
N LYS A 70 -1.11 -5.17 4.49
CA LYS A 70 -1.29 -4.91 5.91
C LYS A 70 -0.75 -3.53 6.28
N ALA A 71 0.51 -3.29 5.93
CA ALA A 71 1.14 -2.00 6.22
C ALA A 71 0.32 -0.84 5.69
N VAL A 72 -0.06 -0.93 4.42
CA VAL A 72 -0.87 0.11 3.80
C VAL A 72 -1.99 0.58 4.71
N VAL A 73 -2.81 -0.37 5.17
CA VAL A 73 -3.91 -0.07 6.06
C VAL A 73 -3.44 0.68 7.30
N ASN A 74 -2.49 0.08 8.01
CA ASN A 74 -1.95 0.69 9.22
C ASN A 74 -1.50 2.13 8.95
N ALA A 75 -1.07 2.38 7.72
CA ALA A 75 -0.62 3.71 7.33
C ALA A 75 -1.79 4.63 7.04
N ARG A 76 -2.59 4.27 6.05
CA ARG A 76 -3.75 5.07 5.67
C ARG A 76 -4.61 5.39 6.89
N THR A 77 -5.24 4.37 7.46
CA THR A 77 -6.09 4.54 8.62
C THR A 77 -5.46 5.51 9.63
N ALA A 78 -4.22 5.20 10.04
CA ALA A 78 -3.51 6.04 10.98
C ALA A 78 -3.45 7.49 10.51
N LEU A 79 -2.90 7.70 9.32
CA LEU A 79 -2.78 9.04 8.75
C LEU A 79 -4.12 9.76 8.79
N LEU A 80 -5.19 9.05 8.45
CA LEU A 80 -6.52 9.62 8.45
C LEU A 80 -6.89 10.16 9.82
N LYS A 81 -6.75 9.31 10.84
CA LYS A 81 -7.05 9.70 12.21
C LYS A 81 -6.56 11.10 12.51
N ASN A 82 -5.32 11.39 12.10
CA ASN A 82 -4.73 12.71 12.32
C ASN A 82 -5.36 13.74 11.40
N ILE A 83 -5.70 13.33 10.18
CA ILE A 83 -6.31 14.22 9.21
C ILE A 83 -7.76 14.52 9.57
N LYS A 84 -8.02 15.76 9.98
CA LYS A 84 -9.36 16.17 10.36
C LYS A 84 -9.59 17.65 10.05
N SER A 85 -10.85 18.03 9.86
CA SER A 85 -11.19 19.41 9.55
C SER A 85 -12.44 19.84 10.32
N GLY A 86 -12.52 21.13 10.63
CA GLY A 86 -13.66 21.65 11.36
C GLY A 86 -14.98 21.29 10.71
N PRO A 87 -15.53 22.23 9.91
CA PRO A 87 -16.81 22.02 9.22
C PRO A 87 -16.69 21.00 8.10
N SER A 88 -17.50 19.95 8.18
CA SER A 88 -17.49 18.89 7.17
C SER A 88 -18.26 19.33 5.93
N SER A 89 -17.73 19.00 4.75
CA SER A 89 -18.37 19.35 3.49
C SER A 89 -19.89 19.25 3.60
N GLY A 90 -20.37 18.08 3.99
CA GLY A 90 -21.81 17.88 4.13
C GLY A 90 -22.16 17.03 5.34
N GLY A 1 -7.45 -5.18 -24.28
CA GLY A 1 -8.07 -3.89 -24.07
C GLY A 1 -9.42 -4.00 -23.38
N SER A 2 -10.24 -4.94 -23.84
CA SER A 2 -11.56 -5.15 -23.27
C SER A 2 -11.53 -6.25 -22.21
N SER A 3 -10.84 -7.34 -22.52
CA SER A 3 -10.74 -8.47 -21.59
C SER A 3 -9.30 -8.64 -21.12
N GLY A 4 -9.13 -9.30 -19.97
CA GLY A 4 -7.81 -9.52 -19.42
C GLY A 4 -7.12 -10.72 -20.05
N SER A 5 -6.91 -10.66 -21.37
CA SER A 5 -6.26 -11.74 -22.09
C SER A 5 -5.10 -12.32 -21.27
N SER A 6 -4.14 -11.45 -20.93
CA SER A 6 -2.97 -11.87 -20.17
C SER A 6 -2.29 -10.67 -19.51
N GLY A 7 -1.55 -10.94 -18.44
CA GLY A 7 -0.86 -9.87 -17.74
C GLY A 7 -1.22 -9.81 -16.27
N SER A 8 -0.26 -10.14 -15.41
CA SER A 8 -0.48 -10.13 -13.97
C SER A 8 -1.69 -10.99 -13.61
N SER A 9 -1.80 -12.16 -14.25
CA SER A 9 -2.90 -13.06 -14.00
C SER A 9 -2.51 -14.13 -12.97
N ALA A 10 -1.48 -14.91 -13.32
CA ALA A 10 -1.00 -15.96 -12.44
C ALA A 10 0.10 -15.45 -11.51
N SER A 11 1.08 -14.77 -12.08
CA SER A 11 2.19 -14.22 -11.31
C SER A 11 2.08 -12.70 -11.21
N PHE A 12 3.03 -12.10 -10.49
CA PHE A 12 3.05 -10.65 -10.32
C PHE A 12 4.21 -10.01 -11.08
N THR A 13 4.13 -8.71 -11.29
CA THR A 13 5.17 -7.98 -12.00
C THR A 13 6.15 -7.36 -11.04
N LYS A 14 7.19 -6.72 -11.58
CA LYS A 14 8.20 -6.07 -10.77
C LYS A 14 7.60 -4.96 -9.92
N GLU A 15 6.91 -4.03 -10.57
CA GLU A 15 6.27 -2.92 -9.88
C GLU A 15 5.73 -3.36 -8.52
N GLN A 16 4.90 -4.40 -8.54
CA GLN A 16 4.31 -4.93 -7.31
C GLN A 16 5.39 -5.25 -6.28
N ALA A 17 6.29 -6.16 -6.64
CA ALA A 17 7.37 -6.56 -5.76
C ALA A 17 8.14 -5.34 -5.25
N ASP A 18 8.69 -4.56 -6.17
CA ASP A 18 9.45 -3.38 -5.82
C ASP A 18 8.66 -2.50 -4.86
N ALA A 19 7.33 -2.62 -4.90
CA ALA A 19 6.47 -1.83 -4.02
C ALA A 19 6.54 -2.33 -2.59
N ILE A 20 6.46 -3.64 -2.41
CA ILE A 20 6.52 -4.24 -1.09
C ILE A 20 7.86 -3.95 -0.41
N ARG A 21 8.95 -4.24 -1.11
CA ARG A 21 10.29 -4.01 -0.58
C ARG A 21 10.41 -2.59 -0.03
N ARG A 22 9.71 -1.65 -0.67
CA ARG A 22 9.75 -0.26 -0.24
C ARG A 22 8.89 -0.03 1.00
N ILE A 23 7.63 -0.48 0.91
CA ILE A 23 6.70 -0.33 2.03
C ILE A 23 7.34 -0.75 3.34
N ARG A 24 7.86 -1.97 3.38
CA ARG A 24 8.50 -2.50 4.58
C ARG A 24 9.68 -1.63 4.98
N ASN A 25 10.25 -0.93 4.02
CA ASN A 25 11.40 -0.06 4.26
C ASN A 25 11.02 1.41 4.10
N SER A 26 9.71 1.68 4.11
CA SER A 26 9.21 3.04 3.96
C SER A 26 9.45 3.85 5.23
N LYS A 27 9.98 5.06 5.07
CA LYS A 27 10.25 5.93 6.21
C LYS A 27 8.98 6.25 6.98
N ASP A 28 7.87 6.35 6.25
CA ASP A 28 6.58 6.65 6.85
C ASP A 28 5.44 6.34 5.89
N SER A 29 4.21 6.45 6.38
CA SER A 29 3.04 6.19 5.56
C SER A 29 3.11 6.94 4.23
N TRP A 30 3.53 8.19 4.29
CA TRP A 30 3.66 9.02 3.10
C TRP A 30 4.44 8.28 2.01
N ASP A 31 5.49 7.57 2.42
CA ASP A 31 6.32 6.83 1.48
C ASP A 31 5.56 5.64 0.91
N MET A 32 4.85 4.92 1.78
CA MET A 32 4.08 3.76 1.36
C MET A 32 3.00 4.16 0.35
N LEU A 33 2.02 4.94 0.81
CA LEU A 33 0.93 5.39 -0.05
C LEU A 33 1.45 6.32 -1.14
N GLY A 34 2.55 7.01 -0.85
CA GLY A 34 3.12 7.93 -1.82
C GLY A 34 2.37 9.25 -1.89
N VAL A 35 1.94 9.74 -0.73
CA VAL A 35 1.21 11.01 -0.67
C VAL A 35 1.84 11.95 0.35
N LYS A 36 1.81 13.25 0.04
CA LYS A 36 2.38 14.26 0.94
C LYS A 36 1.69 14.23 2.30
N PRO A 37 2.41 14.67 3.33
CA PRO A 37 1.88 14.71 4.71
C PRO A 37 0.80 15.77 4.88
N GLY A 38 0.64 16.62 3.88
CA GLY A 38 -0.36 17.66 3.94
C GLY A 38 -1.60 17.33 3.14
N ALA A 39 -1.81 16.05 2.88
CA ALA A 39 -2.97 15.59 2.12
C ALA A 39 -4.18 15.42 3.01
N SER A 40 -5.31 15.04 2.41
CA SER A 40 -6.55 14.85 3.16
C SER A 40 -7.09 13.44 2.94
N ARG A 41 -8.13 13.09 3.71
CA ARG A 41 -8.75 11.78 3.60
C ARG A 41 -8.91 11.38 2.15
N ASP A 42 -9.58 12.22 1.36
CA ASP A 42 -9.80 11.94 -0.05
C ASP A 42 -8.52 11.46 -0.71
N GLU A 43 -7.43 12.21 -0.52
CA GLU A 43 -6.15 11.86 -1.11
C GLU A 43 -5.62 10.56 -0.51
N VAL A 44 -5.49 10.53 0.81
CA VAL A 44 -5.00 9.35 1.50
C VAL A 44 -5.70 8.09 1.01
N ASN A 45 -6.99 8.19 0.77
CA ASN A 45 -7.79 7.07 0.30
C ASN A 45 -7.50 6.77 -1.17
N LYS A 46 -7.41 7.83 -1.97
CA LYS A 46 -7.13 7.69 -3.40
C LYS A 46 -5.86 6.89 -3.63
N ALA A 47 -4.78 7.30 -2.95
CA ALA A 47 -3.50 6.63 -3.07
C ALA A 47 -3.57 5.20 -2.53
N TYR A 48 -4.29 5.03 -1.43
CA TYR A 48 -4.43 3.72 -0.81
C TYR A 48 -5.13 2.74 -1.75
N ARG A 49 -6.09 3.26 -2.52
CA ARG A 49 -6.83 2.43 -3.46
C ARG A 49 -5.91 1.90 -4.57
N LYS A 50 -5.43 2.82 -5.40
CA LYS A 50 -4.55 2.46 -6.51
C LYS A 50 -3.50 1.45 -6.04
N LEU A 51 -2.97 1.66 -4.85
CA LEU A 51 -1.96 0.77 -4.28
C LEU A 51 -2.55 -0.58 -3.90
N ALA A 52 -3.58 -0.54 -3.05
CA ALA A 52 -4.25 -1.76 -2.60
C ALA A 52 -4.39 -2.75 -3.75
N VAL A 53 -4.78 -2.25 -4.92
CA VAL A 53 -4.95 -3.09 -6.09
C VAL A 53 -3.64 -3.73 -6.51
N LEU A 54 -2.55 -2.97 -6.43
CA LEU A 54 -1.23 -3.47 -6.80
C LEU A 54 -0.74 -4.49 -5.78
N LEU A 55 -1.06 -4.26 -4.51
CA LEU A 55 -0.65 -5.17 -3.43
C LEU A 55 -1.78 -6.12 -3.06
N HIS A 56 -2.89 -6.02 -3.79
CA HIS A 56 -4.04 -6.88 -3.53
C HIS A 56 -3.63 -8.34 -3.50
N PRO A 57 -4.27 -9.12 -2.61
CA PRO A 57 -3.98 -10.56 -2.45
C PRO A 57 -4.46 -11.37 -3.65
N ASP A 58 -5.62 -10.99 -4.19
CA ASP A 58 -6.19 -11.68 -5.35
C ASP A 58 -5.58 -11.17 -6.65
N LYS A 59 -4.71 -10.17 -6.53
CA LYS A 59 -4.06 -9.60 -7.70
C LYS A 59 -2.55 -9.78 -7.63
N CYS A 60 -2.02 -9.89 -6.42
CA CYS A 60 -0.59 -10.07 -6.21
C CYS A 60 -0.31 -11.33 -5.39
N VAL A 61 0.11 -12.39 -6.06
CA VAL A 61 0.41 -13.65 -5.39
C VAL A 61 1.85 -13.67 -4.87
N ALA A 62 2.49 -12.51 -4.89
CA ALA A 62 3.86 -12.40 -4.42
C ALA A 62 3.94 -12.68 -2.92
N PRO A 63 5.12 -13.16 -2.48
CA PRO A 63 5.36 -13.49 -1.06
C PRO A 63 5.42 -12.24 -0.19
N GLY A 64 5.65 -11.10 -0.81
CA GLY A 64 5.73 -9.85 -0.07
C GLY A 64 4.42 -9.06 -0.11
N SER A 65 3.72 -9.16 -1.24
CA SER A 65 2.45 -8.45 -1.41
C SER A 65 1.65 -8.46 -0.11
N GLU A 66 1.67 -9.59 0.60
CA GLU A 66 0.95 -9.73 1.85
C GLU A 66 1.39 -8.67 2.85
N ASP A 67 2.62 -8.78 3.32
CA ASP A 67 3.17 -7.82 4.29
C ASP A 67 2.86 -6.39 3.86
N ALA A 68 3.00 -6.12 2.58
CA ALA A 68 2.74 -4.78 2.04
C ALA A 68 1.33 -4.33 2.38
N PHE A 69 0.34 -5.03 1.83
CA PHE A 69 -1.06 -4.69 2.07
C PHE A 69 -1.28 -4.34 3.53
N LYS A 70 -0.77 -5.17 4.43
CA LYS A 70 -0.92 -4.95 5.86
C LYS A 70 -0.42 -3.56 6.25
N ALA A 71 0.76 -3.20 5.76
CA ALA A 71 1.35 -1.90 6.05
C ALA A 71 0.44 -0.77 5.59
N VAL A 72 0.01 -0.84 4.33
CA VAL A 72 -0.86 0.19 3.77
C VAL A 72 -1.99 0.54 4.73
N VAL A 73 -2.74 -0.47 5.17
CA VAL A 73 -3.84 -0.26 6.10
C VAL A 73 -3.38 0.54 7.31
N ASN A 74 -2.39 0.02 8.02
CA ASN A 74 -1.86 0.69 9.21
C ASN A 74 -1.47 2.14 8.89
N ALA A 75 -0.96 2.35 7.68
CA ALA A 75 -0.56 3.69 7.25
C ALA A 75 -1.77 4.58 7.02
N ARG A 76 -2.56 4.25 6.01
CA ARG A 76 -3.74 5.03 5.68
C ARG A 76 -4.61 5.25 6.92
N THR A 77 -5.21 4.16 7.40
CA THR A 77 -6.06 4.23 8.59
C THR A 77 -5.47 5.15 9.64
N ALA A 78 -4.17 5.01 9.88
CA ALA A 78 -3.48 5.82 10.86
C ALA A 78 -3.51 7.30 10.48
N LEU A 79 -2.98 7.61 9.31
CA LEU A 79 -2.94 8.99 8.82
C LEU A 79 -4.30 9.65 8.98
N LEU A 80 -5.33 9.04 8.41
CA LEU A 80 -6.69 9.57 8.48
C LEU A 80 -6.98 10.10 9.88
N LYS A 81 -6.64 9.30 10.89
CA LYS A 81 -6.88 9.68 12.28
C LYS A 81 -6.55 11.16 12.50
N ASN A 82 -5.47 11.62 11.88
CA ASN A 82 -5.04 13.01 12.00
C ASN A 82 -6.00 13.93 11.24
N ILE A 83 -6.49 13.46 10.10
CA ILE A 83 -7.41 14.25 9.29
C ILE A 83 -8.77 14.35 9.95
N LYS A 84 -9.10 15.53 10.46
CA LYS A 84 -10.38 15.75 11.12
C LYS A 84 -11.29 16.64 10.25
N SER A 85 -12.58 16.32 10.25
CA SER A 85 -13.54 17.08 9.47
C SER A 85 -14.17 18.19 10.31
N GLY A 86 -14.59 17.84 11.52
CA GLY A 86 -15.20 18.82 12.40
C GLY A 86 -16.72 18.71 12.43
N PRO A 87 -17.38 19.80 12.83
CA PRO A 87 -18.84 19.85 12.91
C PRO A 87 -19.50 19.85 11.52
N SER A 88 -20.77 19.47 11.48
CA SER A 88 -21.51 19.41 10.23
C SER A 88 -22.87 20.09 10.37
N SER A 89 -23.29 20.77 9.31
CA SER A 89 -24.58 21.46 9.31
C SER A 89 -25.57 20.77 8.41
N GLY A 90 -26.81 20.65 8.87
CA GLY A 90 -27.84 20.00 8.09
C GLY A 90 -27.96 20.58 6.69
N GLY A 1 23.15 -14.19 0.61
CA GLY A 1 22.75 -14.09 -0.78
C GLY A 1 21.86 -15.24 -1.21
N SER A 2 21.10 -15.02 -2.28
CA SER A 2 20.19 -16.04 -2.79
C SER A 2 20.73 -16.65 -4.08
N SER A 3 20.13 -17.76 -4.50
CA SER A 3 20.55 -18.45 -5.72
C SER A 3 20.94 -17.44 -6.80
N GLY A 4 20.03 -16.52 -7.10
CA GLY A 4 20.29 -15.52 -8.11
C GLY A 4 19.08 -14.68 -8.45
N SER A 5 19.30 -13.44 -8.86
CA SER A 5 18.20 -12.54 -9.20
C SER A 5 17.30 -13.17 -10.25
N SER A 6 17.89 -13.63 -11.35
CA SER A 6 17.13 -14.24 -12.44
C SER A 6 16.14 -13.27 -13.03
N GLY A 7 16.57 -12.03 -13.23
CA GLY A 7 15.70 -11.01 -13.79
C GLY A 7 14.40 -10.88 -13.03
N SER A 8 13.47 -10.10 -13.59
CA SER A 8 12.18 -9.90 -12.94
C SER A 8 11.47 -11.22 -12.68
N SER A 9 10.74 -11.28 -11.57
CA SER A 9 10.03 -12.50 -11.20
C SER A 9 8.81 -12.72 -12.11
N ALA A 10 8.47 -13.98 -12.32
CA ALA A 10 7.34 -14.32 -13.17
C ALA A 10 6.02 -14.18 -12.41
N SER A 11 5.95 -14.81 -11.24
CA SER A 11 4.75 -14.75 -10.41
C SER A 11 4.14 -13.35 -10.44
N PHE A 12 4.92 -12.36 -10.04
CA PHE A 12 4.46 -10.98 -10.01
C PHE A 12 5.29 -10.11 -10.95
N THR A 13 4.89 -8.85 -11.09
CA THR A 13 5.59 -7.91 -11.96
C THR A 13 6.57 -7.05 -11.16
N LYS A 14 7.38 -6.28 -11.87
CA LYS A 14 8.36 -5.40 -11.22
C LYS A 14 7.66 -4.33 -10.39
N GLU A 15 6.58 -3.78 -10.93
CA GLU A 15 5.83 -2.74 -10.23
C GLU A 15 5.46 -3.20 -8.82
N GLN A 16 4.71 -4.30 -8.74
CA GLN A 16 4.28 -4.84 -7.46
C GLN A 16 5.46 -4.97 -6.50
N ALA A 17 6.42 -5.82 -6.86
CA ALA A 17 7.60 -6.03 -6.03
C ALA A 17 8.20 -4.70 -5.58
N ASP A 18 8.33 -3.76 -6.51
CA ASP A 18 8.88 -2.45 -6.21
C ASP A 18 8.08 -1.76 -5.11
N ALA A 19 6.80 -2.10 -5.02
CA ALA A 19 5.92 -1.51 -4.02
C ALA A 19 6.19 -2.10 -2.64
N ILE A 20 6.33 -3.42 -2.58
CA ILE A 20 6.59 -4.11 -1.33
C ILE A 20 7.96 -3.72 -0.77
N ARG A 21 8.97 -3.76 -1.62
CA ARG A 21 10.33 -3.41 -1.22
C ARG A 21 10.38 -2.03 -0.58
N ARG A 22 9.43 -1.18 -0.98
CA ARG A 22 9.37 0.18 -0.45
C ARG A 22 8.66 0.20 0.90
N ILE A 23 7.45 -0.35 0.95
CA ILE A 23 6.67 -0.40 2.18
C ILE A 23 7.54 -0.81 3.36
N ARG A 24 8.24 -1.93 3.22
CA ARG A 24 9.11 -2.42 4.28
C ARG A 24 10.27 -1.46 4.53
N ASN A 25 10.57 -0.64 3.53
CA ASN A 25 11.66 0.33 3.64
C ASN A 25 11.13 1.75 3.65
N SER A 26 9.83 1.89 3.94
CA SER A 26 9.19 3.20 3.97
C SER A 26 9.42 3.87 5.32
N LYS A 27 10.09 5.02 5.30
CA LYS A 27 10.38 5.76 6.52
C LYS A 27 9.10 6.09 7.27
N ASP A 28 8.00 6.24 6.54
CA ASP A 28 6.71 6.54 7.14
C ASP A 28 5.57 6.23 6.17
N SER A 29 4.33 6.40 6.63
CA SER A 29 3.16 6.13 5.81
C SER A 29 3.23 6.89 4.49
N TRP A 30 3.64 8.15 4.57
CA TRP A 30 3.75 8.99 3.38
C TRP A 30 4.51 8.27 2.27
N ASP A 31 5.52 7.50 2.66
CA ASP A 31 6.33 6.76 1.70
C ASP A 31 5.55 5.58 1.14
N MET A 32 4.86 4.86 2.01
CA MET A 32 4.08 3.70 1.60
C MET A 32 3.02 4.10 0.58
N LEU A 33 2.05 4.91 1.02
CA LEU A 33 0.98 5.36 0.15
C LEU A 33 1.52 6.26 -0.97
N GLY A 34 2.59 6.98 -0.67
CA GLY A 34 3.19 7.86 -1.65
C GLY A 34 2.49 9.20 -1.73
N VAL A 35 2.10 9.73 -0.58
CA VAL A 35 1.41 11.02 -0.53
C VAL A 35 2.05 11.95 0.50
N LYS A 36 2.05 13.24 0.21
CA LYS A 36 2.62 14.23 1.12
C LYS A 36 1.93 14.18 2.47
N PRO A 37 2.67 14.58 3.53
CA PRO A 37 2.15 14.60 4.89
C PRO A 37 1.10 15.69 5.10
N GLY A 38 0.78 16.40 4.02
CA GLY A 38 -0.22 17.46 4.11
C GLY A 38 -1.41 17.21 3.20
N ALA A 39 -1.66 15.94 2.90
CA ALA A 39 -2.78 15.57 2.04
C ALA A 39 -4.08 15.46 2.85
N SER A 40 -5.18 15.21 2.15
CA SER A 40 -6.48 15.08 2.80
C SER A 40 -7.00 13.65 2.68
N ARG A 41 -8.05 13.36 3.44
CA ARG A 41 -8.66 12.03 3.43
C ARG A 41 -8.84 11.53 2.00
N ASP A 42 -9.35 12.39 1.13
CA ASP A 42 -9.57 12.04 -0.27
C ASP A 42 -8.27 11.57 -0.92
N GLU A 43 -7.20 12.31 -0.70
CA GLU A 43 -5.91 11.98 -1.27
C GLU A 43 -5.42 10.62 -0.75
N VAL A 44 -5.24 10.53 0.56
CA VAL A 44 -4.78 9.30 1.19
C VAL A 44 -5.55 8.09 0.65
N ASN A 45 -6.87 8.22 0.59
CA ASN A 45 -7.71 7.15 0.09
C ASN A 45 -7.39 6.82 -1.37
N LYS A 46 -7.30 7.86 -2.18
CA LYS A 46 -6.99 7.69 -3.60
C LYS A 46 -5.67 6.94 -3.78
N ALA A 47 -4.65 7.34 -3.03
CA ALA A 47 -3.34 6.70 -3.12
C ALA A 47 -3.37 5.31 -2.51
N TYR A 48 -4.20 5.13 -1.49
CA TYR A 48 -4.33 3.84 -0.82
C TYR A 48 -5.00 2.82 -1.72
N ARG A 49 -5.99 3.27 -2.48
CA ARG A 49 -6.72 2.40 -3.39
C ARG A 49 -5.80 1.85 -4.48
N LYS A 50 -5.29 2.75 -5.32
CA LYS A 50 -4.40 2.35 -6.40
C LYS A 50 -3.36 1.35 -5.91
N LEU A 51 -2.81 1.60 -4.73
CA LEU A 51 -1.81 0.71 -4.15
C LEU A 51 -2.42 -0.62 -3.74
N ALA A 52 -3.45 -0.56 -2.90
CA ALA A 52 -4.13 -1.77 -2.44
C ALA A 52 -4.40 -2.72 -3.61
N VAL A 53 -4.91 -2.18 -4.71
CA VAL A 53 -5.21 -2.99 -5.89
C VAL A 53 -3.95 -3.64 -6.44
N LEU A 54 -2.82 -2.97 -6.26
CA LEU A 54 -1.54 -3.49 -6.74
C LEU A 54 -0.98 -4.53 -5.79
N LEU A 55 -1.26 -4.37 -4.50
CA LEU A 55 -0.79 -5.30 -3.48
C LEU A 55 -1.88 -6.28 -3.10
N HIS A 56 -2.99 -6.23 -3.82
CA HIS A 56 -4.11 -7.14 -3.56
C HIS A 56 -3.64 -8.59 -3.52
N PRO A 57 -4.22 -9.37 -2.59
CA PRO A 57 -3.88 -10.78 -2.43
C PRO A 57 -4.37 -11.64 -3.60
N ASP A 58 -5.55 -11.30 -4.11
CA ASP A 58 -6.14 -12.04 -5.23
C ASP A 58 -5.51 -11.61 -6.54
N LYS A 59 -4.68 -10.57 -6.49
CA LYS A 59 -4.01 -10.06 -7.68
C LYS A 59 -2.49 -10.18 -7.55
N CYS A 60 -2.02 -10.29 -6.32
CA CYS A 60 -0.58 -10.41 -6.06
C CYS A 60 -0.30 -11.60 -5.13
N VAL A 61 0.15 -12.69 -5.72
CA VAL A 61 0.47 -13.89 -4.95
C VAL A 61 1.88 -13.84 -4.39
N ALA A 62 2.53 -12.68 -4.53
CA ALA A 62 3.88 -12.50 -4.03
C ALA A 62 3.97 -12.78 -2.54
N PRO A 63 5.17 -13.14 -2.08
CA PRO A 63 5.42 -13.45 -0.66
C PRO A 63 5.34 -12.21 0.22
N GLY A 64 5.71 -11.06 -0.33
CA GLY A 64 5.66 -9.83 0.42
C GLY A 64 4.38 -9.06 0.21
N SER A 65 3.79 -9.22 -0.97
CA SER A 65 2.54 -8.54 -1.31
C SER A 65 1.56 -8.57 -0.14
N GLU A 66 1.53 -9.71 0.55
CA GLU A 66 0.64 -9.88 1.70
C GLU A 66 0.97 -8.87 2.79
N ASP A 67 2.21 -8.90 3.25
CA ASP A 67 2.66 -7.99 4.31
C ASP A 67 2.52 -6.54 3.86
N ALA A 68 2.80 -6.29 2.59
CA ALA A 68 2.70 -4.94 2.04
C ALA A 68 1.31 -4.36 2.25
N PHE A 69 0.29 -5.09 1.80
CA PHE A 69 -1.09 -4.64 1.95
C PHE A 69 -1.40 -4.28 3.39
N LYS A 70 -1.00 -5.14 4.31
CA LYS A 70 -1.23 -4.90 5.74
C LYS A 70 -0.65 -3.56 6.18
N ALA A 71 0.58 -3.29 5.74
CA ALA A 71 1.24 -2.04 6.09
C ALA A 71 0.45 -0.83 5.57
N VAL A 72 0.11 -0.88 4.28
CA VAL A 72 -0.64 0.21 3.66
C VAL A 72 -1.82 0.63 4.54
N VAL A 73 -2.61 -0.35 4.97
CA VAL A 73 -3.77 -0.09 5.81
C VAL A 73 -3.36 0.59 7.11
N ASN A 74 -2.43 -0.03 7.84
CA ASN A 74 -1.96 0.51 9.10
C ASN A 74 -1.46 1.95 8.92
N ALA A 75 -1.05 2.28 7.70
CA ALA A 75 -0.56 3.62 7.39
C ALA A 75 -1.70 4.56 7.06
N ARG A 76 -2.59 4.13 6.17
CA ARG A 76 -3.73 4.94 5.77
C ARG A 76 -4.70 5.14 6.94
N THR A 77 -5.26 4.04 7.43
CA THR A 77 -6.20 4.09 8.55
C THR A 77 -5.70 5.02 9.64
N ALA A 78 -4.42 4.89 9.98
CA ALA A 78 -3.82 5.72 11.02
C ALA A 78 -3.82 7.19 10.61
N LEU A 79 -3.35 7.46 9.39
CA LEU A 79 -3.29 8.83 8.89
C LEU A 79 -4.68 9.47 8.89
N LEU A 80 -5.66 8.74 8.39
CA LEU A 80 -7.03 9.23 8.34
C LEU A 80 -7.56 9.55 9.74
N LYS A 81 -7.42 8.58 10.64
CA LYS A 81 -7.86 8.76 12.02
C LYS A 81 -7.45 10.12 12.56
N ASN A 82 -6.23 10.54 12.22
CA ASN A 82 -5.71 11.83 12.68
C ASN A 82 -6.32 12.98 11.88
N ILE A 83 -6.60 12.71 10.60
CA ILE A 83 -7.20 13.72 9.72
C ILE A 83 -8.66 13.95 10.07
N LYS A 84 -8.95 15.09 10.70
CA LYS A 84 -10.31 15.44 11.08
C LYS A 84 -11.19 15.63 9.84
N SER A 85 -12.33 14.95 9.83
CA SER A 85 -13.26 15.05 8.71
C SER A 85 -14.06 16.34 8.77
N GLY A 86 -14.16 17.03 7.64
CA GLY A 86 -14.90 18.28 7.58
C GLY A 86 -14.33 19.33 8.52
N PRO A 87 -14.91 20.54 8.48
CA PRO A 87 -14.48 21.65 9.34
C PRO A 87 -14.82 21.42 10.80
N SER A 88 -13.79 21.29 11.63
CA SER A 88 -13.98 21.06 13.05
C SER A 88 -13.96 22.39 13.82
N SER A 89 -14.60 22.40 14.98
CA SER A 89 -14.67 23.59 15.81
C SER A 89 -14.24 23.29 17.24
N GLY A 90 -13.72 24.31 17.94
CA GLY A 90 -13.29 24.12 19.30
C GLY A 90 -14.11 24.94 20.28
N GLY A 1 -1.88 -7.92 -31.73
CA GLY A 1 -0.46 -7.93 -31.46
C GLY A 1 -0.01 -6.71 -30.67
N SER A 2 -0.61 -6.51 -29.50
CA SER A 2 -0.28 -5.37 -28.65
C SER A 2 -0.37 -5.76 -27.17
N SER A 3 0.16 -4.90 -26.31
CA SER A 3 0.14 -5.13 -24.87
C SER A 3 -1.18 -4.68 -24.26
N GLY A 4 -1.52 -5.24 -23.11
CA GLY A 4 -2.75 -4.88 -22.44
C GLY A 4 -2.54 -4.52 -20.98
N SER A 5 -3.58 -4.68 -20.17
CA SER A 5 -3.50 -4.35 -18.75
C SER A 5 -2.65 -5.37 -18.01
N SER A 6 -2.44 -5.13 -16.72
CA SER A 6 -1.63 -6.03 -15.89
C SER A 6 -2.33 -7.37 -15.72
N GLY A 7 -1.80 -8.39 -16.40
CA GLY A 7 -2.39 -9.72 -16.30
C GLY A 7 -1.68 -10.72 -17.20
N SER A 8 -0.35 -10.74 -17.13
CA SER A 8 0.44 -11.65 -17.94
C SER A 8 0.26 -13.09 -17.47
N SER A 9 0.43 -13.30 -16.17
CA SER A 9 0.29 -14.64 -15.59
C SER A 9 -0.08 -14.54 -14.11
N ALA A 10 -0.42 -15.70 -13.52
CA ALA A 10 -0.79 -15.75 -12.11
C ALA A 10 0.22 -15.00 -11.25
N SER A 11 1.50 -15.27 -11.49
CA SER A 11 2.57 -14.62 -10.72
C SER A 11 2.39 -13.10 -10.72
N PHE A 12 3.29 -12.42 -10.01
CA PHE A 12 3.24 -10.97 -9.93
C PHE A 12 4.21 -10.33 -10.91
N THR A 13 4.20 -9.00 -10.97
CA THR A 13 5.08 -8.26 -11.88
C THR A 13 6.12 -7.47 -11.09
N LYS A 14 7.00 -6.78 -11.82
CA LYS A 14 8.04 -5.98 -11.21
C LYS A 14 7.44 -4.87 -10.34
N GLU A 15 6.51 -4.12 -10.92
CA GLU A 15 5.85 -3.03 -10.21
C GLU A 15 5.46 -3.47 -8.79
N GLN A 16 4.59 -4.46 -8.71
CA GLN A 16 4.13 -4.97 -7.42
C GLN A 16 5.30 -5.15 -6.46
N ALA A 17 6.25 -6.01 -6.85
CA ALA A 17 7.42 -6.26 -6.03
C ALA A 17 8.05 -4.97 -5.52
N ASP A 18 8.40 -4.09 -6.46
CA ASP A 18 9.00 -2.81 -6.11
C ASP A 18 8.25 -2.14 -4.97
N ALA A 19 6.92 -2.28 -4.99
CA ALA A 19 6.08 -1.69 -3.96
C ALA A 19 6.39 -2.28 -2.59
N ILE A 20 6.33 -3.60 -2.50
CA ILE A 20 6.61 -4.30 -1.25
C ILE A 20 7.91 -3.79 -0.62
N ARG A 21 8.98 -3.81 -1.40
CA ARG A 21 10.28 -3.36 -0.92
C ARG A 21 10.19 -1.96 -0.33
N ARG A 22 9.65 -1.04 -1.12
CA ARG A 22 9.50 0.34 -0.68
C ARG A 22 8.74 0.43 0.63
N ILE A 23 7.66 -0.34 0.73
CA ILE A 23 6.84 -0.35 1.93
C ILE A 23 7.65 -0.82 3.14
N ARG A 24 8.19 -2.03 3.06
CA ARG A 24 8.99 -2.58 4.15
C ARG A 24 10.24 -1.76 4.37
N ASN A 25 10.69 -1.06 3.34
CA ASN A 25 11.88 -0.23 3.41
C ASN A 25 11.51 1.25 3.54
N SER A 26 10.26 1.51 3.91
CA SER A 26 9.79 2.88 4.06
C SER A 26 10.13 3.43 5.44
N LYS A 27 10.01 4.74 5.59
CA LYS A 27 10.30 5.39 6.86
C LYS A 27 9.06 6.09 7.42
N ASP A 28 7.99 6.08 6.63
CA ASP A 28 6.73 6.70 7.05
C ASP A 28 5.58 6.27 6.14
N SER A 29 4.35 6.54 6.59
CA SER A 29 3.17 6.18 5.82
C SER A 29 3.14 6.92 4.48
N TRP A 30 3.57 8.17 4.50
CA TRP A 30 3.58 8.98 3.29
C TRP A 30 4.28 8.25 2.14
N ASP A 31 5.36 7.55 2.46
CA ASP A 31 6.11 6.80 1.47
C ASP A 31 5.29 5.63 0.94
N MET A 32 4.70 4.87 1.86
CA MET A 32 3.90 3.71 1.49
C MET A 32 2.78 4.11 0.52
N LEU A 33 1.85 4.92 1.01
CA LEU A 33 0.73 5.38 0.20
C LEU A 33 1.22 6.24 -0.97
N GLY A 34 2.34 6.92 -0.76
CA GLY A 34 2.90 7.77 -1.79
C GLY A 34 2.22 9.12 -1.87
N VAL A 35 1.81 9.64 -0.71
CA VAL A 35 1.14 10.94 -0.65
C VAL A 35 1.87 11.90 0.30
N LYS A 36 1.49 13.17 0.25
CA LYS A 36 2.11 14.17 1.10
C LYS A 36 1.52 14.12 2.51
N PRO A 37 2.31 14.57 3.50
CA PRO A 37 1.90 14.58 4.90
C PRO A 37 0.81 15.61 5.18
N GLY A 38 0.64 16.55 4.24
CA GLY A 38 -0.36 17.59 4.40
C GLY A 38 -1.61 17.31 3.58
N ALA A 39 -1.58 16.23 2.81
CA ALA A 39 -2.71 15.87 1.96
C ALA A 39 -3.99 15.72 2.79
N SER A 40 -5.10 15.42 2.12
CA SER A 40 -6.37 15.26 2.79
C SER A 40 -6.84 13.81 2.75
N ARG A 41 -7.89 13.50 3.49
CA ARG A 41 -8.43 12.15 3.53
C ARG A 41 -8.68 11.62 2.12
N ASP A 42 -9.34 12.43 1.30
CA ASP A 42 -9.64 12.05 -0.07
C ASP A 42 -8.39 11.57 -0.79
N GLU A 43 -7.28 12.27 -0.56
CA GLU A 43 -6.01 11.92 -1.19
C GLU A 43 -5.48 10.59 -0.64
N VAL A 44 -5.38 10.49 0.68
CA VAL A 44 -4.89 9.29 1.32
C VAL A 44 -5.67 8.06 0.86
N ASN A 45 -6.98 8.23 0.68
CA ASN A 45 -7.84 7.14 0.24
C ASN A 45 -7.64 6.85 -1.25
N LYS A 46 -7.57 7.91 -2.04
CA LYS A 46 -7.37 7.78 -3.48
C LYS A 46 -6.07 7.05 -3.79
N ALA A 47 -5.00 7.47 -3.14
CA ALA A 47 -3.69 6.85 -3.34
C ALA A 47 -3.66 5.44 -2.74
N TYR A 48 -4.20 5.30 -1.54
CA TYR A 48 -4.22 4.01 -0.86
C TYR A 48 -4.88 2.95 -1.72
N ARG A 49 -5.92 3.35 -2.46
CA ARG A 49 -6.64 2.42 -3.33
C ARG A 49 -5.73 1.90 -4.44
N LYS A 50 -5.30 2.80 -5.31
CA LYS A 50 -4.42 2.43 -6.42
C LYS A 50 -3.36 1.44 -5.96
N LEU A 51 -2.79 1.69 -4.79
CA LEU A 51 -1.76 0.82 -4.24
C LEU A 51 -2.34 -0.55 -3.86
N ALA A 52 -3.37 -0.54 -3.01
CA ALA A 52 -4.02 -1.77 -2.59
C ALA A 52 -4.24 -2.71 -3.76
N VAL A 53 -4.71 -2.16 -4.88
CA VAL A 53 -4.96 -2.95 -6.08
C VAL A 53 -3.70 -3.64 -6.56
N LEU A 54 -2.56 -2.97 -6.38
CA LEU A 54 -1.27 -3.52 -6.80
C LEU A 54 -0.78 -4.56 -5.81
N LEU A 55 -1.12 -4.37 -4.54
CA LEU A 55 -0.71 -5.30 -3.50
C LEU A 55 -1.82 -6.29 -3.18
N HIS A 56 -2.90 -6.23 -3.96
CA HIS A 56 -4.04 -7.12 -3.75
C HIS A 56 -3.58 -8.58 -3.72
N PRO A 57 -4.21 -9.38 -2.85
CA PRO A 57 -3.89 -10.80 -2.70
C PRO A 57 -4.32 -11.62 -3.91
N ASP A 58 -5.48 -11.31 -4.45
CA ASP A 58 -6.00 -12.02 -5.62
C ASP A 58 -5.31 -11.56 -6.89
N LYS A 59 -4.45 -10.54 -6.77
CA LYS A 59 -3.72 -10.00 -7.90
C LYS A 59 -2.22 -10.17 -7.71
N CYS A 60 -1.79 -10.24 -6.46
CA CYS A 60 -0.38 -10.39 -6.14
C CYS A 60 -0.16 -11.59 -5.23
N VAL A 61 0.31 -12.70 -5.80
CA VAL A 61 0.57 -13.91 -5.03
C VAL A 61 1.98 -13.91 -4.45
N ALA A 62 2.61 -12.75 -4.45
CA ALA A 62 3.96 -12.62 -3.93
C ALA A 62 4.01 -12.95 -2.44
N PRO A 63 5.19 -13.40 -1.97
CA PRO A 63 5.39 -13.77 -0.56
C PRO A 63 5.37 -12.56 0.36
N GLY A 64 5.69 -11.39 -0.20
CA GLY A 64 5.70 -10.17 0.59
C GLY A 64 4.48 -9.31 0.36
N SER A 65 3.89 -9.42 -0.83
CA SER A 65 2.71 -8.65 -1.18
C SER A 65 1.72 -8.62 -0.01
N GLU A 66 1.62 -9.73 0.71
CA GLU A 66 0.72 -9.82 1.85
C GLU A 66 1.05 -8.75 2.89
N ASP A 67 2.32 -8.66 3.27
CA ASP A 67 2.76 -7.69 4.25
C ASP A 67 2.50 -6.27 3.75
N ALA A 68 2.80 -6.02 2.48
CA ALA A 68 2.60 -4.71 1.89
C ALA A 68 1.20 -4.19 2.16
N PHE A 69 0.19 -4.95 1.72
CA PHE A 69 -1.20 -4.58 1.91
C PHE A 69 -1.48 -4.23 3.36
N LYS A 70 -0.99 -5.07 4.27
CA LYS A 70 -1.18 -4.84 5.70
C LYS A 70 -0.63 -3.49 6.12
N ALA A 71 0.64 -3.25 5.79
CA ALA A 71 1.29 -1.99 6.14
C ALA A 71 0.46 -0.79 5.66
N VAL A 72 0.05 -0.84 4.40
CA VAL A 72 -0.76 0.25 3.83
C VAL A 72 -1.88 0.65 4.78
N VAL A 73 -2.71 -0.31 5.15
CA VAL A 73 -3.84 -0.06 6.04
C VAL A 73 -3.36 0.66 7.30
N ASN A 74 -2.43 0.04 8.01
CA ASN A 74 -1.90 0.62 9.24
C ASN A 74 -1.47 2.07 9.02
N ALA A 75 -1.05 2.39 7.80
CA ALA A 75 -0.63 3.73 7.46
C ALA A 75 -1.82 4.64 7.20
N ARG A 76 -2.60 4.31 6.17
CA ARG A 76 -3.77 5.09 5.82
C ARG A 76 -4.67 5.31 7.04
N THR A 77 -5.25 4.22 7.53
CA THR A 77 -6.13 4.29 8.69
C THR A 77 -5.59 5.25 9.74
N ALA A 78 -4.33 5.05 10.13
CA ALA A 78 -3.70 5.91 11.13
C ALA A 78 -3.71 7.37 10.68
N LEU A 79 -3.27 7.61 9.45
CA LEU A 79 -3.22 8.95 8.91
C LEU A 79 -4.58 9.64 9.02
N LEU A 80 -5.59 9.01 8.42
CA LEU A 80 -6.96 9.55 8.45
C LEU A 80 -7.34 9.98 9.86
N LYS A 81 -7.13 9.08 10.82
CA LYS A 81 -7.45 9.38 12.22
C LYS A 81 -6.92 10.74 12.62
N ASN A 82 -5.73 11.09 12.14
CA ASN A 82 -5.12 12.37 12.46
C ASN A 82 -5.73 13.49 11.61
N ILE A 83 -6.04 13.17 10.35
CA ILE A 83 -6.63 14.14 9.44
C ILE A 83 -7.70 14.98 10.15
N LYS A 84 -8.51 14.33 10.97
CA LYS A 84 -9.57 15.01 11.70
C LYS A 84 -10.46 15.81 10.75
N SER A 85 -10.89 15.16 9.67
CA SER A 85 -11.74 15.82 8.69
C SER A 85 -12.94 16.48 9.37
N GLY A 86 -13.66 15.70 10.16
CA GLY A 86 -14.83 16.22 10.86
C GLY A 86 -16.01 15.27 10.80
N PRO A 87 -16.78 15.35 9.70
CA PRO A 87 -17.96 14.49 9.51
C PRO A 87 -17.58 13.03 9.27
N SER A 88 -17.58 12.25 10.34
CA SER A 88 -17.24 10.84 10.25
C SER A 88 -18.37 9.97 10.79
N SER A 89 -19.02 9.23 9.88
CA SER A 89 -20.12 8.36 10.26
C SER A 89 -19.66 7.30 11.27
N GLY A 90 -18.62 6.55 10.90
CA GLY A 90 -18.11 5.52 11.78
C GLY A 90 -16.62 5.65 12.01
N GLY A 1 18.82 -30.07 -16.31
CA GLY A 1 19.16 -29.97 -14.90
C GLY A 1 20.09 -28.82 -14.60
N SER A 2 19.52 -27.72 -14.13
CA SER A 2 20.32 -26.53 -13.81
C SER A 2 21.07 -26.04 -15.04
N SER A 3 20.40 -26.03 -16.18
CA SER A 3 21.01 -25.60 -17.43
C SER A 3 20.11 -24.59 -18.14
N GLY A 4 20.71 -23.80 -19.03
CA GLY A 4 19.95 -22.80 -19.78
C GLY A 4 19.81 -21.51 -19.01
N SER A 5 18.62 -20.92 -19.07
CA SER A 5 18.35 -19.66 -18.37
C SER A 5 17.91 -19.92 -16.93
N SER A 6 18.37 -19.06 -16.02
CA SER A 6 18.03 -19.19 -14.61
C SER A 6 16.62 -18.66 -14.33
N GLY A 7 16.32 -17.49 -14.90
CA GLY A 7 15.02 -16.89 -14.70
C GLY A 7 14.28 -16.67 -16.01
N SER A 8 13.36 -17.57 -16.33
CA SER A 8 12.59 -17.46 -17.57
C SER A 8 11.30 -16.69 -17.34
N SER A 9 10.54 -17.10 -16.34
CA SER A 9 9.27 -16.43 -16.02
C SER A 9 9.24 -16.00 -14.55
N ALA A 10 8.45 -14.97 -14.26
CA ALA A 10 8.34 -14.46 -12.91
C ALA A 10 6.90 -14.55 -12.41
N SER A 11 6.73 -14.50 -11.09
CA SER A 11 5.40 -14.58 -10.49
C SER A 11 4.70 -13.22 -10.53
N PHE A 12 5.43 -12.18 -10.14
CA PHE A 12 4.89 -10.83 -10.12
C PHE A 12 5.70 -9.91 -11.03
N THR A 13 5.26 -8.66 -11.15
CA THR A 13 5.93 -7.69 -11.99
C THR A 13 6.80 -6.76 -11.16
N LYS A 14 7.66 -5.99 -11.83
CA LYS A 14 8.55 -5.06 -11.15
C LYS A 14 7.77 -4.14 -10.22
N GLU A 15 6.77 -3.46 -10.77
CA GLU A 15 5.95 -2.54 -9.99
C GLU A 15 5.63 -3.13 -8.62
N GLN A 16 4.85 -4.21 -8.62
CA GLN A 16 4.47 -4.88 -7.37
C GLN A 16 5.67 -5.00 -6.44
N ALA A 17 6.66 -5.77 -6.85
CA ALA A 17 7.87 -5.98 -6.06
C ALA A 17 8.37 -4.65 -5.48
N ASP A 18 8.42 -3.63 -6.33
CA ASP A 18 8.89 -2.32 -5.91
C ASP A 18 7.96 -1.72 -4.85
N ALA A 19 6.70 -2.13 -4.88
CA ALA A 19 5.71 -1.64 -3.93
C ALA A 19 5.96 -2.22 -2.54
N ILE A 20 6.09 -3.55 -2.47
CA ILE A 20 6.34 -4.23 -1.21
C ILE A 20 7.67 -3.82 -0.61
N ARG A 21 8.70 -3.81 -1.44
CA ARG A 21 10.05 -3.44 -0.99
C ARG A 21 10.05 -2.03 -0.40
N ARG A 22 9.24 -1.14 -0.99
CA ARG A 22 9.16 0.24 -0.52
C ARG A 22 8.44 0.31 0.82
N ILE A 23 7.37 -0.48 0.97
CA ILE A 23 6.60 -0.50 2.19
C ILE A 23 7.46 -0.96 3.38
N ARG A 24 8.36 -1.90 3.12
CA ARG A 24 9.24 -2.42 4.15
C ARG A 24 10.48 -1.54 4.31
N ASN A 25 10.83 -0.82 3.25
CA ASN A 25 11.98 0.08 3.28
C ASN A 25 11.55 1.52 3.47
N SER A 26 10.31 1.72 3.91
CA SER A 26 9.78 3.05 4.12
C SER A 26 10.02 3.51 5.56
N LYS A 27 10.06 4.83 5.75
CA LYS A 27 10.27 5.39 7.08
C LYS A 27 8.98 5.98 7.65
N ASP A 28 7.98 6.14 6.78
CA ASP A 28 6.70 6.69 7.19
C ASP A 28 5.60 6.26 6.22
N SER A 29 4.35 6.58 6.58
CA SER A 29 3.21 6.23 5.74
C SER A 29 3.26 6.99 4.41
N TRP A 30 3.66 8.25 4.47
CA TRP A 30 3.77 9.07 3.26
C TRP A 30 4.50 8.33 2.15
N ASP A 31 5.52 7.57 2.53
CA ASP A 31 6.30 6.80 1.57
C ASP A 31 5.52 5.60 1.06
N MET A 32 4.89 4.87 1.99
CA MET A 32 4.11 3.69 1.64
C MET A 32 3.02 4.05 0.64
N LEU A 33 2.06 4.85 1.08
CA LEU A 33 0.95 5.26 0.23
C LEU A 33 1.44 6.14 -0.92
N GLY A 34 2.53 6.86 -0.68
CA GLY A 34 3.08 7.73 -1.70
C GLY A 34 2.35 9.05 -1.79
N VAL A 35 2.09 9.67 -0.65
CA VAL A 35 1.38 10.94 -0.61
C VAL A 35 2.04 11.90 0.37
N LYS A 36 1.84 13.21 0.15
CA LYS A 36 2.42 14.23 1.02
C LYS A 36 1.77 14.19 2.41
N PRO A 37 2.53 14.65 3.41
CA PRO A 37 2.05 14.68 4.80
C PRO A 37 0.95 15.73 5.01
N GLY A 38 0.56 16.39 3.93
CA GLY A 38 -0.48 17.40 4.02
C GLY A 38 -1.69 17.08 3.16
N ALA A 39 -1.94 15.79 2.95
CA ALA A 39 -3.06 15.35 2.14
C ALA A 39 -4.31 15.15 3.00
N SER A 40 -5.42 14.80 2.35
CA SER A 40 -6.68 14.58 3.05
C SER A 40 -7.21 13.17 2.77
N ARG A 41 -8.32 12.83 3.44
CA ARG A 41 -8.93 11.52 3.26
C ARG A 41 -9.02 11.15 1.78
N ASP A 42 -9.71 11.99 1.01
CA ASP A 42 -9.88 11.76 -0.42
C ASP A 42 -8.54 11.36 -1.06
N GLU A 43 -7.54 12.22 -0.90
CA GLU A 43 -6.22 11.97 -1.46
C GLU A 43 -5.67 10.63 -0.96
N VAL A 44 -5.53 10.51 0.36
CA VAL A 44 -5.01 9.28 0.96
C VAL A 44 -5.67 8.05 0.35
N ASN A 45 -6.98 8.13 0.11
CA ASN A 45 -7.72 7.03 -0.47
C ASN A 45 -7.30 6.78 -1.91
N LYS A 46 -7.17 7.85 -2.69
CA LYS A 46 -6.76 7.75 -4.08
C LYS A 46 -5.46 6.95 -4.21
N ALA A 47 -4.53 7.21 -3.30
CA ALA A 47 -3.25 6.51 -3.31
C ALA A 47 -3.35 5.15 -2.64
N TYR A 48 -4.08 5.10 -1.52
CA TYR A 48 -4.26 3.86 -0.78
C TYR A 48 -4.98 2.81 -1.63
N ARG A 49 -5.84 3.29 -2.53
CA ARG A 49 -6.60 2.40 -3.39
C ARG A 49 -5.69 1.77 -4.45
N LYS A 50 -5.20 2.59 -5.37
CA LYS A 50 -4.33 2.13 -6.43
C LYS A 50 -3.30 1.13 -5.90
N LEU A 51 -2.70 1.46 -4.76
CA LEU A 51 -1.70 0.60 -4.13
C LEU A 51 -2.33 -0.71 -3.67
N ALA A 52 -3.37 -0.60 -2.84
CA ALA A 52 -4.05 -1.78 -2.33
C ALA A 52 -4.35 -2.77 -3.44
N VAL A 53 -4.85 -2.26 -4.57
CA VAL A 53 -5.17 -3.10 -5.71
C VAL A 53 -3.93 -3.79 -6.26
N LEU A 54 -2.81 -3.09 -6.22
CA LEU A 54 -1.54 -3.64 -6.72
C LEU A 54 -1.00 -4.70 -5.76
N LEU A 55 -1.19 -4.47 -4.47
CA LEU A 55 -0.72 -5.41 -3.45
C LEU A 55 -1.84 -6.35 -3.02
N HIS A 56 -3.01 -6.21 -3.65
CA HIS A 56 -4.15 -7.05 -3.33
C HIS A 56 -3.81 -8.52 -3.51
N PRO A 57 -4.28 -9.35 -2.57
CA PRO A 57 -4.04 -10.80 -2.60
C PRO A 57 -4.80 -11.49 -3.74
N ASP A 58 -5.52 -10.70 -4.51
CA ASP A 58 -6.29 -11.24 -5.64
C ASP A 58 -5.56 -11.03 -6.96
N LYS A 59 -4.61 -10.09 -6.95
CA LYS A 59 -3.83 -9.79 -8.15
C LYS A 59 -2.35 -10.07 -7.92
N CYS A 60 -1.87 -9.78 -6.72
CA CYS A 60 -0.48 -10.01 -6.37
C CYS A 60 -0.33 -11.20 -5.43
N VAL A 61 0.08 -12.33 -5.99
CA VAL A 61 0.25 -13.55 -5.20
C VAL A 61 1.65 -13.62 -4.60
N ALA A 62 2.40 -12.53 -4.72
CA ALA A 62 3.75 -12.46 -4.19
C ALA A 62 3.76 -12.78 -2.70
N PRO A 63 4.90 -13.28 -2.21
CA PRO A 63 5.07 -13.63 -0.80
C PRO A 63 5.11 -12.41 0.11
N GLY A 64 5.52 -11.28 -0.45
CA GLY A 64 5.60 -10.05 0.33
C GLY A 64 4.36 -9.20 0.18
N SER A 65 3.67 -9.34 -0.95
CA SER A 65 2.46 -8.58 -1.22
C SER A 65 1.53 -8.61 -0.02
N GLU A 66 1.55 -9.72 0.71
CA GLU A 66 0.69 -9.89 1.89
C GLU A 66 1.01 -8.82 2.94
N ASP A 67 2.24 -8.85 3.45
CA ASP A 67 2.67 -7.89 4.46
C ASP A 67 2.54 -6.46 3.95
N ALA A 68 2.76 -6.29 2.65
CA ALA A 68 2.66 -4.97 2.04
C ALA A 68 1.27 -4.37 2.24
N PHE A 69 0.24 -5.17 1.99
CA PHE A 69 -1.13 -4.72 2.14
C PHE A 69 -1.41 -4.32 3.59
N LYS A 70 -0.99 -5.15 4.52
CA LYS A 70 -1.19 -4.89 5.94
C LYS A 70 -0.63 -3.52 6.32
N ALA A 71 0.60 -3.27 5.92
CA ALA A 71 1.26 -2.00 6.22
C ALA A 71 0.43 -0.81 5.71
N VAL A 72 0.06 -0.87 4.44
CA VAL A 72 -0.73 0.20 3.83
C VAL A 72 -1.85 0.64 4.76
N VAL A 73 -2.59 -0.32 5.31
CA VAL A 73 -3.69 -0.02 6.22
C VAL A 73 -3.20 0.76 7.43
N ASN A 74 -2.20 0.21 8.13
CA ASN A 74 -1.65 0.86 9.30
C ASN A 74 -1.26 2.30 9.00
N ALA A 75 -0.85 2.55 7.76
CA ALA A 75 -0.45 3.89 7.33
C ALA A 75 -1.67 4.76 7.05
N ARG A 76 -2.52 4.30 6.15
CA ARG A 76 -3.73 5.04 5.78
C ARG A 76 -4.59 5.30 7.01
N THR A 77 -4.98 4.24 7.70
CA THR A 77 -5.81 4.35 8.89
C THR A 77 -5.21 5.34 9.88
N ALA A 78 -3.95 5.10 10.27
CA ALA A 78 -3.27 5.97 11.22
C ALA A 78 -3.30 7.42 10.75
N LEU A 79 -3.05 7.62 9.46
CA LEU A 79 -3.06 8.97 8.88
C LEU A 79 -4.43 9.61 9.00
N LEU A 80 -5.44 8.95 8.43
CA LEU A 80 -6.80 9.45 8.46
C LEU A 80 -7.23 9.76 9.90
N LYS A 81 -6.78 8.95 10.84
CA LYS A 81 -7.11 9.15 12.25
C LYS A 81 -6.74 10.55 12.70
N ASN A 82 -5.86 11.21 11.95
CA ASN A 82 -5.43 12.56 12.26
C ASN A 82 -5.97 13.56 11.25
N ILE A 83 -6.01 13.14 9.99
CA ILE A 83 -6.51 14.00 8.92
C ILE A 83 -7.95 14.43 9.18
N LYS A 84 -8.13 15.71 9.50
CA LYS A 84 -9.46 16.26 9.77
C LYS A 84 -10.18 15.42 10.81
N SER A 85 -9.44 14.95 11.82
CA SER A 85 -10.00 14.14 12.88
C SER A 85 -9.93 14.86 14.22
N GLY A 86 -8.83 15.59 14.44
CA GLY A 86 -8.65 16.31 15.67
C GLY A 86 -9.16 17.74 15.58
N PRO A 87 -8.25 18.70 15.39
CA PRO A 87 -8.59 20.12 15.29
C PRO A 87 -9.34 20.44 14.01
N SER A 88 -9.96 21.61 13.97
CA SER A 88 -10.72 22.04 12.79
C SER A 88 -9.79 22.30 11.61
N SER A 89 -8.71 23.03 11.87
CA SER A 89 -7.73 23.34 10.83
C SER A 89 -6.41 22.64 11.08
N GLY A 90 -5.96 21.85 10.12
CA GLY A 90 -4.72 21.13 10.25
C GLY A 90 -4.90 19.63 10.17
N GLY A 1 1.30 -21.32 11.10
CA GLY A 1 2.27 -22.06 10.32
C GLY A 1 3.21 -21.14 9.55
N SER A 2 3.56 -21.53 8.33
CA SER A 2 4.45 -20.72 7.50
C SER A 2 3.67 -19.95 6.45
N SER A 3 3.96 -18.65 6.33
CA SER A 3 3.28 -17.80 5.36
C SER A 3 3.95 -17.90 4.00
N GLY A 4 3.21 -17.49 2.96
CA GLY A 4 3.74 -17.54 1.61
C GLY A 4 2.66 -17.46 0.55
N SER A 5 2.91 -18.10 -0.59
CA SER A 5 1.94 -18.09 -1.68
C SER A 5 1.36 -19.49 -1.91
N SER A 6 0.04 -19.57 -1.94
CA SER A 6 -0.64 -20.85 -2.15
C SER A 6 -0.01 -21.61 -3.31
N GLY A 7 -0.07 -21.01 -4.50
CA GLY A 7 0.49 -21.65 -5.68
C GLY A 7 1.97 -21.95 -5.52
N SER A 8 2.33 -23.21 -5.70
CA SER A 8 3.72 -23.64 -5.57
C SER A 8 4.67 -22.55 -6.08
N SER A 9 4.40 -22.04 -7.26
CA SER A 9 5.23 -21.00 -7.86
C SER A 9 4.55 -19.63 -7.75
N ALA A 10 5.34 -18.60 -7.51
CA ALA A 10 4.82 -17.24 -7.38
C ALA A 10 5.50 -16.29 -8.37
N SER A 11 4.71 -15.41 -8.97
CA SER A 11 5.25 -14.45 -9.93
C SER A 11 4.57 -13.09 -9.77
N PHE A 12 5.22 -12.06 -10.28
CA PHE A 12 4.68 -10.70 -10.19
C PHE A 12 5.46 -9.75 -11.12
N THR A 13 5.03 -8.49 -11.15
CA THR A 13 5.67 -7.48 -11.98
C THR A 13 6.67 -6.66 -11.17
N LYS A 14 7.39 -5.78 -11.86
CA LYS A 14 8.38 -4.92 -11.20
C LYS A 14 7.71 -3.98 -10.22
N GLU A 15 6.61 -3.35 -10.65
CA GLU A 15 5.89 -2.41 -9.81
C GLU A 15 5.59 -3.03 -8.45
N GLN A 16 4.83 -4.13 -8.46
CA GLN A 16 4.47 -4.82 -7.22
C GLN A 16 5.69 -5.00 -6.33
N ALA A 17 6.63 -5.82 -6.78
CA ALA A 17 7.86 -6.07 -6.01
C ALA A 17 8.41 -4.78 -5.42
N ASP A 18 8.67 -3.80 -6.28
CA ASP A 18 9.21 -2.52 -5.85
C ASP A 18 8.35 -1.92 -4.73
N ALA A 19 7.03 -2.13 -4.84
CA ALA A 19 6.10 -1.60 -3.85
C ALA A 19 6.37 -2.21 -2.47
N ILE A 20 6.29 -3.53 -2.39
CA ILE A 20 6.52 -4.24 -1.13
C ILE A 20 7.92 -3.92 -0.58
N ARG A 21 8.89 -3.78 -1.47
CA ARG A 21 10.25 -3.48 -1.07
C ARG A 21 10.34 -2.10 -0.43
N ARG A 22 9.60 -1.15 -0.97
CA ARG A 22 9.59 0.22 -0.45
C ARG A 22 8.83 0.29 0.86
N ILE A 23 7.70 -0.39 0.92
CA ILE A 23 6.87 -0.41 2.12
C ILE A 23 7.64 -0.97 3.31
N ARG A 24 8.37 -2.06 3.07
CA ARG A 24 9.16 -2.70 4.13
C ARG A 24 10.40 -1.87 4.46
N ASN A 25 10.77 -0.98 3.53
CA ASN A 25 11.95 -0.13 3.73
C ASN A 25 11.54 1.34 3.79
N SER A 26 10.25 1.59 4.00
CA SER A 26 9.73 2.95 4.07
C SER A 26 10.07 3.58 5.42
N LYS A 27 10.13 4.90 5.45
CA LYS A 27 10.43 5.63 6.67
C LYS A 27 9.18 6.26 7.26
N ASP A 28 8.09 6.24 6.50
CA ASP A 28 6.83 6.80 6.95
C ASP A 28 5.69 6.40 6.01
N SER A 29 4.46 6.51 6.51
CA SER A 29 3.28 6.15 5.72
C SER A 29 3.29 6.89 4.38
N TRP A 30 3.74 8.14 4.41
CA TRP A 30 3.79 8.95 3.20
C TRP A 30 4.42 8.18 2.05
N ASP A 31 5.54 7.51 2.33
CA ASP A 31 6.24 6.73 1.32
C ASP A 31 5.42 5.50 0.91
N MET A 32 4.90 4.79 1.91
CA MET A 32 4.10 3.60 1.66
C MET A 32 2.96 3.90 0.70
N LEU A 33 2.03 4.74 1.15
CA LEU A 33 0.88 5.12 0.33
C LEU A 33 1.32 5.86 -0.93
N GLY A 34 2.42 6.61 -0.81
CA GLY A 34 2.93 7.36 -1.94
C GLY A 34 2.34 8.76 -2.03
N VAL A 35 2.19 9.40 -0.88
CA VAL A 35 1.63 10.75 -0.83
C VAL A 35 2.46 11.65 0.07
N LYS A 36 2.08 12.92 0.16
CA LYS A 36 2.79 13.89 0.98
C LYS A 36 2.01 14.18 2.27
N PRO A 37 2.74 14.61 3.32
CA PRO A 37 2.14 14.93 4.61
C PRO A 37 1.28 16.18 4.56
N GLY A 38 0.01 16.04 4.95
CA GLY A 38 -0.90 17.16 4.94
C GLY A 38 -2.12 16.92 4.06
N ALA A 39 -2.06 15.87 3.26
CA ALA A 39 -3.16 15.53 2.37
C ALA A 39 -4.43 15.25 3.15
N SER A 40 -5.57 15.21 2.46
CA SER A 40 -6.86 14.95 3.09
C SER A 40 -7.26 13.49 2.92
N ARG A 41 -8.34 13.10 3.59
CA ARG A 41 -8.82 11.73 3.53
C ARG A 41 -8.99 11.29 2.07
N ASP A 42 -9.53 12.18 1.24
CA ASP A 42 -9.73 11.88 -0.17
C ASP A 42 -8.43 11.48 -0.84
N GLU A 43 -7.38 12.26 -0.59
CA GLU A 43 -6.07 11.99 -1.18
C GLU A 43 -5.51 10.66 -0.68
N VAL A 44 -5.30 10.58 0.63
CA VAL A 44 -4.77 9.36 1.24
C VAL A 44 -5.54 8.13 0.77
N ASN A 45 -6.85 8.27 0.64
CA ASN A 45 -7.70 7.17 0.19
C ASN A 45 -7.46 6.87 -1.29
N LYS A 46 -7.40 7.92 -2.09
CA LYS A 46 -7.17 7.77 -3.53
C LYS A 46 -5.91 6.96 -3.81
N ALA A 47 -4.85 7.26 -3.05
CA ALA A 47 -3.58 6.55 -3.21
C ALA A 47 -3.64 5.17 -2.58
N TYR A 48 -4.30 5.07 -1.43
CA TYR A 48 -4.43 3.80 -0.73
C TYR A 48 -5.16 2.77 -1.58
N ARG A 49 -6.09 3.25 -2.40
CA ARG A 49 -6.86 2.37 -3.28
C ARG A 49 -6.00 1.86 -4.42
N LYS A 50 -5.56 2.76 -5.29
CA LYS A 50 -4.72 2.39 -6.43
C LYS A 50 -3.63 1.43 -6.00
N LEU A 51 -3.08 1.65 -4.81
CA LEU A 51 -2.02 0.79 -4.29
C LEU A 51 -2.56 -0.59 -3.91
N ALA A 52 -3.57 -0.60 -3.04
CA ALA A 52 -4.18 -1.83 -2.60
C ALA A 52 -4.42 -2.79 -3.77
N VAL A 53 -4.99 -2.26 -4.84
CA VAL A 53 -5.27 -3.06 -6.03
C VAL A 53 -3.99 -3.70 -6.57
N LEU A 54 -2.88 -2.99 -6.45
CA LEU A 54 -1.60 -3.49 -6.93
C LEU A 54 -1.04 -4.55 -5.98
N LEU A 55 -1.24 -4.35 -4.69
CA LEU A 55 -0.76 -5.30 -3.69
C LEU A 55 -1.86 -6.31 -3.32
N HIS A 56 -2.96 -6.26 -4.06
CA HIS A 56 -4.07 -7.17 -3.82
C HIS A 56 -3.59 -8.62 -3.78
N PRO A 57 -4.18 -9.42 -2.87
CA PRO A 57 -3.82 -10.83 -2.71
C PRO A 57 -4.28 -11.67 -3.89
N ASP A 58 -5.46 -11.36 -4.43
CA ASP A 58 -6.02 -12.09 -5.56
C ASP A 58 -5.36 -11.64 -6.86
N LYS A 59 -4.51 -10.63 -6.78
CA LYS A 59 -3.82 -10.11 -7.95
C LYS A 59 -2.31 -10.28 -7.81
N CYS A 60 -1.83 -10.32 -6.56
CA CYS A 60 -0.41 -10.47 -6.29
C CYS A 60 -0.16 -11.66 -5.36
N VAL A 61 0.30 -12.77 -5.93
CA VAL A 61 0.58 -13.97 -5.15
C VAL A 61 1.95 -13.89 -4.49
N ALA A 62 2.56 -12.71 -4.55
CA ALA A 62 3.88 -12.50 -3.96
C ALA A 62 3.85 -12.74 -2.45
N PRO A 63 5.01 -13.09 -1.88
CA PRO A 63 5.15 -13.35 -0.44
C PRO A 63 4.99 -12.08 0.39
N GLY A 64 5.56 -10.98 -0.10
CA GLY A 64 5.48 -9.72 0.61
C GLY A 64 4.17 -8.99 0.37
N SER A 65 3.60 -9.20 -0.81
CA SER A 65 2.33 -8.56 -1.17
C SER A 65 1.39 -8.51 0.03
N GLU A 66 1.31 -9.62 0.76
CA GLU A 66 0.44 -9.72 1.93
C GLU A 66 0.88 -8.71 2.99
N ASP A 67 2.18 -8.62 3.24
CA ASP A 67 2.71 -7.70 4.24
C ASP A 67 2.50 -6.26 3.80
N ALA A 68 2.68 -6.00 2.51
CA ALA A 68 2.52 -4.66 1.98
C ALA A 68 1.09 -4.16 2.17
N PHE A 69 0.13 -4.97 1.77
CA PHE A 69 -1.28 -4.61 1.90
C PHE A 69 -1.62 -4.26 3.35
N LYS A 70 -1.09 -5.05 4.28
CA LYS A 70 -1.33 -4.81 5.69
C LYS A 70 -0.73 -3.48 6.14
N ALA A 71 0.52 -3.25 5.80
CA ALA A 71 1.21 -2.01 6.16
C ALA A 71 0.45 -0.80 5.62
N VAL A 72 0.11 -0.85 4.34
CA VAL A 72 -0.61 0.25 3.70
C VAL A 72 -1.78 0.72 4.56
N VAL A 73 -2.64 -0.23 4.94
CA VAL A 73 -3.81 0.08 5.76
C VAL A 73 -3.40 0.80 7.04
N ASN A 74 -2.51 0.16 7.81
CA ASN A 74 -2.03 0.73 9.06
C ASN A 74 -1.44 2.12 8.84
N ALA A 75 -1.02 2.37 7.60
CA ALA A 75 -0.43 3.67 7.25
C ALA A 75 -1.51 4.69 6.91
N ARG A 76 -2.51 4.25 6.15
CA ARG A 76 -3.61 5.14 5.76
C ARG A 76 -4.51 5.44 6.95
N THR A 77 -5.22 4.41 7.43
CA THR A 77 -6.13 4.57 8.56
C THR A 77 -5.48 5.40 9.67
N ALA A 78 -4.18 5.22 9.85
CA ALA A 78 -3.46 5.96 10.88
C ALA A 78 -3.42 7.45 10.57
N LEU A 79 -3.00 7.78 9.35
CA LEU A 79 -2.93 9.18 8.93
C LEU A 79 -4.31 9.83 8.94
N LEU A 80 -5.28 9.16 8.33
CA LEU A 80 -6.65 9.67 8.27
C LEU A 80 -7.06 10.26 9.61
N LYS A 81 -6.78 9.52 10.69
CA LYS A 81 -7.13 9.96 12.04
C LYS A 81 -6.88 11.46 12.19
N ASN A 82 -5.77 11.93 11.62
CA ASN A 82 -5.42 13.35 11.71
C ASN A 82 -6.34 14.19 10.82
N ILE A 83 -6.68 13.65 9.65
CA ILE A 83 -7.55 14.34 8.72
C ILE A 83 -9.00 14.35 9.20
N LYS A 84 -9.53 15.53 9.48
CA LYS A 84 -10.90 15.68 9.95
C LYS A 84 -11.86 15.82 8.78
N SER A 85 -12.56 14.74 8.44
CA SER A 85 -13.51 14.75 7.34
C SER A 85 -14.18 16.12 7.23
N GLY A 86 -14.96 16.47 8.24
CA GLY A 86 -15.66 17.74 8.22
C GLY A 86 -14.71 18.92 8.36
N PRO A 87 -15.07 20.06 7.74
CA PRO A 87 -14.26 21.27 7.78
C PRO A 87 -14.24 21.92 9.16
N SER A 88 -13.41 22.95 9.33
CA SER A 88 -13.30 23.64 10.59
C SER A 88 -14.08 24.97 10.56
N SER A 89 -14.55 25.39 11.72
CA SER A 89 -15.31 26.63 11.82
C SER A 89 -14.63 27.61 12.78
N GLY A 90 -15.14 28.83 12.82
CA GLY A 90 -14.57 29.84 13.70
C GLY A 90 -14.88 29.58 15.16
N GLY A 1 0.44 -25.51 -20.35
CA GLY A 1 0.25 -25.61 -21.78
C GLY A 1 -0.77 -26.67 -22.17
N SER A 2 -0.33 -27.65 -22.95
CA SER A 2 -1.23 -28.73 -23.38
C SER A 2 -2.03 -29.28 -22.21
N SER A 3 -1.35 -29.52 -21.10
CA SER A 3 -2.00 -30.06 -19.91
C SER A 3 -3.16 -29.17 -19.48
N GLY A 4 -2.93 -27.86 -19.46
CA GLY A 4 -3.97 -26.93 -19.07
C GLY A 4 -3.42 -25.58 -18.66
N SER A 5 -4.24 -24.55 -18.71
CA SER A 5 -3.83 -23.20 -18.34
C SER A 5 -4.61 -22.71 -17.13
N SER A 6 -3.94 -21.94 -16.28
CA SER A 6 -4.58 -21.41 -15.07
C SER A 6 -4.17 -19.95 -14.84
N GLY A 7 -5.08 -19.16 -14.28
CA GLY A 7 -4.79 -17.77 -14.02
C GLY A 7 -3.86 -17.58 -12.85
N SER A 8 -4.21 -18.18 -11.71
CA SER A 8 -3.39 -18.07 -10.51
C SER A 8 -1.92 -18.35 -10.81
N SER A 9 -1.69 -19.24 -11.76
CA SER A 9 -0.33 -19.60 -12.15
C SER A 9 0.50 -18.35 -12.45
N ALA A 10 -0.14 -17.37 -13.10
CA ALA A 10 0.55 -16.13 -13.45
C ALA A 10 1.19 -15.49 -12.22
N SER A 11 2.43 -15.03 -12.38
CA SER A 11 3.15 -14.40 -11.29
C SER A 11 2.93 -12.90 -11.28
N PHE A 12 3.51 -12.22 -10.30
CA PHE A 12 3.37 -10.78 -10.17
C PHE A 12 4.32 -10.06 -11.13
N THR A 13 4.24 -8.73 -11.14
CA THR A 13 5.08 -7.92 -12.01
C THR A 13 6.14 -7.17 -11.21
N LYS A 14 6.99 -6.43 -11.91
CA LYS A 14 8.04 -5.66 -11.26
C LYS A 14 7.46 -4.62 -10.32
N GLU A 15 6.53 -3.81 -10.84
CA GLU A 15 5.89 -2.77 -10.04
C GLU A 15 5.53 -3.29 -8.66
N GLN A 16 4.60 -4.25 -8.62
CA GLN A 16 4.17 -4.83 -7.35
C GLN A 16 5.35 -5.06 -6.42
N ALA A 17 6.24 -5.97 -6.81
CA ALA A 17 7.41 -6.29 -6.02
C ALA A 17 8.10 -5.02 -5.53
N ASP A 18 8.30 -4.07 -6.44
CA ASP A 18 8.95 -2.81 -6.10
C ASP A 18 8.14 -2.04 -5.07
N ALA A 19 6.83 -2.31 -5.02
CA ALA A 19 5.94 -1.65 -4.08
C ALA A 19 6.14 -2.17 -2.67
N ILE A 20 6.21 -3.50 -2.54
CA ILE A 20 6.40 -4.13 -1.25
C ILE A 20 7.76 -3.79 -0.66
N ARG A 21 8.81 -4.02 -1.45
CA ARG A 21 10.18 -3.73 -1.01
C ARG A 21 10.27 -2.34 -0.40
N ARG A 22 9.48 -1.41 -0.93
CA ARG A 22 9.48 -0.04 -0.44
C ARG A 22 8.73 0.06 0.89
N ILE A 23 7.49 -0.42 0.89
CA ILE A 23 6.67 -0.38 2.10
C ILE A 23 7.48 -0.80 3.33
N ARG A 24 8.12 -1.95 3.24
CA ARG A 24 8.93 -2.48 4.33
C ARG A 24 10.16 -1.60 4.57
N ASN A 25 10.64 -0.96 3.50
CA ASN A 25 11.81 -0.11 3.58
C ASN A 25 11.40 1.36 3.73
N SER A 26 10.12 1.58 4.03
CA SER A 26 9.60 2.93 4.20
C SER A 26 9.86 3.45 5.61
N LYS A 27 9.74 4.76 5.79
CA LYS A 27 9.96 5.37 7.09
C LYS A 27 8.69 6.01 7.61
N ASP A 28 7.67 6.09 6.76
CA ASP A 28 6.39 6.68 7.14
C ASP A 28 5.31 6.32 6.13
N SER A 29 4.05 6.58 6.50
CA SER A 29 2.92 6.27 5.63
C SER A 29 3.03 7.03 4.31
N TRP A 30 3.56 8.24 4.37
CA TRP A 30 3.72 9.06 3.18
C TRP A 30 4.48 8.31 2.09
N ASP A 31 5.49 7.55 2.51
CA ASP A 31 6.30 6.78 1.56
C ASP A 31 5.50 5.62 0.99
N MET A 32 4.81 4.89 1.87
CA MET A 32 4.00 3.75 1.44
C MET A 32 2.96 4.18 0.42
N LEU A 33 2.00 5.00 0.86
CA LEU A 33 0.94 5.48 -0.03
C LEU A 33 1.51 6.41 -1.10
N GLY A 34 2.61 7.07 -0.78
CA GLY A 34 3.24 7.98 -1.73
C GLY A 34 2.52 9.30 -1.82
N VAL A 35 2.11 9.83 -0.67
CA VAL A 35 1.40 11.11 -0.62
C VAL A 35 2.02 12.03 0.43
N LYS A 36 2.07 13.32 0.12
CA LYS A 36 2.63 14.30 1.03
C LYS A 36 1.97 14.20 2.41
N PRO A 37 2.72 14.60 3.45
CA PRO A 37 2.23 14.56 4.83
C PRO A 37 1.14 15.60 5.09
N GLY A 38 0.80 16.35 4.05
CA GLY A 38 -0.23 17.37 4.18
C GLY A 38 -1.45 17.08 3.33
N ALA A 39 -1.64 15.81 3.00
CA ALA A 39 -2.78 15.40 2.18
C ALA A 39 -4.05 15.35 3.00
N SER A 40 -5.17 15.02 2.34
CA SER A 40 -6.46 14.93 3.01
C SER A 40 -6.97 13.50 3.03
N ARG A 41 -8.04 13.27 3.78
CA ARG A 41 -8.63 11.93 3.88
C ARG A 41 -8.91 11.36 2.49
N ASP A 42 -9.41 12.20 1.59
CA ASP A 42 -9.71 11.77 0.24
C ASP A 42 -8.45 11.34 -0.50
N GLU A 43 -7.41 12.18 -0.44
CA GLU A 43 -6.15 11.90 -1.10
C GLU A 43 -5.54 10.59 -0.57
N VAL A 44 -5.46 10.49 0.75
CA VAL A 44 -4.91 9.30 1.39
C VAL A 44 -5.58 8.03 0.89
N ASN A 45 -6.89 8.12 0.68
CA ASN A 45 -7.66 6.98 0.20
C ASN A 45 -7.40 6.74 -1.29
N LYS A 46 -7.33 7.81 -2.06
CA LYS A 46 -7.08 7.72 -3.49
C LYS A 46 -5.79 6.93 -3.77
N ALA A 47 -4.74 7.26 -3.03
CA ALA A 47 -3.46 6.59 -3.19
C ALA A 47 -3.49 5.18 -2.60
N TYR A 48 -4.21 5.03 -1.49
CA TYR A 48 -4.31 3.74 -0.83
C TYR A 48 -5.04 2.72 -1.71
N ARG A 49 -6.06 3.19 -2.42
CA ARG A 49 -6.84 2.34 -3.31
C ARG A 49 -5.96 1.80 -4.43
N LYS A 50 -5.46 2.71 -5.27
CA LYS A 50 -4.61 2.33 -6.39
C LYS A 50 -3.52 1.36 -5.95
N LEU A 51 -3.00 1.57 -4.75
CA LEU A 51 -1.96 0.70 -4.20
C LEU A 51 -2.52 -0.66 -3.81
N ALA A 52 -3.56 -0.65 -2.99
CA ALA A 52 -4.20 -1.88 -2.55
C ALA A 52 -4.37 -2.85 -3.70
N VAL A 53 -4.92 -2.36 -4.81
CA VAL A 53 -5.15 -3.19 -5.98
C VAL A 53 -3.85 -3.80 -6.49
N LEU A 54 -2.75 -3.07 -6.33
CA LEU A 54 -1.44 -3.53 -6.76
C LEU A 54 -0.90 -4.58 -5.80
N LEU A 55 -1.14 -4.38 -4.50
CA LEU A 55 -0.67 -5.30 -3.48
C LEU A 55 -1.76 -6.30 -3.10
N HIS A 56 -2.87 -6.26 -3.84
CA HIS A 56 -3.99 -7.16 -3.59
C HIS A 56 -3.51 -8.62 -3.54
N PRO A 57 -4.12 -9.39 -2.63
CA PRO A 57 -3.78 -10.81 -2.46
C PRO A 57 -4.23 -11.67 -3.64
N ASP A 58 -5.34 -11.29 -4.24
CA ASP A 58 -5.89 -12.02 -5.39
C ASP A 58 -5.29 -11.49 -6.70
N LYS A 59 -4.43 -10.48 -6.59
CA LYS A 59 -3.80 -9.89 -7.76
C LYS A 59 -2.29 -10.07 -7.71
N CYS A 60 -1.74 -10.12 -6.50
CA CYS A 60 -0.30 -10.28 -6.32
C CYS A 60 0.00 -11.52 -5.48
N VAL A 61 0.44 -12.59 -6.13
CA VAL A 61 0.75 -13.83 -5.43
C VAL A 61 2.16 -13.78 -4.84
N ALA A 62 2.72 -12.59 -4.76
CA ALA A 62 4.05 -12.39 -4.20
C ALA A 62 4.08 -12.73 -2.72
N PRO A 63 5.26 -13.14 -2.23
CA PRO A 63 5.45 -13.50 -0.81
C PRO A 63 5.36 -12.28 0.11
N GLY A 64 5.66 -11.11 -0.43
CA GLY A 64 5.61 -9.89 0.36
C GLY A 64 4.31 -9.13 0.18
N SER A 65 3.70 -9.30 -1.00
CA SER A 65 2.45 -8.62 -1.30
C SER A 65 1.52 -8.61 -0.09
N GLU A 66 1.57 -9.69 0.69
CA GLU A 66 0.73 -9.80 1.87
C GLU A 66 1.07 -8.71 2.89
N ASP A 67 2.29 -8.77 3.42
CA ASP A 67 2.73 -7.79 4.41
C ASP A 67 2.48 -6.36 3.90
N ALA A 68 2.79 -6.13 2.63
CA ALA A 68 2.60 -4.82 2.03
C ALA A 68 1.20 -4.29 2.29
N PHE A 69 0.20 -5.05 1.86
CA PHE A 69 -1.20 -4.66 2.04
C PHE A 69 -1.46 -4.27 3.49
N LYS A 70 -0.98 -5.09 4.42
CA LYS A 70 -1.16 -4.84 5.85
C LYS A 70 -0.59 -3.47 6.22
N ALA A 71 0.62 -3.20 5.75
CA ALA A 71 1.28 -1.92 6.05
C ALA A 71 0.44 -0.74 5.55
N VAL A 72 0.02 -0.81 4.29
CA VAL A 72 -0.77 0.25 3.69
C VAL A 72 -1.89 0.68 4.63
N VAL A 73 -2.70 -0.28 5.07
CA VAL A 73 -3.81 0.01 5.98
C VAL A 73 -3.34 0.79 7.19
N ASN A 74 -2.38 0.23 7.92
CA ASN A 74 -1.84 0.88 9.11
C ASN A 74 -1.45 2.33 8.80
N ALA A 75 -0.95 2.56 7.60
CA ALA A 75 -0.53 3.89 7.18
C ALA A 75 -1.74 4.79 6.93
N ARG A 76 -2.56 4.42 5.94
CA ARG A 76 -3.74 5.19 5.61
C ARG A 76 -4.64 5.37 6.83
N THR A 77 -5.18 4.27 7.33
CA THR A 77 -6.06 4.30 8.49
C THR A 77 -5.52 5.25 9.55
N ALA A 78 -4.21 5.25 9.73
CA ALA A 78 -3.58 6.12 10.72
C ALA A 78 -3.68 7.58 10.31
N LEU A 79 -3.16 7.90 9.12
CA LEU A 79 -3.19 9.26 8.61
C LEU A 79 -4.58 9.86 8.74
N LEU A 80 -5.58 9.16 8.19
CA LEU A 80 -6.96 9.62 8.25
C LEU A 80 -7.30 10.18 9.63
N LYS A 81 -7.02 9.38 10.66
CA LYS A 81 -7.29 9.79 12.03
C LYS A 81 -6.94 11.27 12.23
N ASN A 82 -5.85 11.71 11.63
CA ASN A 82 -5.41 13.09 11.75
C ASN A 82 -6.35 14.03 10.98
N ILE A 83 -6.83 13.55 9.83
CA ILE A 83 -7.74 14.33 9.00
C ILE A 83 -9.15 14.31 9.56
N LYS A 84 -9.75 13.12 9.60
CA LYS A 84 -11.11 12.95 10.11
C LYS A 84 -12.07 13.87 9.37
N SER A 85 -11.93 13.95 8.06
CA SER A 85 -12.79 14.80 7.24
C SER A 85 -14.25 14.34 7.34
N GLY A 86 -15.12 15.28 7.70
CA GLY A 86 -16.53 14.96 7.83
C GLY A 86 -17.33 16.10 8.42
N PRO A 87 -17.87 15.89 9.64
CA PRO A 87 -18.67 16.91 10.33
C PRO A 87 -17.82 18.09 10.80
N SER A 88 -16.51 17.91 10.79
CA SER A 88 -15.60 18.96 11.22
C SER A 88 -14.85 19.55 10.03
N SER A 89 -14.33 20.76 10.19
CA SER A 89 -13.59 21.44 9.13
C SER A 89 -12.49 20.53 8.58
N GLY A 90 -11.58 20.11 9.46
CA GLY A 90 -10.49 19.25 9.04
C GLY A 90 -9.97 19.60 7.66
N GLY A 1 11.79 -19.46 -10.03
CA GLY A 1 10.93 -18.51 -10.70
C GLY A 1 10.64 -18.91 -12.14
N SER A 2 11.05 -18.08 -13.09
CA SER A 2 10.82 -18.35 -14.50
C SER A 2 9.35 -18.64 -14.76
N SER A 3 8.48 -17.88 -14.10
CA SER A 3 7.04 -18.05 -14.27
C SER A 3 6.56 -17.45 -15.58
N GLY A 4 5.47 -18.00 -16.12
CA GLY A 4 4.93 -17.50 -17.37
C GLY A 4 3.68 -18.24 -17.80
N SER A 5 2.85 -18.61 -16.82
CA SER A 5 1.62 -19.34 -17.11
C SER A 5 0.64 -18.46 -17.88
N SER A 6 0.45 -17.24 -17.41
CA SER A 6 -0.46 -16.29 -18.05
C SER A 6 -1.84 -16.92 -18.24
N GLY A 7 -2.27 -17.70 -17.25
CA GLY A 7 -3.57 -18.34 -17.33
C GLY A 7 -4.42 -18.09 -16.11
N SER A 8 -4.89 -19.16 -15.48
CA SER A 8 -5.72 -19.04 -14.28
C SER A 8 -5.00 -18.29 -13.18
N SER A 9 -3.73 -18.64 -12.97
CA SER A 9 -2.92 -18.01 -11.94
C SER A 9 -1.58 -17.55 -12.51
N ALA A 10 -1.37 -16.23 -12.53
CA ALA A 10 -0.13 -15.67 -13.05
C ALA A 10 0.65 -14.97 -11.95
N SER A 11 1.97 -15.08 -12.00
CA SER A 11 2.84 -14.47 -11.00
C SER A 11 2.68 -12.95 -11.02
N PHE A 12 3.39 -12.28 -10.12
CA PHE A 12 3.34 -10.83 -10.03
C PHE A 12 4.36 -10.18 -10.96
N THR A 13 4.33 -8.86 -11.05
CA THR A 13 5.25 -8.12 -11.91
C THR A 13 6.26 -7.34 -11.08
N LYS A 14 7.21 -6.71 -11.77
CA LYS A 14 8.24 -5.93 -11.11
C LYS A 14 7.64 -4.78 -10.32
N GLU A 15 6.63 -4.13 -10.90
CA GLU A 15 5.96 -3.01 -10.26
C GLU A 15 5.53 -3.37 -8.84
N GLN A 16 4.63 -4.36 -8.75
CA GLN A 16 4.13 -4.81 -7.45
C GLN A 16 5.28 -5.02 -6.47
N ALA A 17 6.17 -5.96 -6.80
CA ALA A 17 7.31 -6.26 -5.95
C ALA A 17 8.05 -4.99 -5.56
N ASP A 18 8.25 -4.09 -6.52
CA ASP A 18 8.94 -2.84 -6.28
C ASP A 18 8.23 -2.02 -5.21
N ALA A 19 6.94 -2.26 -5.05
CA ALA A 19 6.14 -1.55 -4.06
C ALA A 19 6.39 -2.10 -2.65
N ILE A 20 6.24 -3.40 -2.50
CA ILE A 20 6.45 -4.05 -1.21
C ILE A 20 7.81 -3.69 -0.63
N ARG A 21 8.86 -3.89 -1.41
CA ARG A 21 10.21 -3.58 -0.98
C ARG A 21 10.27 -2.21 -0.32
N ARG A 22 9.48 -1.27 -0.85
CA ARG A 22 9.45 0.08 -0.32
C ARG A 22 8.69 0.12 1.01
N ILE A 23 7.52 -0.51 1.04
CA ILE A 23 6.71 -0.54 2.26
C ILE A 23 7.51 -1.06 3.45
N ARG A 24 8.27 -2.12 3.23
CA ARG A 24 9.08 -2.71 4.28
C ARG A 24 10.31 -1.85 4.57
N ASN A 25 10.79 -1.17 3.54
CA ASN A 25 11.96 -0.30 3.69
C ASN A 25 11.55 1.16 3.80
N SER A 26 10.27 1.39 4.11
CA SER A 26 9.74 2.74 4.24
C SER A 26 10.09 3.32 5.60
N LYS A 27 10.21 4.65 5.65
CA LYS A 27 10.53 5.34 6.89
C LYS A 27 9.33 6.11 7.42
N ASP A 28 8.22 6.03 6.70
CA ASP A 28 6.99 6.71 7.10
C ASP A 28 5.81 6.24 6.26
N SER A 29 4.62 6.73 6.59
CA SER A 29 3.41 6.35 5.89
C SER A 29 3.37 6.97 4.50
N TRP A 30 3.77 8.24 4.41
CA TRP A 30 3.79 8.96 3.14
C TRP A 30 4.50 8.15 2.07
N ASP A 31 5.57 7.45 2.46
CA ASP A 31 6.33 6.64 1.53
C ASP A 31 5.53 5.42 1.09
N MET A 32 4.91 4.75 2.05
CA MET A 32 4.11 3.57 1.76
C MET A 32 2.98 3.90 0.79
N LEU A 33 2.03 4.70 1.25
CA LEU A 33 0.90 5.11 0.42
C LEU A 33 1.36 5.87 -0.81
N GLY A 34 2.44 6.64 -0.65
CA GLY A 34 2.97 7.41 -1.76
C GLY A 34 2.31 8.77 -1.89
N VAL A 35 1.93 9.35 -0.75
CA VAL A 35 1.29 10.66 -0.75
C VAL A 35 2.12 11.68 0.01
N LYS A 36 1.68 12.92 -0.01
CA LYS A 36 2.37 14.01 0.68
C LYS A 36 1.71 14.33 2.01
N PRO A 37 2.50 14.83 2.97
CA PRO A 37 2.01 15.20 4.30
C PRO A 37 1.11 16.43 4.26
N GLY A 38 -0.15 16.25 4.63
CA GLY A 38 -1.09 17.35 4.64
C GLY A 38 -2.34 17.06 3.83
N ALA A 39 -2.27 16.03 2.99
CA ALA A 39 -3.40 15.64 2.16
C ALA A 39 -4.64 15.35 3.01
N SER A 40 -5.77 15.19 2.35
CA SER A 40 -7.03 14.91 3.04
C SER A 40 -7.44 13.45 2.84
N ARG A 41 -8.50 13.04 3.54
CA ARG A 41 -9.00 11.68 3.42
C ARG A 41 -9.13 11.26 1.96
N ASP A 42 -9.64 12.17 1.14
CA ASP A 42 -9.82 11.89 -0.28
C ASP A 42 -8.50 11.46 -0.92
N GLU A 43 -7.44 12.18 -0.61
CA GLU A 43 -6.11 11.86 -1.16
C GLU A 43 -5.62 10.53 -0.63
N VAL A 44 -5.45 10.44 0.68
CA VAL A 44 -4.98 9.21 1.32
C VAL A 44 -5.71 7.99 0.78
N ASN A 45 -7.02 8.14 0.57
CA ASN A 45 -7.85 7.06 0.05
C ASN A 45 -7.56 6.81 -1.43
N LYS A 46 -7.45 7.89 -2.19
CA LYS A 46 -7.18 7.80 -3.62
C LYS A 46 -5.88 7.04 -3.87
N ALA A 47 -4.81 7.45 -3.19
CA ALA A 47 -3.51 6.82 -3.35
C ALA A 47 -3.53 5.40 -2.77
N TYR A 48 -4.11 5.26 -1.59
CA TYR A 48 -4.18 3.97 -0.92
C TYR A 48 -4.83 2.93 -1.83
N ARG A 49 -5.88 3.33 -2.53
CA ARG A 49 -6.58 2.43 -3.44
C ARG A 49 -5.65 1.95 -4.55
N LYS A 50 -5.09 2.89 -5.30
CA LYS A 50 -4.18 2.56 -6.38
C LYS A 50 -3.14 1.53 -5.95
N LEU A 51 -2.58 1.74 -4.77
CA LEU A 51 -1.58 0.83 -4.22
C LEU A 51 -2.19 -0.52 -3.87
N ALA A 52 -3.21 -0.50 -3.02
CA ALA A 52 -3.89 -1.72 -2.60
C ALA A 52 -4.18 -2.62 -3.81
N VAL A 53 -4.67 -2.02 -4.88
CA VAL A 53 -4.99 -2.77 -6.09
C VAL A 53 -3.76 -3.44 -6.65
N LEU A 54 -2.61 -2.79 -6.52
CA LEU A 54 -1.35 -3.34 -7.02
C LEU A 54 -0.80 -4.40 -6.06
N LEU A 55 -1.09 -4.23 -4.77
CA LEU A 55 -0.62 -5.18 -3.76
C LEU A 55 -1.74 -6.14 -3.36
N HIS A 56 -2.85 -6.08 -4.09
CA HIS A 56 -3.99 -6.96 -3.81
C HIS A 56 -3.56 -8.41 -3.75
N PRO A 57 -4.17 -9.17 -2.83
CA PRO A 57 -3.86 -10.59 -2.65
C PRO A 57 -4.34 -11.44 -3.82
N ASP A 58 -5.53 -11.12 -4.33
CA ASP A 58 -6.11 -11.86 -5.44
C ASP A 58 -5.48 -11.43 -6.76
N LYS A 59 -4.58 -10.45 -6.69
CA LYS A 59 -3.90 -9.95 -7.88
C LYS A 59 -2.39 -10.18 -7.78
N CYS A 60 -1.87 -10.18 -6.56
CA CYS A 60 -0.44 -10.39 -6.33
C CYS A 60 -0.21 -11.55 -5.37
N VAL A 61 0.20 -12.69 -5.94
CA VAL A 61 0.46 -13.88 -5.13
C VAL A 61 1.87 -13.85 -4.54
N ALA A 62 2.48 -12.67 -4.56
CA ALA A 62 3.83 -12.51 -4.02
C ALA A 62 3.86 -12.78 -2.52
N PRO A 63 5.03 -13.18 -2.02
CA PRO A 63 5.22 -13.48 -0.59
C PRO A 63 5.15 -12.23 0.28
N GLY A 64 5.55 -11.10 -0.29
CA GLY A 64 5.53 -9.85 0.45
C GLY A 64 4.26 -9.06 0.21
N SER A 65 3.67 -9.21 -0.97
CA SER A 65 2.46 -8.50 -1.32
C SER A 65 1.47 -8.50 -0.15
N GLU A 66 1.46 -9.60 0.60
CA GLU A 66 0.57 -9.73 1.75
C GLU A 66 0.94 -8.73 2.85
N ASP A 67 2.20 -8.77 3.27
CA ASP A 67 2.69 -7.87 4.31
C ASP A 67 2.59 -6.42 3.87
N ALA A 68 2.73 -6.19 2.56
CA ALA A 68 2.66 -4.85 2.01
C ALA A 68 1.29 -4.23 2.27
N PHE A 69 0.24 -4.89 1.80
CA PHE A 69 -1.12 -4.40 1.99
C PHE A 69 -1.39 -4.09 3.46
N LYS A 70 -1.10 -5.06 4.32
CA LYS A 70 -1.30 -4.89 5.76
C LYS A 70 -0.76 -3.55 6.24
N ALA A 71 0.50 -3.27 5.90
CA ALA A 71 1.13 -2.03 6.29
C ALA A 71 0.35 -0.82 5.79
N VAL A 72 0.07 -0.80 4.49
CA VAL A 72 -0.68 0.29 3.88
C VAL A 72 -1.83 0.73 4.78
N VAL A 73 -2.54 -0.24 5.34
CA VAL A 73 -3.67 0.04 6.22
C VAL A 73 -3.21 0.81 7.46
N ASN A 74 -2.24 0.26 8.16
CA ASN A 74 -1.71 0.88 9.37
C ASN A 74 -1.27 2.32 9.09
N ALA A 75 -0.76 2.54 7.88
CA ALA A 75 -0.29 3.87 7.48
C ALA A 75 -1.46 4.75 7.05
N ARG A 76 -2.44 4.14 6.39
CA ARG A 76 -3.61 4.87 5.92
C ARG A 76 -4.52 5.24 7.08
N THR A 77 -5.05 4.23 7.77
CA THR A 77 -5.94 4.45 8.89
C THR A 77 -5.34 5.43 9.88
N ALA A 78 -4.06 5.26 10.19
CA ALA A 78 -3.36 6.14 11.11
C ALA A 78 -3.41 7.59 10.65
N LEU A 79 -3.13 7.80 9.36
CA LEU A 79 -3.14 9.15 8.79
C LEU A 79 -4.55 9.73 8.79
N LEU A 80 -5.51 8.95 8.31
CA LEU A 80 -6.91 9.39 8.26
C LEU A 80 -7.33 9.97 9.61
N LYS A 81 -6.99 9.27 10.69
CA LYS A 81 -7.34 9.72 12.03
C LYS A 81 -6.97 11.19 12.23
N ASN A 82 -5.78 11.56 11.75
CA ASN A 82 -5.30 12.93 11.88
C ASN A 82 -6.09 13.86 10.97
N ILE A 83 -6.52 13.34 9.82
CA ILE A 83 -7.28 14.12 8.86
C ILE A 83 -8.47 14.81 9.53
N LYS A 84 -8.78 16.02 9.09
CA LYS A 84 -9.90 16.78 9.64
C LYS A 84 -11.16 15.93 9.69
N SER A 85 -11.50 15.32 8.56
CA SER A 85 -12.69 14.48 8.47
C SER A 85 -12.93 13.75 9.78
N GLY A 86 -11.92 13.01 10.24
CA GLY A 86 -12.05 12.27 11.48
C GLY A 86 -12.72 13.07 12.58
N PRO A 87 -13.81 12.53 13.13
CA PRO A 87 -14.57 13.19 14.19
C PRO A 87 -13.81 13.23 15.51
N SER A 88 -12.58 12.74 15.49
CA SER A 88 -11.74 12.72 16.68
C SER A 88 -10.69 13.84 16.63
N SER A 89 -10.15 14.19 17.79
CA SER A 89 -9.14 15.24 17.88
C SER A 89 -7.94 14.77 18.70
N GLY A 90 -6.74 15.03 18.19
CA GLY A 90 -5.53 14.65 18.88
C GLY A 90 -4.43 15.67 18.74
N GLY A 1 18.04 -15.41 2.59
CA GLY A 1 18.15 -16.11 1.33
C GLY A 1 19.13 -15.45 0.38
N SER A 2 20.42 -15.52 0.71
CA SER A 2 21.47 -14.93 -0.11
C SER A 2 21.57 -15.63 -1.45
N SER A 3 21.70 -16.96 -1.41
CA SER A 3 21.81 -17.76 -2.62
C SER A 3 20.55 -17.65 -3.47
N GLY A 4 19.40 -17.81 -2.82
CA GLY A 4 18.14 -17.73 -3.54
C GLY A 4 17.38 -19.05 -3.54
N SER A 5 16.11 -19.02 -3.18
CA SER A 5 15.29 -20.22 -3.15
C SER A 5 14.58 -20.43 -4.48
N SER A 6 13.93 -21.58 -4.63
CA SER A 6 13.22 -21.91 -5.85
C SER A 6 11.79 -21.40 -5.81
N GLY A 7 11.27 -20.99 -6.96
CA GLY A 7 9.91 -20.49 -7.03
C GLY A 7 9.43 -20.31 -8.46
N SER A 8 8.34 -19.56 -8.62
CA SER A 8 7.78 -19.32 -9.95
C SER A 8 8.47 -18.15 -10.63
N SER A 9 8.82 -18.34 -11.90
CA SER A 9 9.50 -17.30 -12.67
C SER A 9 8.50 -16.29 -13.22
N ALA A 10 8.78 -15.00 -13.01
CA ALA A 10 7.91 -13.95 -13.49
C ALA A 10 6.52 -14.04 -12.84
N SER A 11 6.50 -14.34 -11.54
CA SER A 11 5.25 -14.46 -10.81
C SER A 11 4.51 -13.12 -10.78
N PHE A 12 5.22 -12.07 -10.37
CA PHE A 12 4.62 -10.75 -10.29
C PHE A 12 5.37 -9.76 -11.20
N THR A 13 4.88 -8.53 -11.24
CA THR A 13 5.50 -7.49 -12.07
C THR A 13 6.45 -6.63 -11.25
N LYS A 14 7.41 -6.01 -11.93
CA LYS A 14 8.38 -5.15 -11.27
C LYS A 14 7.69 -4.12 -10.39
N GLU A 15 6.63 -3.51 -10.93
CA GLU A 15 5.88 -2.50 -10.19
C GLU A 15 5.50 -3.01 -8.80
N GLN A 16 4.79 -4.13 -8.76
CA GLN A 16 4.37 -4.72 -7.50
C GLN A 16 5.56 -4.88 -6.55
N ALA A 17 6.51 -5.71 -6.94
CA ALA A 17 7.71 -5.95 -6.14
C ALA A 17 8.32 -4.65 -5.65
N ASP A 18 8.42 -3.67 -6.55
CA ASP A 18 8.98 -2.37 -6.20
C ASP A 18 8.17 -1.69 -5.11
N ALA A 19 6.90 -2.08 -5.00
CA ALA A 19 6.01 -1.52 -3.99
C ALA A 19 6.29 -2.11 -2.61
N ILE A 20 6.31 -3.43 -2.54
CA ILE A 20 6.56 -4.12 -1.28
C ILE A 20 7.95 -3.78 -0.74
N ARG A 21 8.95 -3.84 -1.60
CA ARG A 21 10.32 -3.54 -1.21
C ARG A 21 10.41 -2.18 -0.53
N ARG A 22 9.52 -1.27 -0.93
CA ARG A 22 9.48 0.07 -0.34
C ARG A 22 8.74 0.08 0.98
N ILE A 23 7.50 -0.40 0.97
CA ILE A 23 6.68 -0.45 2.17
C ILE A 23 7.50 -0.95 3.37
N ARG A 24 8.32 -1.97 3.14
CA ARG A 24 9.15 -2.54 4.20
C ARG A 24 10.36 -1.65 4.46
N ASN A 25 10.79 -0.92 3.43
CA ASN A 25 11.94 -0.05 3.55
C ASN A 25 11.50 1.40 3.76
N SER A 26 10.22 1.58 4.07
CA SER A 26 9.67 2.91 4.29
C SER A 26 9.90 3.36 5.73
N LYS A 27 9.86 4.66 5.96
CA LYS A 27 10.06 5.22 7.28
C LYS A 27 8.77 5.87 7.80
N ASP A 28 7.75 5.92 6.95
CA ASP A 28 6.47 6.50 7.32
C ASP A 28 5.38 6.10 6.33
N SER A 29 4.14 6.42 6.67
CA SER A 29 3.01 6.09 5.81
C SER A 29 3.09 6.82 4.48
N TRP A 30 3.48 8.09 4.53
CA TRP A 30 3.60 8.90 3.33
C TRP A 30 4.39 8.17 2.25
N ASP A 31 5.45 7.49 2.66
CA ASP A 31 6.29 6.74 1.74
C ASP A 31 5.52 5.57 1.14
N MET A 32 4.82 4.82 1.99
CA MET A 32 4.05 3.67 1.56
C MET A 32 3.00 4.08 0.53
N LEU A 33 2.02 4.87 0.97
CA LEU A 33 0.96 5.33 0.10
C LEU A 33 1.51 6.24 -1.00
N GLY A 34 2.58 6.97 -0.68
CA GLY A 34 3.19 7.87 -1.65
C GLY A 34 2.46 9.19 -1.75
N VAL A 35 2.03 9.71 -0.61
CA VAL A 35 1.30 10.98 -0.58
C VAL A 35 1.86 11.91 0.50
N LYS A 36 1.98 13.20 0.16
CA LYS A 36 2.51 14.18 1.10
C LYS A 36 1.76 14.11 2.43
N PRO A 37 2.45 14.53 3.51
CA PRO A 37 1.87 14.52 4.85
C PRO A 37 0.77 15.58 5.03
N GLY A 38 0.70 16.50 4.07
CA GLY A 38 -0.30 17.54 4.12
C GLY A 38 -1.51 17.25 3.25
N ALA A 39 -1.66 15.99 2.87
CA ALA A 39 -2.78 15.58 2.03
C ALA A 39 -4.09 15.57 2.82
N SER A 40 -5.16 15.13 2.15
CA SER A 40 -6.47 15.07 2.80
C SER A 40 -7.05 13.66 2.73
N ARG A 41 -8.19 13.46 3.38
CA ARG A 41 -8.84 12.17 3.40
C ARG A 41 -9.29 11.76 2.00
N ASP A 42 -9.12 12.67 1.05
CA ASP A 42 -9.51 12.41 -0.33
C ASP A 42 -8.33 11.87 -1.13
N GLU A 43 -7.13 12.26 -0.73
CA GLU A 43 -5.92 11.81 -1.41
C GLU A 43 -5.42 10.48 -0.85
N VAL A 44 -5.32 10.40 0.48
CA VAL A 44 -4.87 9.19 1.15
C VAL A 44 -5.77 8.01 0.82
N ASN A 45 -7.05 8.30 0.60
CA ASN A 45 -8.03 7.25 0.27
C ASN A 45 -7.91 6.85 -1.20
N LYS A 46 -7.64 7.82 -2.06
CA LYS A 46 -7.51 7.57 -3.49
C LYS A 46 -6.21 6.83 -3.78
N ALA A 47 -5.13 7.27 -3.14
CA ALA A 47 -3.82 6.66 -3.34
C ALA A 47 -3.79 5.25 -2.75
N TYR A 48 -4.41 5.09 -1.59
CA TYR A 48 -4.44 3.79 -0.92
C TYR A 48 -5.12 2.74 -1.80
N ARG A 49 -6.18 3.15 -2.49
CA ARG A 49 -6.90 2.24 -3.36
C ARG A 49 -6.01 1.73 -4.49
N LYS A 50 -5.56 2.65 -5.34
CA LYS A 50 -4.69 2.31 -6.46
C LYS A 50 -3.59 1.34 -6.02
N LEU A 51 -3.14 1.51 -4.78
CA LEU A 51 -2.08 0.66 -4.24
C LEU A 51 -2.64 -0.71 -3.85
N ALA A 52 -3.65 -0.72 -2.99
CA ALA A 52 -4.27 -1.96 -2.54
C ALA A 52 -4.45 -2.93 -3.70
N VAL A 53 -4.93 -2.41 -4.83
CA VAL A 53 -5.16 -3.24 -6.01
C VAL A 53 -3.86 -3.86 -6.50
N LEU A 54 -2.78 -3.09 -6.44
CA LEU A 54 -1.47 -3.57 -6.87
C LEU A 54 -0.91 -4.60 -5.89
N LEU A 55 -1.17 -4.39 -4.60
CA LEU A 55 -0.69 -5.29 -3.57
C LEU A 55 -1.79 -6.27 -3.16
N HIS A 56 -2.90 -6.24 -3.88
CA HIS A 56 -4.03 -7.12 -3.60
C HIS A 56 -3.57 -8.58 -3.54
N PRO A 57 -4.15 -9.34 -2.60
CA PRO A 57 -3.81 -10.76 -2.42
C PRO A 57 -4.30 -11.62 -3.57
N ASP A 58 -5.43 -11.24 -4.16
CA ASP A 58 -6.01 -11.97 -5.27
C ASP A 58 -5.42 -11.51 -6.59
N LYS A 59 -4.54 -10.51 -6.53
CA LYS A 59 -3.90 -9.98 -7.72
C LYS A 59 -2.39 -10.17 -7.67
N CYS A 60 -1.86 -10.21 -6.45
CA CYS A 60 -0.42 -10.40 -6.26
C CYS A 60 -0.14 -11.59 -5.35
N VAL A 61 0.29 -12.70 -5.96
CA VAL A 61 0.59 -13.91 -5.21
C VAL A 61 1.98 -13.84 -4.60
N ALA A 62 2.60 -12.68 -4.69
CA ALA A 62 3.94 -12.48 -4.14
C ALA A 62 3.97 -12.77 -2.64
N PRO A 63 5.15 -13.12 -2.13
CA PRO A 63 5.35 -13.43 -0.71
C PRO A 63 5.23 -12.20 0.17
N GLY A 64 5.77 -11.08 -0.31
CA GLY A 64 5.72 -9.84 0.44
C GLY A 64 4.44 -9.08 0.22
N SER A 65 3.82 -9.28 -0.93
CA SER A 65 2.58 -8.60 -1.28
C SER A 65 1.63 -8.57 -0.08
N GLU A 66 1.49 -9.72 0.58
CA GLU A 66 0.62 -9.84 1.74
C GLU A 66 0.99 -8.82 2.80
N ASP A 67 2.23 -8.87 3.26
CA ASP A 67 2.72 -7.95 4.28
C ASP A 67 2.55 -6.50 3.83
N ALA A 68 2.78 -6.27 2.54
CA ALA A 68 2.65 -4.93 1.98
C ALA A 68 1.28 -4.33 2.26
N PHE A 69 0.24 -5.04 1.86
CA PHE A 69 -1.14 -4.58 2.08
C PHE A 69 -1.37 -4.24 3.54
N LYS A 70 -0.97 -5.15 4.42
CA LYS A 70 -1.12 -4.94 5.86
C LYS A 70 -0.56 -3.60 6.28
N ALA A 71 0.65 -3.29 5.83
CA ALA A 71 1.30 -2.03 6.16
C ALA A 71 0.48 -0.85 5.68
N VAL A 72 0.05 -0.90 4.43
CA VAL A 72 -0.76 0.17 3.84
C VAL A 72 -1.89 0.59 4.78
N VAL A 73 -2.71 -0.38 5.19
CA VAL A 73 -3.81 -0.11 6.10
C VAL A 73 -3.35 0.66 7.32
N ASN A 74 -2.39 0.07 8.05
CA ASN A 74 -1.86 0.70 9.26
C ASN A 74 -1.44 2.13 8.98
N ALA A 75 -0.95 2.38 7.78
CA ALA A 75 -0.50 3.72 7.38
C ALA A 75 -1.69 4.63 7.10
N ARG A 76 -2.45 4.31 6.05
CA ARG A 76 -3.62 5.10 5.68
C ARG A 76 -4.50 5.37 6.90
N THR A 77 -5.12 4.32 7.41
CA THR A 77 -6.00 4.43 8.57
C THR A 77 -5.40 5.36 9.62
N ALA A 78 -4.11 5.18 9.89
CA ALA A 78 -3.42 6.00 10.87
C ALA A 78 -3.41 7.47 10.46
N LEU A 79 -2.85 7.76 9.29
CA LEU A 79 -2.78 9.12 8.78
C LEU A 79 -4.14 9.80 8.87
N LEU A 80 -5.15 9.18 8.29
CA LEU A 80 -6.50 9.72 8.30
C LEU A 80 -6.90 10.16 9.71
N LYS A 81 -6.81 9.22 10.66
CA LYS A 81 -7.15 9.51 12.04
C LYS A 81 -6.64 10.88 12.46
N ASN A 82 -5.41 11.20 12.04
CA ASN A 82 -4.81 12.48 12.38
C ASN A 82 -5.40 13.61 11.53
N ILE A 83 -5.75 13.28 10.30
CA ILE A 83 -6.33 14.27 9.39
C ILE A 83 -7.76 14.61 9.80
N LYS A 84 -7.94 15.80 10.33
CA LYS A 84 -9.26 16.26 10.76
C LYS A 84 -9.73 17.44 9.91
N SER A 85 -10.91 17.30 9.31
CA SER A 85 -11.47 18.34 8.48
C SER A 85 -12.39 19.26 9.29
N GLY A 86 -13.47 18.68 9.81
CA GLY A 86 -14.41 19.45 10.60
C GLY A 86 -15.22 18.58 11.54
N PRO A 87 -14.66 18.29 12.72
CA PRO A 87 -15.33 17.46 13.73
C PRO A 87 -16.53 18.16 14.36
N SER A 88 -16.81 19.38 13.89
CA SER A 88 -17.93 20.15 14.41
C SER A 88 -19.10 19.25 14.77
N SER A 89 -19.46 18.35 13.85
CA SER A 89 -20.56 17.42 14.08
C SER A 89 -20.12 16.23 14.92
N GLY A 90 -21.06 15.63 15.64
CA GLY A 90 -20.75 14.50 16.49
C GLY A 90 -21.72 14.35 17.64
N GLY A 1 2.61 -29.15 3.50
CA GLY A 1 2.79 -27.98 4.34
C GLY A 1 1.56 -27.64 5.15
N SER A 2 1.12 -28.57 5.98
CA SER A 2 -0.06 -28.37 6.82
C SER A 2 -0.06 -26.98 7.43
N SER A 3 0.98 -26.68 8.20
CA SER A 3 1.11 -25.38 8.85
C SER A 3 2.41 -24.70 8.46
N GLY A 4 2.31 -23.46 8.00
CA GLY A 4 3.49 -22.72 7.60
C GLY A 4 3.28 -21.95 6.30
N SER A 5 4.22 -22.10 5.37
CA SER A 5 4.14 -21.43 4.09
C SER A 5 4.37 -22.40 2.94
N SER A 6 3.73 -22.12 1.80
CA SER A 6 3.87 -22.99 0.63
C SER A 6 4.13 -22.15 -0.62
N GLY A 7 4.87 -22.73 -1.57
CA GLY A 7 5.18 -22.02 -2.80
C GLY A 7 6.56 -21.40 -2.77
N SER A 8 7.58 -22.22 -3.01
CA SER A 8 8.96 -21.73 -3.01
C SER A 8 9.06 -20.36 -3.67
N SER A 9 8.40 -20.21 -4.82
CA SER A 9 8.42 -18.96 -5.55
C SER A 9 7.00 -18.48 -5.83
N ALA A 10 6.88 -17.25 -6.33
CA ALA A 10 5.58 -16.68 -6.65
C ALA A 10 5.56 -16.11 -8.06
N SER A 11 4.40 -15.62 -8.49
CA SER A 11 4.24 -15.05 -9.82
C SER A 11 3.66 -13.64 -9.74
N PHE A 12 4.52 -12.64 -9.91
CA PHE A 12 4.09 -11.25 -9.86
C PHE A 12 4.97 -10.37 -10.75
N THR A 13 4.54 -9.13 -10.95
CA THR A 13 5.29 -8.19 -11.78
C THR A 13 6.27 -7.38 -10.93
N LYS A 14 7.09 -6.57 -11.59
CA LYS A 14 8.07 -5.75 -10.91
C LYS A 14 7.38 -4.66 -10.09
N GLU A 15 6.56 -3.85 -10.76
CA GLU A 15 5.84 -2.77 -10.09
C GLU A 15 5.38 -3.20 -8.70
N GLN A 16 4.81 -4.40 -8.62
CA GLN A 16 4.34 -4.93 -7.34
C GLN A 16 5.48 -5.04 -6.33
N ALA A 17 6.47 -5.87 -6.67
CA ALA A 17 7.62 -6.07 -5.80
C ALA A 17 8.22 -4.74 -5.36
N ASP A 18 8.36 -3.82 -6.32
CA ASP A 18 8.92 -2.51 -6.04
C ASP A 18 8.12 -1.79 -4.96
N ALA A 19 6.83 -2.12 -4.86
CA ALA A 19 5.96 -1.51 -3.86
C ALA A 19 6.23 -2.06 -2.48
N ILE A 20 6.34 -3.39 -2.38
CA ILE A 20 6.60 -4.04 -1.10
C ILE A 20 7.96 -3.62 -0.54
N ARG A 21 8.99 -3.73 -1.37
CA ARG A 21 10.34 -3.36 -0.97
C ARG A 21 10.36 -1.99 -0.30
N ARG A 22 9.49 -1.11 -0.77
CA ARG A 22 9.40 0.25 -0.22
C ARG A 22 8.67 0.25 1.12
N ILE A 23 7.51 -0.40 1.15
CA ILE A 23 6.71 -0.46 2.37
C ILE A 23 7.54 -1.02 3.53
N ARG A 24 8.34 -2.03 3.25
CA ARG A 24 9.18 -2.65 4.26
C ARG A 24 10.39 -1.77 4.58
N ASN A 25 10.84 -1.01 3.58
CA ASN A 25 11.98 -0.12 3.76
C ASN A 25 11.53 1.33 3.91
N SER A 26 10.26 1.51 4.22
CA SER A 26 9.69 2.84 4.38
C SER A 26 9.98 3.38 5.78
N LYS A 27 10.02 4.70 5.91
CA LYS A 27 10.27 5.35 7.19
C LYS A 27 9.03 6.08 7.69
N ASP A 28 7.95 5.98 6.93
CA ASP A 28 6.69 6.64 7.30
C ASP A 28 5.55 6.13 6.43
N SER A 29 4.34 6.62 6.71
CA SER A 29 3.16 6.22 5.95
C SER A 29 3.15 6.88 4.57
N TRP A 30 3.58 8.13 4.51
CA TRP A 30 3.63 8.87 3.26
C TRP A 30 4.34 8.06 2.17
N ASP A 31 5.47 7.48 2.54
CA ASP A 31 6.25 6.67 1.60
C ASP A 31 5.46 5.44 1.16
N MET A 32 4.89 4.74 2.13
CA MET A 32 4.11 3.54 1.84
C MET A 32 3.00 3.83 0.84
N LEU A 33 2.04 4.64 1.26
CA LEU A 33 0.91 5.01 0.40
C LEU A 33 1.39 5.78 -0.83
N GLY A 34 2.46 6.56 -0.65
CA GLY A 34 2.99 7.33 -1.75
C GLY A 34 2.32 8.68 -1.90
N VAL A 35 2.01 9.32 -0.77
CA VAL A 35 1.37 10.62 -0.79
C VAL A 35 2.13 11.63 0.06
N LYS A 36 1.66 12.87 0.08
CA LYS A 36 2.30 13.93 0.86
C LYS A 36 1.65 14.05 2.24
N PRO A 37 2.44 14.55 3.21
CA PRO A 37 1.97 14.73 4.58
C PRO A 37 0.94 15.85 4.71
N GLY A 38 0.57 16.44 3.56
CA GLY A 38 -0.40 17.51 3.57
C GLY A 38 -1.59 17.21 2.69
N ALA A 39 -1.91 15.93 2.54
CA ALA A 39 -3.05 15.51 1.72
C ALA A 39 -4.31 15.35 2.57
N SER A 40 -5.46 15.32 1.90
CA SER A 40 -6.74 15.18 2.59
C SER A 40 -7.19 13.73 2.59
N ARG A 41 -8.32 13.46 3.24
CA ARG A 41 -8.86 12.12 3.32
C ARG A 41 -9.04 11.52 1.94
N ASP A 42 -9.58 12.31 1.02
CA ASP A 42 -9.81 11.86 -0.35
C ASP A 42 -8.51 11.39 -0.99
N GLU A 43 -7.42 12.10 -0.71
CA GLU A 43 -6.12 11.76 -1.26
C GLU A 43 -5.60 10.45 -0.67
N VAL A 44 -5.43 10.43 0.65
CA VAL A 44 -4.94 9.24 1.34
C VAL A 44 -5.67 7.99 0.85
N ASN A 45 -6.97 8.12 0.63
CA ASN A 45 -7.77 6.99 0.15
C ASN A 45 -7.52 6.72 -1.33
N LYS A 46 -7.46 7.78 -2.11
CA LYS A 46 -7.22 7.67 -3.55
C LYS A 46 -5.91 6.96 -3.82
N ALA A 47 -4.85 7.39 -3.13
CA ALA A 47 -3.53 6.78 -3.30
C ALA A 47 -3.49 5.39 -2.70
N TYR A 48 -4.16 5.21 -1.57
CA TYR A 48 -4.19 3.92 -0.89
C TYR A 48 -4.89 2.87 -1.75
N ARG A 49 -5.95 3.29 -2.42
CA ARG A 49 -6.72 2.39 -3.29
C ARG A 49 -5.85 1.84 -4.41
N LYS A 50 -5.37 2.72 -5.27
CA LYS A 50 -4.51 2.33 -6.39
C LYS A 50 -3.45 1.35 -5.93
N LEU A 51 -2.97 1.51 -4.71
CA LEU A 51 -1.94 0.64 -4.16
C LEU A 51 -2.54 -0.70 -3.75
N ALA A 52 -3.57 -0.65 -2.90
CA ALA A 52 -4.23 -1.86 -2.44
C ALA A 52 -4.43 -2.85 -3.57
N VAL A 53 -4.90 -2.36 -4.71
CA VAL A 53 -5.14 -3.21 -5.87
C VAL A 53 -3.84 -3.88 -6.32
N LEU A 54 -2.74 -3.14 -6.25
CA LEU A 54 -1.44 -3.68 -6.66
C LEU A 54 -0.95 -4.73 -5.67
N LEU A 55 -1.23 -4.50 -4.39
CA LEU A 55 -0.82 -5.44 -3.35
C LEU A 55 -1.97 -6.35 -2.96
N HIS A 56 -3.09 -6.23 -3.66
CA HIS A 56 -4.26 -7.06 -3.39
C HIS A 56 -3.89 -8.54 -3.38
N PRO A 57 -4.54 -9.30 -2.48
CA PRO A 57 -4.29 -10.74 -2.36
C PRO A 57 -4.82 -11.53 -3.55
N ASP A 58 -5.62 -10.87 -4.38
CA ASP A 58 -6.19 -11.51 -5.56
C ASP A 58 -5.53 -10.99 -6.83
N LYS A 59 -4.73 -9.93 -6.69
CA LYS A 59 -4.03 -9.35 -7.82
C LYS A 59 -2.52 -9.45 -7.65
N CYS A 60 -2.09 -9.72 -6.43
CA CYS A 60 -0.66 -9.84 -6.14
C CYS A 60 -0.37 -11.16 -5.42
N VAL A 61 0.16 -12.12 -6.17
CA VAL A 61 0.49 -13.42 -5.60
C VAL A 61 1.87 -13.41 -4.97
N ALA A 62 2.60 -12.32 -5.16
CA ALA A 62 3.94 -12.19 -4.61
C ALA A 62 3.95 -12.49 -3.11
N PRO A 63 5.12 -12.83 -2.58
CA PRO A 63 5.30 -13.16 -1.16
C PRO A 63 5.15 -11.93 -0.28
N GLY A 64 5.90 -10.87 -0.61
CA GLY A 64 5.84 -9.65 0.17
C GLY A 64 4.51 -8.93 0.04
N SER A 65 3.87 -9.09 -1.12
CA SER A 65 2.59 -8.46 -1.38
C SER A 65 1.70 -8.49 -0.14
N GLU A 66 1.66 -9.64 0.53
CA GLU A 66 0.86 -9.80 1.73
C GLU A 66 1.25 -8.78 2.79
N ASP A 67 2.46 -8.92 3.33
CA ASP A 67 2.96 -8.01 4.35
C ASP A 67 2.78 -6.56 3.92
N ALA A 68 2.91 -6.31 2.61
CA ALA A 68 2.77 -4.97 2.07
C ALA A 68 1.35 -4.44 2.29
N PHE A 69 0.36 -5.25 1.95
CA PHE A 69 -1.04 -4.86 2.12
C PHE A 69 -1.33 -4.48 3.56
N LYS A 70 -0.80 -5.26 4.49
CA LYS A 70 -1.01 -4.99 5.92
C LYS A 70 -0.49 -3.61 6.29
N ALA A 71 0.76 -3.34 5.96
CA ALA A 71 1.37 -2.05 6.26
C ALA A 71 0.51 -0.91 5.75
N VAL A 72 0.15 -0.95 4.47
CA VAL A 72 -0.67 0.09 3.87
C VAL A 72 -1.80 0.51 4.81
N VAL A 73 -2.63 -0.45 5.19
CA VAL A 73 -3.75 -0.19 6.10
C VAL A 73 -3.29 0.63 7.30
N ASN A 74 -2.33 0.08 8.05
CA ASN A 74 -1.81 0.76 9.23
C ASN A 74 -1.42 2.20 8.91
N ALA A 75 -0.91 2.41 7.69
CA ALA A 75 -0.50 3.74 7.26
C ALA A 75 -1.71 4.63 6.98
N ARG A 76 -2.54 4.20 6.04
CA ARG A 76 -3.74 4.96 5.68
C ARG A 76 -4.61 5.22 6.91
N THR A 77 -5.18 4.15 7.46
CA THR A 77 -6.04 4.27 8.62
C THR A 77 -5.48 5.26 9.63
N ALA A 78 -4.19 5.12 9.95
CA ALA A 78 -3.53 6.01 10.88
C ALA A 78 -3.52 7.44 10.37
N LEU A 79 -2.88 7.65 9.22
CA LEU A 79 -2.81 8.98 8.62
C LEU A 79 -4.15 9.70 8.72
N LEU A 80 -5.20 9.04 8.28
CA LEU A 80 -6.54 9.62 8.33
C LEU A 80 -6.84 10.21 9.70
N LYS A 81 -6.50 9.46 10.75
CA LYS A 81 -6.72 9.92 12.11
C LYS A 81 -6.30 11.37 12.28
N ASN A 82 -5.16 11.72 11.69
CA ASN A 82 -4.63 13.08 11.77
C ASN A 82 -5.39 14.01 10.83
N ILE A 83 -5.86 13.46 9.72
CA ILE A 83 -6.61 14.24 8.74
C ILE A 83 -7.81 14.92 9.38
N LYS A 84 -8.18 16.08 8.84
CA LYS A 84 -9.32 16.83 9.35
C LYS A 84 -10.39 17.02 8.27
N SER A 85 -11.57 16.45 8.51
CA SER A 85 -12.67 16.55 7.56
C SER A 85 -13.55 17.76 7.87
N GLY A 86 -14.05 18.40 6.81
CA GLY A 86 -14.89 19.56 6.98
C GLY A 86 -16.33 19.30 6.57
N PRO A 87 -17.26 19.42 7.53
CA PRO A 87 -18.69 19.20 7.29
C PRO A 87 -19.30 20.29 6.43
N SER A 88 -19.22 20.11 5.11
CA SER A 88 -19.77 21.08 4.16
C SER A 88 -21.24 20.81 3.89
N SER A 89 -21.92 21.78 3.29
CA SER A 89 -23.34 21.63 2.96
C SER A 89 -23.59 21.89 1.48
N GLY A 90 -24.65 21.31 0.96
CA GLY A 90 -24.99 21.50 -0.45
C GLY A 90 -25.33 20.18 -1.15
N GLY A 1 8.38 -32.79 12.41
CA GLY A 1 9.31 -31.68 12.29
C GLY A 1 9.40 -31.16 10.87
N SER A 2 8.25 -30.94 10.24
CA SER A 2 8.21 -30.45 8.86
C SER A 2 8.60 -28.97 8.82
N SER A 3 9.61 -28.67 8.00
CA SER A 3 10.09 -27.30 7.86
C SER A 3 9.06 -26.44 7.11
N GLY A 4 8.63 -26.92 5.96
CA GLY A 4 7.66 -26.20 5.15
C GLY A 4 7.43 -26.82 3.80
N SER A 5 6.17 -26.92 3.40
CA SER A 5 5.82 -27.51 2.10
C SER A 5 5.48 -26.42 1.09
N SER A 6 6.22 -26.40 -0.02
CA SER A 6 5.99 -25.42 -1.07
C SER A 6 4.83 -25.83 -1.95
N GLY A 7 3.78 -25.01 -1.97
CA GLY A 7 2.62 -25.29 -2.79
C GLY A 7 2.39 -24.27 -3.87
N SER A 8 2.56 -22.99 -3.52
CA SER A 8 2.37 -21.90 -4.48
C SER A 8 3.69 -21.19 -4.75
N SER A 9 3.94 -20.89 -6.02
CA SER A 9 5.16 -20.20 -6.42
C SER A 9 4.99 -18.69 -6.33
N ALA A 10 6.11 -17.97 -6.38
CA ALA A 10 6.09 -16.51 -6.31
C ALA A 10 6.12 -15.90 -7.70
N SER A 11 5.06 -15.17 -8.04
CA SER A 11 4.96 -14.53 -9.35
C SER A 11 4.26 -13.18 -9.24
N PHE A 12 4.91 -12.14 -9.76
CA PHE A 12 4.35 -10.79 -9.71
C PHE A 12 5.07 -9.88 -10.71
N THR A 13 4.56 -8.66 -10.85
CA THR A 13 5.14 -7.69 -11.77
C THR A 13 6.18 -6.84 -11.07
N LYS A 14 6.86 -5.99 -11.84
CA LYS A 14 7.89 -5.11 -11.30
C LYS A 14 7.28 -4.08 -10.34
N GLU A 15 6.28 -3.35 -10.82
CA GLU A 15 5.60 -2.35 -10.00
C GLU A 15 5.36 -2.87 -8.59
N GLN A 16 4.61 -3.97 -8.49
CA GLN A 16 4.29 -4.57 -7.21
C GLN A 16 5.55 -4.75 -6.36
N ALA A 17 6.49 -5.54 -6.87
CA ALA A 17 7.74 -5.79 -6.18
C ALA A 17 8.39 -4.49 -5.73
N ASP A 18 8.29 -3.47 -6.57
CA ASP A 18 8.88 -2.16 -6.26
C ASP A 18 8.16 -1.52 -5.08
N ALA A 19 6.86 -1.76 -4.97
CA ALA A 19 6.07 -1.20 -3.89
C ALA A 19 6.34 -1.94 -2.58
N ILE A 20 6.30 -3.26 -2.64
CA ILE A 20 6.53 -4.08 -1.45
C ILE A 20 7.91 -3.79 -0.85
N ARG A 21 8.91 -3.71 -1.71
CA ARG A 21 10.28 -3.44 -1.26
C ARG A 21 10.37 -2.08 -0.57
N ARG A 22 9.50 -1.16 -0.98
CA ARG A 22 9.48 0.17 -0.40
C ARG A 22 8.70 0.19 0.91
N ILE A 23 7.52 -0.43 0.90
CA ILE A 23 6.68 -0.49 2.08
C ILE A 23 7.46 -0.99 3.29
N ARG A 24 8.18 -2.10 3.12
CA ARG A 24 8.97 -2.68 4.19
C ARG A 24 10.20 -1.81 4.49
N ASN A 25 10.67 -1.10 3.48
CA ASN A 25 11.83 -0.22 3.63
C ASN A 25 11.40 1.24 3.73
N SER A 26 10.13 1.46 4.02
CA SER A 26 9.59 2.81 4.14
C SER A 26 9.93 3.41 5.50
N LYS A 27 9.89 4.75 5.58
CA LYS A 27 10.19 5.44 6.82
C LYS A 27 8.97 6.20 7.34
N ASP A 28 7.89 6.18 6.55
CA ASP A 28 6.66 6.85 6.92
C ASP A 28 5.52 6.45 5.99
N SER A 29 4.30 6.52 6.51
CA SER A 29 3.12 6.15 5.73
C SER A 29 3.11 6.87 4.38
N TRP A 30 3.57 8.11 4.37
CA TRP A 30 3.63 8.90 3.15
C TRP A 30 4.33 8.12 2.03
N ASP A 31 5.44 7.49 2.36
CA ASP A 31 6.19 6.72 1.38
C ASP A 31 5.38 5.51 0.90
N MET A 32 4.81 4.78 1.85
CA MET A 32 4.01 3.61 1.51
C MET A 32 2.91 3.96 0.52
N LEU A 33 1.98 4.80 0.94
CA LEU A 33 0.88 5.21 0.08
C LEU A 33 1.40 6.01 -1.13
N GLY A 34 2.52 6.69 -0.93
CA GLY A 34 3.10 7.47 -2.02
C GLY A 34 2.49 8.85 -2.13
N VAL A 35 2.19 9.46 -0.98
CA VAL A 35 1.58 10.79 -0.96
C VAL A 35 2.39 11.74 -0.09
N LYS A 36 1.98 13.00 -0.07
CA LYS A 36 2.67 14.02 0.72
C LYS A 36 2.10 14.07 2.13
N PRO A 37 2.94 14.50 3.09
CA PRO A 37 2.54 14.61 4.50
C PRO A 37 1.55 15.74 4.73
N GLY A 38 0.37 15.39 5.24
CA GLY A 38 -0.65 16.39 5.50
C GLY A 38 -1.79 16.34 4.50
N ALA A 39 -1.74 15.35 3.62
CA ALA A 39 -2.78 15.18 2.59
C ALA A 39 -4.16 15.13 3.21
N SER A 40 -5.19 15.03 2.38
CA SER A 40 -6.56 14.98 2.85
C SER A 40 -7.07 13.54 2.88
N ARG A 41 -8.20 13.33 3.53
CA ARG A 41 -8.79 12.00 3.64
C ARG A 41 -8.98 11.38 2.25
N ASP A 42 -9.28 12.22 1.28
CA ASP A 42 -9.49 11.76 -0.09
C ASP A 42 -8.16 11.40 -0.75
N GLU A 43 -7.13 12.20 -0.49
CA GLU A 43 -5.81 11.97 -1.06
C GLU A 43 -5.20 10.69 -0.49
N VAL A 44 -5.36 10.50 0.82
CA VAL A 44 -4.81 9.32 1.49
C VAL A 44 -5.49 8.05 0.98
N ASN A 45 -6.79 8.13 0.73
CA ASN A 45 -7.55 6.99 0.25
C ASN A 45 -7.30 6.76 -1.24
N LYS A 46 -7.13 7.84 -1.98
CA LYS A 46 -6.88 7.76 -3.41
C LYS A 46 -5.62 6.93 -3.70
N ALA A 47 -4.57 7.19 -2.94
CA ALA A 47 -3.31 6.47 -3.10
C ALA A 47 -3.40 5.06 -2.53
N TYR A 48 -4.10 4.93 -1.40
CA TYR A 48 -4.26 3.64 -0.75
C TYR A 48 -5.01 2.66 -1.65
N ARG A 49 -5.99 3.16 -2.39
CA ARG A 49 -6.78 2.34 -3.29
C ARG A 49 -5.90 1.77 -4.41
N LYS A 50 -5.37 2.67 -5.24
CA LYS A 50 -4.52 2.26 -6.35
C LYS A 50 -3.47 1.24 -5.89
N LEU A 51 -2.87 1.50 -4.74
CA LEU A 51 -1.86 0.60 -4.18
C LEU A 51 -2.47 -0.74 -3.81
N ALA A 52 -3.50 -0.70 -2.96
CA ALA A 52 -4.17 -1.92 -2.52
C ALA A 52 -4.44 -2.86 -3.69
N VAL A 53 -4.93 -2.29 -4.80
CA VAL A 53 -5.22 -3.08 -5.99
C VAL A 53 -3.94 -3.69 -6.57
N LEU A 54 -2.85 -2.93 -6.50
CA LEU A 54 -1.56 -3.40 -7.02
C LEU A 54 -0.94 -4.42 -6.08
N LEU A 55 -1.21 -4.29 -4.79
CA LEU A 55 -0.67 -5.21 -3.80
C LEU A 55 -1.74 -6.20 -3.34
N HIS A 56 -2.88 -6.20 -4.02
CA HIS A 56 -3.98 -7.10 -3.69
C HIS A 56 -3.48 -8.54 -3.62
N PRO A 57 -4.01 -9.30 -2.64
CA PRO A 57 -3.64 -10.71 -2.44
C PRO A 57 -4.16 -11.61 -3.56
N ASP A 58 -5.34 -11.28 -4.07
CA ASP A 58 -5.95 -12.05 -5.15
C ASP A 58 -5.35 -11.69 -6.50
N LYS A 59 -4.45 -10.71 -6.49
CA LYS A 59 -3.79 -10.25 -7.71
C LYS A 59 -2.29 -10.48 -7.64
N CYS A 60 -1.74 -10.38 -6.44
CA CYS A 60 -0.30 -10.57 -6.23
C CYS A 60 -0.05 -11.70 -5.24
N VAL A 61 0.39 -12.85 -5.75
CA VAL A 61 0.67 -14.01 -4.91
C VAL A 61 2.06 -13.90 -4.29
N ALA A 62 2.69 -12.74 -4.46
CA ALA A 62 4.03 -12.53 -3.91
C ALA A 62 4.06 -12.81 -2.42
N PRO A 63 5.25 -13.17 -1.91
CA PRO A 63 5.44 -13.46 -0.48
C PRO A 63 5.33 -12.22 0.39
N GLY A 64 5.55 -11.06 -0.21
CA GLY A 64 5.47 -9.81 0.53
C GLY A 64 4.18 -9.07 0.28
N SER A 65 3.61 -9.27 -0.91
CA SER A 65 2.36 -8.61 -1.28
C SER A 65 1.41 -8.52 -0.08
N GLU A 66 1.23 -9.65 0.59
CA GLU A 66 0.34 -9.70 1.75
C GLU A 66 0.74 -8.66 2.80
N ASP A 67 2.01 -8.72 3.21
CA ASP A 67 2.52 -7.78 4.21
C ASP A 67 2.41 -6.34 3.71
N ALA A 68 2.62 -6.15 2.41
CA ALA A 68 2.54 -4.83 1.81
C ALA A 68 1.19 -4.18 2.08
N PHE A 69 0.11 -4.90 1.78
CA PHE A 69 -1.24 -4.38 2.00
C PHE A 69 -1.46 -4.06 3.48
N LYS A 70 -1.09 -5.00 4.35
CA LYS A 70 -1.26 -4.82 5.79
C LYS A 70 -0.66 -3.49 6.24
N ALA A 71 0.54 -3.20 5.76
CA ALA A 71 1.21 -1.95 6.11
C ALA A 71 0.43 -0.75 5.61
N VAL A 72 0.01 -0.79 4.35
CA VAL A 72 -0.75 0.30 3.76
C VAL A 72 -1.88 0.73 4.67
N VAL A 73 -2.67 -0.23 5.14
CA VAL A 73 -3.79 0.06 6.02
C VAL A 73 -3.34 0.85 7.25
N ASN A 74 -2.40 0.29 7.99
CA ASN A 74 -1.88 0.94 9.19
C ASN A 74 -1.46 2.38 8.89
N ALA A 75 -1.06 2.63 7.65
CA ALA A 75 -0.65 3.97 7.23
C ALA A 75 -1.85 4.85 6.98
N ARG A 76 -2.67 4.49 5.99
CA ARG A 76 -3.86 5.25 5.64
C ARG A 76 -4.75 5.45 6.86
N THR A 77 -5.34 4.35 7.34
CA THR A 77 -6.21 4.40 8.50
C THR A 77 -5.69 5.38 9.55
N ALA A 78 -4.38 5.35 9.79
CA ALA A 78 -3.76 6.23 10.75
C ALA A 78 -3.86 7.70 10.32
N LEU A 79 -3.32 7.98 9.14
CA LEU A 79 -3.35 9.33 8.60
C LEU A 79 -4.74 9.94 8.70
N LEU A 80 -5.72 9.25 8.12
CA LEU A 80 -7.11 9.70 8.15
C LEU A 80 -7.47 10.26 9.52
N LYS A 81 -7.18 9.49 10.56
CA LYS A 81 -7.47 9.91 11.92
C LYS A 81 -7.15 11.38 12.12
N ASN A 82 -6.06 11.83 11.51
CA ASN A 82 -5.64 13.23 11.63
C ASN A 82 -6.58 14.14 10.83
N ILE A 83 -7.06 13.65 9.69
CA ILE A 83 -7.96 14.42 8.86
C ILE A 83 -9.37 14.47 9.45
N LYS A 84 -9.81 15.66 9.79
CA LYS A 84 -11.14 15.85 10.37
C LYS A 84 -12.19 16.07 9.27
N SER A 85 -13.12 15.13 9.16
CA SER A 85 -14.17 15.21 8.15
C SER A 85 -15.45 15.81 8.75
N GLY A 86 -16.14 16.63 7.96
CA GLY A 86 -17.37 17.24 8.43
C GLY A 86 -18.51 16.25 8.56
N PRO A 87 -19.56 16.45 7.76
CA PRO A 87 -20.73 15.56 7.77
C PRO A 87 -20.42 14.18 7.20
N SER A 88 -20.88 13.15 7.90
CA SER A 88 -20.65 11.77 7.48
C SER A 88 -21.92 11.17 6.90
N SER A 89 -21.88 10.84 5.62
CA SER A 89 -23.03 10.26 4.94
C SER A 89 -23.56 9.04 5.70
N GLY A 90 -22.66 8.09 5.97
CA GLY A 90 -23.05 6.90 6.69
C GLY A 90 -21.96 5.84 6.69
N GLY A 1 12.72 -11.39 -17.50
CA GLY A 1 13.00 -11.86 -18.84
C GLY A 1 11.76 -12.43 -19.52
N SER A 2 11.97 -13.48 -20.32
CA SER A 2 10.86 -14.12 -21.03
C SER A 2 10.23 -15.22 -20.18
N SER A 3 11.06 -16.08 -19.63
CA SER A 3 10.58 -17.18 -18.79
C SER A 3 11.69 -17.69 -17.88
N GLY A 4 11.33 -18.60 -16.97
CA GLY A 4 12.31 -19.15 -16.05
C GLY A 4 11.80 -19.20 -14.62
N SER A 5 12.29 -20.18 -13.86
CA SER A 5 11.88 -20.34 -12.47
C SER A 5 12.83 -19.61 -11.53
N SER A 6 14.13 -19.82 -11.73
CA SER A 6 15.14 -19.19 -10.89
C SER A 6 15.78 -18.01 -11.62
N GLY A 7 15.79 -16.86 -10.97
CA GLY A 7 16.37 -15.67 -11.56
C GLY A 7 15.43 -14.47 -11.52
N SER A 8 14.18 -14.71 -11.88
CA SER A 8 13.17 -13.65 -11.88
C SER A 8 11.83 -14.16 -11.36
N SER A 9 10.95 -13.23 -11.01
CA SER A 9 9.64 -13.58 -10.50
C SER A 9 8.63 -13.76 -11.64
N ALA A 10 7.81 -14.80 -11.53
CA ALA A 10 6.81 -15.08 -12.55
C ALA A 10 5.40 -14.96 -11.99
N SER A 11 5.24 -15.36 -10.73
CA SER A 11 3.94 -15.30 -10.06
C SER A 11 3.38 -13.88 -10.08
N PHE A 12 4.26 -12.90 -9.87
CA PHE A 12 3.85 -11.50 -9.87
C PHE A 12 4.78 -10.66 -10.75
N THR A 13 4.42 -9.40 -10.94
CA THR A 13 5.21 -8.50 -11.77
C THR A 13 6.18 -7.69 -10.91
N LYS A 14 7.02 -6.90 -11.57
CA LYS A 14 8.00 -6.07 -10.87
C LYS A 14 7.30 -4.95 -10.09
N GLU A 15 6.51 -4.16 -10.80
CA GLU A 15 5.79 -3.05 -10.18
C GLU A 15 5.31 -3.43 -8.78
N GLN A 16 4.76 -4.64 -8.66
CA GLN A 16 4.26 -5.12 -7.38
C GLN A 16 5.39 -5.22 -6.36
N ALA A 17 6.36 -6.09 -6.64
CA ALA A 17 7.50 -6.28 -5.75
C ALA A 17 8.08 -4.94 -5.30
N ASP A 18 8.40 -4.09 -6.28
CA ASP A 18 8.96 -2.78 -5.99
C ASP A 18 8.17 -2.08 -4.90
N ALA A 19 6.84 -2.20 -4.95
CA ALA A 19 5.98 -1.58 -3.96
C ALA A 19 6.26 -2.11 -2.56
N ILE A 20 6.20 -3.44 -2.41
CA ILE A 20 6.44 -4.08 -1.13
C ILE A 20 7.74 -3.57 -0.51
N ARG A 21 8.84 -3.66 -1.27
CA ARG A 21 10.13 -3.21 -0.80
C ARG A 21 10.04 -1.84 -0.14
N ARG A 22 9.53 -0.87 -0.90
CA ARG A 22 9.38 0.49 -0.40
C ARG A 22 8.64 0.50 0.94
N ILE A 23 7.51 -0.20 0.99
CA ILE A 23 6.72 -0.27 2.21
C ILE A 23 7.57 -0.76 3.39
N ARG A 24 8.16 -1.94 3.24
CA ARG A 24 9.00 -2.51 4.29
C ARG A 24 10.29 -1.71 4.45
N ASN A 25 10.64 -0.94 3.44
CA ASN A 25 11.85 -0.13 3.46
C ASN A 25 11.52 1.35 3.58
N SER A 26 10.27 1.64 3.97
CA SER A 26 9.83 3.02 4.12
C SER A 26 10.13 3.53 5.53
N LYS A 27 10.04 4.86 5.70
CA LYS A 27 10.31 5.47 6.99
C LYS A 27 9.03 6.09 7.57
N ASP A 28 8.02 6.22 6.72
CA ASP A 28 6.74 6.80 7.15
C ASP A 28 5.63 6.41 6.20
N SER A 29 4.38 6.52 6.66
CA SER A 29 3.22 6.17 5.84
C SER A 29 3.26 6.90 4.51
N TRP A 30 3.58 8.19 4.56
CA TRP A 30 3.65 9.00 3.35
C TRP A 30 4.40 8.26 2.24
N ASP A 31 5.45 7.54 2.60
CA ASP A 31 6.23 6.79 1.64
C ASP A 31 5.45 5.59 1.11
N MET A 32 4.79 4.88 2.01
CA MET A 32 4.00 3.71 1.63
C MET A 32 2.93 4.09 0.62
N LEU A 33 1.97 4.91 1.04
CA LEU A 33 0.89 5.35 0.17
C LEU A 33 1.42 6.25 -0.95
N GLY A 34 2.52 6.93 -0.67
CA GLY A 34 3.11 7.82 -1.65
C GLY A 34 2.38 9.14 -1.76
N VAL A 35 1.99 9.70 -0.62
CA VAL A 35 1.26 10.96 -0.58
C VAL A 35 1.87 11.92 0.45
N LYS A 36 1.90 13.20 0.12
CA LYS A 36 2.45 14.20 1.02
C LYS A 36 1.76 14.14 2.37
N PRO A 37 2.48 14.58 3.43
CA PRO A 37 1.96 14.58 4.80
C PRO A 37 0.87 15.62 4.99
N GLY A 38 0.71 16.52 4.02
CA GLY A 38 -0.30 17.55 4.11
C GLY A 38 -1.51 17.24 3.25
N ALA A 39 -1.71 15.97 2.96
CA ALA A 39 -2.84 15.55 2.14
C ALA A 39 -4.09 15.36 2.98
N SER A 40 -5.20 15.00 2.33
CA SER A 40 -6.46 14.79 3.03
C SER A 40 -6.96 13.36 2.83
N ARG A 41 -8.08 13.04 3.47
CA ARG A 41 -8.66 11.71 3.36
C ARG A 41 -8.84 11.30 1.90
N ASP A 42 -9.40 12.21 1.11
CA ASP A 42 -9.64 11.96 -0.31
C ASP A 42 -8.35 11.52 -1.00
N GLU A 43 -7.27 12.24 -0.73
CA GLU A 43 -5.97 11.92 -1.32
C GLU A 43 -5.42 10.60 -0.77
N VAL A 44 -5.37 10.50 0.55
CA VAL A 44 -4.87 9.29 1.21
C VAL A 44 -5.62 8.06 0.73
N ASN A 45 -6.92 8.21 0.49
CA ASN A 45 -7.74 7.11 0.03
C ASN A 45 -7.53 6.85 -1.46
N LYS A 46 -7.44 7.92 -2.24
CA LYS A 46 -7.23 7.82 -3.67
C LYS A 46 -5.95 7.05 -3.98
N ALA A 47 -4.86 7.44 -3.32
CA ALA A 47 -3.57 6.80 -3.52
C ALA A 47 -3.56 5.40 -2.91
N TYR A 48 -4.15 5.27 -1.72
CA TYR A 48 -4.20 3.99 -1.03
C TYR A 48 -4.91 2.95 -1.87
N ARG A 49 -6.00 3.34 -2.51
CA ARG A 49 -6.77 2.44 -3.35
C ARG A 49 -5.91 1.84 -4.45
N LYS A 50 -5.40 2.71 -5.33
CA LYS A 50 -4.54 2.27 -6.42
C LYS A 50 -3.54 1.22 -5.96
N LEU A 51 -2.86 1.52 -4.85
CA LEU A 51 -1.87 0.60 -4.30
C LEU A 51 -2.53 -0.71 -3.87
N ALA A 52 -3.50 -0.61 -2.97
CA ALA A 52 -4.21 -1.79 -2.48
C ALA A 52 -4.52 -2.75 -3.61
N VAL A 53 -5.00 -2.22 -4.73
CA VAL A 53 -5.34 -3.03 -5.88
C VAL A 53 -4.12 -3.80 -6.40
N LEU A 54 -2.96 -3.15 -6.32
CA LEU A 54 -1.72 -3.77 -6.77
C LEU A 54 -1.24 -4.83 -5.79
N LEU A 55 -1.33 -4.52 -4.49
CA LEU A 55 -0.92 -5.44 -3.45
C LEU A 55 -2.05 -6.39 -3.08
N HIS A 56 -3.16 -6.29 -3.80
CA HIS A 56 -4.31 -7.15 -3.55
C HIS A 56 -3.91 -8.62 -3.51
N PRO A 57 -4.53 -9.38 -2.60
CA PRO A 57 -4.25 -10.81 -2.43
C PRO A 57 -4.75 -11.64 -3.60
N ASP A 58 -5.51 -11.00 -4.50
CA ASP A 58 -6.05 -11.68 -5.66
C ASP A 58 -5.32 -11.25 -6.94
N LYS A 59 -4.53 -10.19 -6.82
CA LYS A 59 -3.77 -9.68 -7.95
C LYS A 59 -2.26 -9.77 -7.70
N CYS A 60 -1.89 -9.94 -6.43
CA CYS A 60 -0.49 -10.05 -6.05
C CYS A 60 -0.23 -11.35 -5.29
N VAL A 61 0.34 -12.32 -5.99
CA VAL A 61 0.65 -13.61 -5.39
C VAL A 61 2.02 -13.59 -4.72
N ALA A 62 2.74 -12.49 -4.90
CA ALA A 62 4.08 -12.35 -4.30
C ALA A 62 4.03 -12.63 -2.81
N PRO A 63 5.19 -13.04 -2.25
CA PRO A 63 5.32 -13.35 -0.83
C PRO A 63 5.22 -12.11 0.06
N GLY A 64 5.83 -11.02 -0.40
CA GLY A 64 5.79 -9.78 0.35
C GLY A 64 4.48 -9.04 0.21
N SER A 65 3.82 -9.24 -0.93
CA SER A 65 2.54 -8.59 -1.20
C SER A 65 1.67 -8.56 0.05
N GLU A 66 1.67 -9.66 0.79
CA GLU A 66 0.87 -9.76 2.01
C GLU A 66 1.28 -8.69 3.01
N ASP A 67 2.54 -8.73 3.44
CA ASP A 67 3.05 -7.75 4.40
C ASP A 67 2.78 -6.33 3.92
N ALA A 68 2.87 -6.13 2.61
CA ALA A 68 2.63 -4.82 2.03
C ALA A 68 1.20 -4.35 2.27
N PHE A 69 0.24 -5.13 1.80
CA PHE A 69 -1.17 -4.81 1.98
C PHE A 69 -1.48 -4.50 3.44
N LYS A 70 -0.85 -5.25 4.34
CA LYS A 70 -1.06 -5.06 5.77
C LYS A 70 -0.52 -3.71 6.23
N ALA A 71 0.67 -3.36 5.76
CA ALA A 71 1.29 -2.09 6.11
C ALA A 71 0.45 -0.91 5.64
N VAL A 72 0.06 -0.95 4.36
CA VAL A 72 -0.75 0.12 3.78
C VAL A 72 -1.89 0.51 4.72
N VAL A 73 -2.66 -0.48 5.15
CA VAL A 73 -3.79 -0.23 6.04
C VAL A 73 -3.34 0.51 7.29
N ASN A 74 -2.38 -0.06 8.02
CA ASN A 74 -1.86 0.56 9.23
C ASN A 74 -1.45 2.01 8.98
N ALA A 75 -0.95 2.26 7.78
CA ALA A 75 -0.52 3.62 7.41
C ALA A 75 -1.73 4.52 7.15
N ARG A 76 -2.46 4.23 6.08
CA ARG A 76 -3.63 5.03 5.73
C ARG A 76 -4.52 5.25 6.94
N THR A 77 -5.15 4.17 7.42
CA THR A 77 -6.03 4.25 8.57
C THR A 77 -5.46 5.18 9.64
N ALA A 78 -4.16 5.06 9.89
CA ALA A 78 -3.50 5.89 10.88
C ALA A 78 -3.51 7.35 10.47
N LEU A 79 -3.04 7.63 9.26
CA LEU A 79 -2.99 8.99 8.74
C LEU A 79 -4.37 9.65 8.82
N LEU A 80 -5.36 8.99 8.23
CA LEU A 80 -6.73 9.52 8.25
C LEU A 80 -7.10 10.05 9.62
N LYS A 81 -6.74 9.30 10.66
CA LYS A 81 -7.03 9.71 12.03
C LYS A 81 -6.76 11.19 12.23
N ASN A 82 -5.65 11.67 11.66
CA ASN A 82 -5.28 13.08 11.78
C ASN A 82 -6.22 13.96 10.97
N ILE A 83 -6.63 13.46 9.81
CA ILE A 83 -7.52 14.20 8.93
C ILE A 83 -8.95 14.17 9.45
N LYS A 84 -9.49 15.34 9.77
CA LYS A 84 -10.85 15.46 10.28
C LYS A 84 -11.86 14.97 9.25
N SER A 85 -11.65 15.32 7.98
CA SER A 85 -12.54 14.91 6.91
C SER A 85 -12.72 13.40 6.88
N GLY A 86 -13.96 12.96 6.73
CA GLY A 86 -14.24 11.54 6.70
C GLY A 86 -15.56 11.19 7.34
N PRO A 87 -15.75 9.91 7.69
CA PRO A 87 -16.97 9.42 8.32
C PRO A 87 -17.11 9.92 9.75
N SER A 88 -18.30 9.72 10.33
CA SER A 88 -18.57 10.16 11.69
C SER A 88 -19.71 9.35 12.31
N SER A 89 -19.85 9.44 13.63
CA SER A 89 -20.90 8.72 14.33
C SER A 89 -22.24 9.43 14.18
N GLY A 90 -22.23 10.75 14.36
CA GLY A 90 -23.46 11.52 14.24
C GLY A 90 -24.28 11.12 13.03
N GLY A 1 9.45 -33.25 -13.46
CA GLY A 1 10.27 -32.76 -12.36
C GLY A 1 10.94 -31.44 -12.70
N SER A 2 12.25 -31.38 -12.51
CA SER A 2 13.01 -30.17 -12.78
C SER A 2 14.35 -30.49 -13.44
N SER A 3 14.62 -29.83 -14.56
CA SER A 3 15.86 -30.06 -15.29
C SER A 3 16.62 -28.75 -15.49
N GLY A 4 17.91 -28.76 -15.15
CA GLY A 4 18.72 -27.56 -15.29
C GLY A 4 18.98 -26.88 -13.96
N SER A 5 19.88 -25.89 -13.97
CA SER A 5 20.23 -25.16 -12.77
C SER A 5 19.13 -24.15 -12.40
N SER A 6 18.63 -23.45 -13.42
CA SER A 6 17.59 -22.45 -13.20
C SER A 6 16.63 -22.41 -14.40
N GLY A 7 15.35 -22.64 -14.12
CA GLY A 7 14.35 -22.63 -15.17
C GLY A 7 13.06 -21.98 -14.73
N SER A 8 13.17 -20.83 -14.07
CA SER A 8 12.00 -20.10 -13.60
C SER A 8 12.21 -18.60 -13.69
N SER A 9 11.12 -17.85 -13.84
CA SER A 9 11.19 -16.40 -13.94
C SER A 9 10.27 -15.73 -12.91
N ALA A 10 10.40 -14.42 -12.77
CA ALA A 10 9.59 -13.67 -11.83
C ALA A 10 8.10 -13.90 -12.08
N SER A 11 7.36 -14.11 -11.01
CA SER A 11 5.92 -14.35 -11.11
C SER A 11 5.15 -13.05 -11.21
N PHE A 12 5.50 -12.09 -10.35
CA PHE A 12 4.83 -10.79 -10.33
C PHE A 12 5.61 -9.79 -11.18
N THR A 13 5.08 -8.57 -11.28
CA THR A 13 5.72 -7.53 -12.06
C THR A 13 6.63 -6.67 -11.19
N LYS A 14 7.66 -6.09 -11.80
CA LYS A 14 8.61 -5.26 -11.08
C LYS A 14 7.89 -4.22 -10.24
N GLU A 15 6.84 -3.63 -10.80
CA GLU A 15 6.06 -2.62 -10.09
C GLU A 15 5.63 -3.13 -8.72
N GLN A 16 4.87 -4.21 -8.71
CA GLN A 16 4.39 -4.80 -7.47
C GLN A 16 5.53 -4.98 -6.47
N ALA A 17 6.47 -5.85 -6.80
CA ALA A 17 7.61 -6.12 -5.93
C ALA A 17 8.23 -4.82 -5.43
N ASP A 18 8.49 -3.89 -6.36
CA ASP A 18 9.07 -2.60 -6.01
C ASP A 18 8.22 -1.88 -4.98
N ALA A 19 6.92 -2.20 -4.95
CA ALA A 19 6.01 -1.58 -4.01
C ALA A 19 6.18 -2.17 -2.60
N ILE A 20 6.23 -3.49 -2.53
CA ILE A 20 6.39 -4.18 -1.25
C ILE A 20 7.76 -3.90 -0.65
N ARG A 21 8.79 -3.96 -1.48
CA ARG A 21 10.16 -3.71 -1.03
C ARG A 21 10.28 -2.32 -0.40
N ARG A 22 9.41 -1.41 -0.83
CA ARG A 22 9.42 -0.05 -0.31
C ARG A 22 8.66 0.04 1.01
N ILE A 23 7.46 -0.54 1.04
CA ILE A 23 6.64 -0.53 2.23
C ILE A 23 7.41 -1.04 3.44
N ARG A 24 8.19 -2.10 3.23
CA ARG A 24 8.99 -2.69 4.30
C ARG A 24 10.18 -1.81 4.65
N ASN A 25 10.69 -1.09 3.64
CA ASN A 25 11.83 -0.20 3.84
C ASN A 25 11.38 1.25 3.96
N SER A 26 10.09 1.44 4.22
CA SER A 26 9.54 2.78 4.35
C SER A 26 9.80 3.35 5.74
N LYS A 27 10.23 4.60 5.79
CA LYS A 27 10.52 5.27 7.05
C LYS A 27 9.31 6.08 7.54
N ASP A 28 8.23 6.01 6.79
CA ASP A 28 7.01 6.73 7.14
C ASP A 28 5.83 6.27 6.29
N SER A 29 4.64 6.80 6.58
CA SER A 29 3.44 6.43 5.84
C SER A 29 3.43 7.11 4.47
N TRP A 30 3.80 8.37 4.44
CA TRP A 30 3.84 9.14 3.18
C TRP A 30 4.59 8.36 2.10
N ASP A 31 5.57 7.58 2.51
CA ASP A 31 6.38 6.79 1.58
C ASP A 31 5.59 5.58 1.09
N MET A 32 4.89 4.92 2.00
CA MET A 32 4.10 3.74 1.65
C MET A 32 3.01 4.10 0.65
N LEU A 33 2.06 4.92 1.07
CA LEU A 33 0.97 5.34 0.19
C LEU A 33 1.48 6.21 -0.94
N GLY A 34 2.56 6.95 -0.68
CA GLY A 34 3.13 7.81 -1.69
C GLY A 34 2.40 9.13 -1.80
N VAL A 35 1.97 9.68 -0.67
CA VAL A 35 1.24 10.94 -0.65
C VAL A 35 1.90 11.93 0.30
N LYS A 36 1.80 13.22 -0.02
CA LYS A 36 2.38 14.27 0.81
C LYS A 36 1.74 14.29 2.19
N PRO A 37 2.51 14.77 3.18
CA PRO A 37 2.04 14.86 4.57
C PRO A 37 0.96 15.92 4.75
N GLY A 38 0.62 16.61 3.67
CA GLY A 38 -0.40 17.64 3.73
C GLY A 38 -1.62 17.30 2.90
N ALA A 39 -1.88 16.00 2.75
CA ALA A 39 -3.03 15.54 1.97
C ALA A 39 -4.29 15.46 2.83
N SER A 40 -5.40 15.09 2.22
CA SER A 40 -6.67 14.98 2.92
C SER A 40 -7.20 13.54 2.86
N ARG A 41 -8.25 13.28 3.63
CA ARG A 41 -8.86 11.95 3.66
C ARG A 41 -9.08 11.42 2.24
N ASP A 42 -9.58 12.29 1.37
CA ASP A 42 -9.85 11.91 -0.02
C ASP A 42 -8.57 11.46 -0.71
N GLU A 43 -7.48 12.18 -0.46
CA GLU A 43 -6.19 11.84 -1.06
C GLU A 43 -5.71 10.48 -0.59
N VAL A 44 -5.51 10.34 0.72
CA VAL A 44 -5.05 9.08 1.29
C VAL A 44 -5.84 7.90 0.73
N ASN A 45 -7.16 8.06 0.66
CA ASN A 45 -8.03 7.00 0.15
C ASN A 45 -7.74 6.74 -1.34
N LYS A 46 -7.53 7.80 -2.09
CA LYS A 46 -7.24 7.69 -3.52
C LYS A 46 -5.91 6.97 -3.74
N ALA A 47 -4.91 7.33 -2.96
CA ALA A 47 -3.59 6.73 -3.07
C ALA A 47 -3.59 5.30 -2.52
N TYR A 48 -4.30 5.11 -1.42
CA TYR A 48 -4.38 3.79 -0.80
C TYR A 48 -5.01 2.77 -1.74
N ARG A 49 -5.95 3.23 -2.56
CA ARG A 49 -6.62 2.36 -3.52
C ARG A 49 -5.65 1.88 -4.60
N LYS A 50 -5.10 2.83 -5.35
CA LYS A 50 -4.15 2.51 -6.42
C LYS A 50 -3.11 1.50 -5.93
N LEU A 51 -2.74 1.60 -4.66
CA LEU A 51 -1.76 0.69 -4.08
C LEU A 51 -2.39 -0.66 -3.74
N ALA A 52 -3.42 -0.62 -2.91
CA ALA A 52 -4.13 -1.83 -2.50
C ALA A 52 -4.40 -2.73 -3.70
N VAL A 53 -4.76 -2.13 -4.83
CA VAL A 53 -5.05 -2.87 -6.04
C VAL A 53 -3.79 -3.52 -6.60
N LEU A 54 -2.65 -2.86 -6.40
CA LEU A 54 -1.37 -3.38 -6.89
C LEU A 54 -0.79 -4.39 -5.90
N LEU A 55 -1.27 -4.35 -4.67
CA LEU A 55 -0.80 -5.27 -3.64
C LEU A 55 -1.88 -6.28 -3.27
N HIS A 56 -2.99 -6.23 -4.00
CA HIS A 56 -4.11 -7.14 -3.75
C HIS A 56 -3.62 -8.59 -3.74
N PRO A 57 -4.18 -9.40 -2.83
CA PRO A 57 -3.83 -10.81 -2.70
C PRO A 57 -4.32 -11.66 -3.87
N ASP A 58 -5.55 -11.39 -4.29
CA ASP A 58 -6.13 -12.12 -5.41
C ASP A 58 -5.52 -11.67 -6.74
N LYS A 59 -4.66 -10.66 -6.68
CA LYS A 59 -4.00 -10.14 -7.87
C LYS A 59 -2.49 -10.29 -7.76
N CYS A 60 -1.98 -10.31 -6.54
CA CYS A 60 -0.55 -10.46 -6.30
C CYS A 60 -0.28 -11.61 -5.35
N VAL A 61 0.15 -12.75 -5.89
CA VAL A 61 0.44 -13.92 -5.09
C VAL A 61 1.85 -13.84 -4.51
N ALA A 62 2.49 -12.68 -4.65
CA ALA A 62 3.84 -12.48 -4.13
C ALA A 62 3.88 -12.64 -2.62
N PRO A 63 5.01 -13.15 -2.11
CA PRO A 63 5.21 -13.37 -0.67
C PRO A 63 5.33 -12.07 0.11
N GLY A 64 5.31 -10.95 -0.62
CA GLY A 64 5.42 -9.65 0.01
C GLY A 64 4.12 -8.87 -0.02
N SER A 65 3.36 -9.03 -1.11
CA SER A 65 2.09 -8.34 -1.27
C SER A 65 1.31 -8.34 0.04
N GLU A 66 1.32 -9.48 0.72
CA GLU A 66 0.60 -9.61 1.99
C GLU A 66 1.08 -8.57 3.01
N ASP A 67 2.35 -8.65 3.36
CA ASP A 67 2.94 -7.71 4.32
C ASP A 67 2.76 -6.28 3.84
N ALA A 68 2.83 -6.08 2.53
CA ALA A 68 2.67 -4.75 1.96
C ALA A 68 1.26 -4.21 2.18
N PHE A 69 0.27 -4.95 1.71
CA PHE A 69 -1.12 -4.54 1.85
C PHE A 69 -1.45 -4.26 3.31
N LYS A 70 -0.97 -5.12 4.20
CA LYS A 70 -1.22 -4.96 5.63
C LYS A 70 -0.67 -3.63 6.12
N ALA A 71 0.55 -3.31 5.73
CA ALA A 71 1.18 -2.05 6.13
C ALA A 71 0.38 -0.85 5.65
N VAL A 72 0.08 -0.81 4.36
CA VAL A 72 -0.69 0.29 3.78
C VAL A 72 -1.84 0.69 4.70
N VAL A 73 -2.48 -0.30 5.31
CA VAL A 73 -3.59 -0.04 6.21
C VAL A 73 -3.13 0.69 7.46
N ASN A 74 -2.12 0.14 8.12
CA ASN A 74 -1.59 0.75 9.34
C ASN A 74 -1.14 2.18 9.08
N ALA A 75 -0.66 2.44 7.86
CA ALA A 75 -0.21 3.78 7.49
C ALA A 75 -1.38 4.65 7.04
N ARG A 76 -2.33 4.04 6.35
CA ARG A 76 -3.51 4.77 5.85
C ARG A 76 -4.45 5.11 7.01
N THR A 77 -5.01 4.07 7.62
CA THR A 77 -5.94 4.26 8.74
C THR A 77 -5.41 5.29 9.73
N ALA A 78 -4.12 5.20 10.03
CA ALA A 78 -3.49 6.13 10.95
C ALA A 78 -3.62 7.56 10.47
N LEU A 79 -3.24 7.80 9.22
CA LEU A 79 -3.31 9.14 8.63
C LEU A 79 -4.75 9.61 8.56
N LEU A 80 -5.65 8.73 8.14
CA LEU A 80 -7.06 9.06 8.03
C LEU A 80 -7.63 9.50 9.37
N LYS A 81 -7.35 8.71 10.41
CA LYS A 81 -7.84 9.01 11.75
C LYS A 81 -7.43 10.42 12.17
N ASN A 82 -6.20 10.81 11.82
CA ASN A 82 -5.69 12.13 12.16
C ASN A 82 -6.38 13.21 11.33
N ILE A 83 -6.66 12.89 10.07
CA ILE A 83 -7.32 13.82 9.16
C ILE A 83 -8.80 13.98 9.52
N LYS A 84 -9.19 15.20 9.88
CA LYS A 84 -10.58 15.48 10.23
C LYS A 84 -11.42 15.75 8.99
N SER A 85 -12.56 15.08 8.89
CA SER A 85 -13.45 15.25 7.75
C SER A 85 -14.29 16.52 7.89
N GLY A 86 -14.50 17.20 6.77
CA GLY A 86 -15.28 18.43 6.79
C GLY A 86 -15.43 19.05 5.41
N PRO A 87 -16.67 19.11 4.92
CA PRO A 87 -16.96 19.67 3.60
C PRO A 87 -16.77 21.19 3.56
N SER A 88 -17.14 21.79 2.45
CA SER A 88 -17.01 23.24 2.27
C SER A 88 -18.37 23.93 2.34
N SER A 89 -18.50 24.88 3.26
CA SER A 89 -19.75 25.61 3.42
C SER A 89 -19.90 26.68 2.35
N GLY A 90 -18.77 27.28 1.95
CA GLY A 90 -18.80 28.31 0.94
C GLY A 90 -17.44 28.52 0.30
N GLY A 1 -6.38 -28.86 -11.06
CA GLY A 1 -5.45 -28.49 -10.01
C GLY A 1 -5.87 -27.22 -9.29
N SER A 2 -6.08 -27.32 -7.99
CA SER A 2 -6.48 -26.17 -7.18
C SER A 2 -5.40 -25.10 -7.18
N SER A 3 -5.79 -23.89 -7.56
CA SER A 3 -4.85 -22.76 -7.61
C SER A 3 -3.74 -23.04 -8.62
N GLY A 4 -4.12 -23.58 -9.77
CA GLY A 4 -3.14 -23.87 -10.80
C GLY A 4 -2.94 -22.71 -11.76
N SER A 5 -1.74 -22.62 -12.32
CA SER A 5 -1.41 -21.55 -13.25
C SER A 5 -1.82 -21.92 -14.67
N SER A 6 -2.79 -21.17 -15.22
CA SER A 6 -3.27 -21.42 -16.57
C SER A 6 -3.63 -20.12 -17.27
N GLY A 7 -3.50 -20.10 -18.58
CA GLY A 7 -3.82 -18.90 -19.35
C GLY A 7 -2.92 -17.73 -19.00
N SER A 8 -3.40 -16.88 -18.10
CA SER A 8 -2.63 -15.70 -17.69
C SER A 8 -1.52 -16.10 -16.72
N SER A 9 -0.65 -15.14 -16.42
CA SER A 9 0.47 -15.39 -15.51
C SER A 9 0.02 -15.28 -14.05
N ALA A 10 0.38 -16.28 -13.25
CA ALA A 10 0.03 -16.29 -11.85
C ALA A 10 0.94 -15.38 -11.03
N SER A 11 2.25 -15.52 -11.25
CA SER A 11 3.23 -14.72 -10.53
C SER A 11 2.89 -13.23 -10.64
N PHE A 12 3.71 -12.40 -10.00
CA PHE A 12 3.51 -10.96 -10.02
C PHE A 12 4.55 -10.28 -10.90
N THR A 13 4.37 -8.98 -11.13
CA THR A 13 5.29 -8.21 -11.95
C THR A 13 6.31 -7.47 -11.09
N LYS A 14 7.26 -6.81 -11.75
CA LYS A 14 8.29 -6.05 -11.04
C LYS A 14 7.68 -4.96 -10.19
N GLU A 15 6.90 -4.09 -10.83
CA GLU A 15 6.25 -2.98 -10.12
C GLU A 15 5.80 -3.42 -8.73
N GLN A 16 4.88 -4.38 -8.69
CA GLN A 16 4.35 -4.88 -7.42
C GLN A 16 5.48 -5.11 -6.42
N ALA A 17 6.42 -5.98 -6.79
CA ALA A 17 7.56 -6.29 -5.93
C ALA A 17 8.21 -5.01 -5.42
N ASP A 18 8.46 -4.07 -6.33
CA ASP A 18 9.10 -2.81 -5.96
C ASP A 18 8.23 -2.03 -4.98
N ALA A 19 6.94 -2.32 -4.97
CA ALA A 19 6.00 -1.66 -4.07
C ALA A 19 6.16 -2.17 -2.65
N ILE A 20 6.25 -3.49 -2.51
CA ILE A 20 6.40 -4.11 -1.19
C ILE A 20 7.72 -3.72 -0.55
N ARG A 21 8.81 -3.94 -1.28
CA ARG A 21 10.14 -3.61 -0.78
C ARG A 21 10.16 -2.22 -0.17
N ARG A 22 9.40 -1.30 -0.76
CA ARG A 22 9.34 0.07 -0.28
C ARG A 22 8.55 0.15 1.02
N ILE A 23 7.36 -0.44 1.03
CA ILE A 23 6.51 -0.44 2.21
C ILE A 23 7.26 -0.95 3.44
N ARG A 24 8.08 -1.98 3.24
CA ARG A 24 8.85 -2.56 4.33
C ARG A 24 10.10 -1.73 4.60
N ASN A 25 10.61 -1.07 3.56
CA ASN A 25 11.80 -0.24 3.70
C ASN A 25 11.44 1.23 3.77
N SER A 26 10.16 1.51 4.03
CA SER A 26 9.67 2.88 4.13
C SER A 26 10.01 3.48 5.49
N LYS A 27 10.20 4.79 5.52
CA LYS A 27 10.53 5.49 6.76
C LYS A 27 9.32 6.25 7.29
N ASP A 28 8.26 6.32 6.49
CA ASP A 28 7.05 7.02 6.88
C ASP A 28 5.86 6.56 6.03
N SER A 29 4.67 6.66 6.60
CA SER A 29 3.45 6.25 5.91
C SER A 29 3.38 6.87 4.51
N TRP A 30 3.73 8.14 4.42
CA TRP A 30 3.71 8.85 3.14
C TRP A 30 4.41 8.03 2.06
N ASP A 31 5.45 7.30 2.45
CA ASP A 31 6.19 6.47 1.51
C ASP A 31 5.37 5.25 1.10
N MET A 32 4.74 4.61 2.07
CA MET A 32 3.93 3.42 1.80
C MET A 32 2.82 3.75 0.80
N LEU A 33 1.89 4.59 1.20
CA LEU A 33 0.78 4.98 0.33
C LEU A 33 1.28 5.68 -0.92
N GLY A 34 2.37 6.44 -0.76
CA GLY A 34 2.94 7.15 -1.90
C GLY A 34 2.34 8.54 -2.07
N VAL A 35 2.05 9.19 -0.96
CA VAL A 35 1.47 10.53 -0.99
C VAL A 35 2.34 11.53 -0.21
N LYS A 36 1.94 12.80 -0.26
CA LYS A 36 2.68 13.84 0.45
C LYS A 36 2.01 14.19 1.77
N PRO A 37 2.82 14.65 2.74
CA PRO A 37 2.32 15.03 4.07
C PRO A 37 1.47 16.29 4.03
N GLY A 38 0.19 16.13 4.37
CA GLY A 38 -0.72 17.28 4.36
C GLY A 38 -2.01 16.99 3.63
N ALA A 39 -2.02 15.90 2.85
CA ALA A 39 -3.21 15.52 2.09
C ALA A 39 -4.41 15.33 3.01
N SER A 40 -5.58 15.14 2.40
CA SER A 40 -6.81 14.94 3.16
C SER A 40 -7.27 13.50 3.09
N ARG A 41 -8.31 13.17 3.86
CA ARG A 41 -8.84 11.81 3.87
C ARG A 41 -9.03 11.28 2.46
N ASP A 42 -9.63 12.10 1.60
CA ASP A 42 -9.86 11.71 0.22
C ASP A 42 -8.56 11.30 -0.47
N GLU A 43 -7.56 12.17 -0.40
CA GLU A 43 -6.26 11.90 -1.01
C GLU A 43 -5.72 10.55 -0.56
N VAL A 44 -5.54 10.40 0.75
CA VAL A 44 -5.03 9.16 1.32
C VAL A 44 -5.81 7.96 0.81
N ASN A 45 -7.11 8.12 0.67
CA ASN A 45 -7.98 7.05 0.18
C ASN A 45 -7.71 6.76 -1.29
N LYS A 46 -7.60 7.83 -2.08
CA LYS A 46 -7.34 7.70 -3.51
C LYS A 46 -6.01 7.01 -3.77
N ALA A 47 -5.00 7.40 -2.99
CA ALA A 47 -3.66 6.81 -3.14
C ALA A 47 -3.63 5.39 -2.60
N TYR A 48 -4.34 5.16 -1.49
CA TYR A 48 -4.38 3.84 -0.87
C TYR A 48 -5.03 2.82 -1.81
N ARG A 49 -6.04 3.26 -2.54
CA ARG A 49 -6.75 2.39 -3.46
C ARG A 49 -5.83 1.93 -4.60
N LYS A 50 -5.38 2.88 -5.40
CA LYS A 50 -4.49 2.59 -6.52
C LYS A 50 -3.40 1.61 -6.10
N LEU A 51 -2.98 1.71 -4.84
CA LEU A 51 -1.94 0.83 -4.30
C LEU A 51 -2.50 -0.54 -3.96
N ALA A 52 -3.51 -0.56 -3.09
CA ALA A 52 -4.14 -1.80 -2.68
C ALA A 52 -4.33 -2.74 -3.87
N VAL A 53 -4.76 -2.18 -5.00
CA VAL A 53 -4.97 -2.96 -6.21
C VAL A 53 -3.69 -3.63 -6.68
N LEU A 54 -2.57 -2.89 -6.57
CA LEU A 54 -1.27 -3.41 -6.99
C LEU A 54 -0.77 -4.46 -5.99
N LEU A 55 -0.97 -4.19 -4.70
CA LEU A 55 -0.53 -5.09 -3.65
C LEU A 55 -1.64 -6.08 -3.28
N HIS A 56 -2.76 -5.99 -4.00
CA HIS A 56 -3.90 -6.87 -3.75
C HIS A 56 -3.45 -8.33 -3.75
N PRO A 57 -4.05 -9.12 -2.83
CA PRO A 57 -3.73 -10.55 -2.70
C PRO A 57 -4.24 -11.37 -3.89
N ASP A 58 -5.33 -10.90 -4.51
CA ASP A 58 -5.91 -11.58 -5.64
C ASP A 58 -5.23 -11.16 -6.94
N LYS A 59 -4.33 -10.18 -6.84
CA LYS A 59 -3.61 -9.68 -8.00
C LYS A 59 -2.10 -9.90 -7.84
N CYS A 60 -1.65 -9.98 -6.59
CA CYS A 60 -0.24 -10.19 -6.30
C CYS A 60 -0.04 -11.41 -5.40
N VAL A 61 0.38 -12.52 -6.01
CA VAL A 61 0.60 -13.75 -5.27
C VAL A 61 1.97 -13.75 -4.61
N ALA A 62 2.65 -12.61 -4.67
CA ALA A 62 3.97 -12.48 -4.07
C ALA A 62 3.93 -12.73 -2.57
N PRO A 63 5.05 -13.19 -2.00
CA PRO A 63 5.16 -13.48 -0.57
C PRO A 63 5.14 -12.21 0.28
N GLY A 64 5.54 -11.10 -0.33
CA GLY A 64 5.57 -9.84 0.39
C GLY A 64 4.30 -9.03 0.19
N SER A 65 3.67 -9.19 -0.98
CA SER A 65 2.45 -8.47 -1.30
C SER A 65 1.52 -8.42 -0.09
N GLU A 66 1.31 -9.59 0.53
CA GLU A 66 0.44 -9.68 1.69
C GLU A 66 0.85 -8.68 2.77
N ASP A 67 2.07 -8.82 3.27
CA ASP A 67 2.59 -7.93 4.30
C ASP A 67 2.46 -6.47 3.86
N ALA A 68 2.70 -6.21 2.58
CA ALA A 68 2.62 -4.85 2.05
C ALA A 68 1.25 -4.25 2.33
N PHE A 69 0.20 -4.87 1.81
CA PHE A 69 -1.16 -4.39 2.01
C PHE A 69 -1.42 -4.09 3.48
N LYS A 70 -1.13 -5.06 4.35
CA LYS A 70 -1.33 -4.92 5.77
C LYS A 70 -0.77 -3.58 6.26
N ALA A 71 0.47 -3.29 5.88
CA ALA A 71 1.12 -2.05 6.28
C ALA A 71 0.35 -0.84 5.77
N VAL A 72 0.04 -0.82 4.47
CA VAL A 72 -0.69 0.28 3.87
C VAL A 72 -1.84 0.73 4.77
N VAL A 73 -2.52 -0.24 5.37
CA VAL A 73 -3.65 0.06 6.26
C VAL A 73 -3.18 0.79 7.50
N ASN A 74 -2.22 0.21 8.21
CA ASN A 74 -1.68 0.80 9.43
C ASN A 74 -1.21 2.24 9.17
N ALA A 75 -0.75 2.49 7.95
CA ALA A 75 -0.28 3.81 7.58
C ALA A 75 -1.43 4.71 7.15
N ARG A 76 -2.35 4.16 6.38
CA ARG A 76 -3.51 4.90 5.91
C ARG A 76 -4.43 5.27 7.06
N THR A 77 -5.04 4.27 7.67
CA THR A 77 -5.95 4.48 8.79
C THR A 77 -5.39 5.53 9.76
N ALA A 78 -4.11 5.38 10.10
CA ALA A 78 -3.46 6.31 11.01
C ALA A 78 -3.62 7.76 10.54
N LEU A 79 -3.14 8.04 9.34
CA LEU A 79 -3.22 9.38 8.77
C LEU A 79 -4.66 9.89 8.82
N LEU A 80 -5.59 9.09 8.34
CA LEU A 80 -7.00 9.46 8.32
C LEU A 80 -7.44 9.96 9.70
N LYS A 81 -7.09 9.20 10.74
CA LYS A 81 -7.44 9.57 12.10
C LYS A 81 -7.11 11.04 12.38
N ASN A 82 -5.96 11.48 11.89
CA ASN A 82 -5.53 12.87 12.08
C ASN A 82 -6.34 13.81 11.19
N ILE A 83 -6.68 13.35 9.99
CA ILE A 83 -7.45 14.14 9.05
C ILE A 83 -8.91 14.23 9.47
N LYS A 84 -9.42 15.46 9.57
CA LYS A 84 -10.80 15.68 9.97
C LYS A 84 -11.75 15.31 8.84
N SER A 85 -12.81 14.56 9.18
CA SER A 85 -13.80 14.14 8.19
C SER A 85 -15.19 14.10 8.80
N GLY A 86 -16.04 15.05 8.38
CA GLY A 86 -17.39 15.10 8.89
C GLY A 86 -17.76 16.48 9.40
N PRO A 87 -17.99 16.58 10.73
CA PRO A 87 -18.36 17.85 11.37
C PRO A 87 -17.20 18.84 11.41
N SER A 88 -17.48 20.06 11.85
CA SER A 88 -16.45 21.09 11.93
C SER A 88 -16.14 21.43 13.38
N SER A 89 -14.85 21.56 13.68
CA SER A 89 -14.41 21.88 15.03
C SER A 89 -14.79 20.77 16.00
N GLY A 90 -14.61 19.52 15.58
CA GLY A 90 -14.95 18.39 16.41
C GLY A 90 -13.91 17.29 16.35
N GLY A 1 28.82 -23.00 -17.06
CA GLY A 1 28.23 -24.12 -17.76
C GLY A 1 27.12 -24.78 -16.98
N SER A 2 27.36 -25.04 -15.69
CA SER A 2 26.37 -25.67 -14.84
C SER A 2 25.26 -24.69 -14.46
N SER A 3 25.67 -23.51 -13.98
CA SER A 3 24.72 -22.48 -13.58
C SER A 3 23.64 -22.29 -14.64
N GLY A 4 24.06 -22.00 -15.88
CA GLY A 4 23.11 -21.80 -16.96
C GLY A 4 22.17 -20.64 -16.71
N SER A 5 20.90 -20.83 -17.03
CA SER A 5 19.89 -19.79 -16.84
C SER A 5 18.84 -20.24 -15.83
N SER A 6 18.42 -19.30 -14.98
CA SER A 6 17.41 -19.60 -13.96
C SER A 6 16.05 -19.86 -14.60
N GLY A 7 15.70 -19.01 -15.57
CA GLY A 7 14.42 -19.17 -16.24
C GLY A 7 13.48 -18.02 -15.96
N SER A 8 12.17 -18.28 -16.08
CA SER A 8 11.16 -17.27 -15.83
C SER A 8 10.11 -17.76 -14.85
N SER A 9 9.76 -16.92 -13.88
CA SER A 9 8.77 -17.27 -12.87
C SER A 9 7.39 -16.77 -13.26
N ALA A 10 7.33 -15.51 -13.69
CA ALA A 10 6.06 -14.90 -14.10
C ALA A 10 5.06 -14.91 -12.95
N SER A 11 5.53 -14.61 -11.74
CA SER A 11 4.67 -14.60 -10.57
C SER A 11 4.02 -13.23 -10.38
N PHE A 12 4.86 -12.20 -10.31
CA PHE A 12 4.36 -10.84 -10.13
C PHE A 12 5.12 -9.86 -11.03
N THR A 13 4.69 -8.60 -11.02
CA THR A 13 5.34 -7.58 -11.84
C THR A 13 6.34 -6.78 -11.01
N LYS A 14 7.38 -6.27 -11.68
CA LYS A 14 8.41 -5.48 -11.01
C LYS A 14 7.78 -4.42 -10.11
N GLU A 15 6.80 -3.71 -10.65
CA GLU A 15 6.11 -2.66 -9.89
C GLU A 15 5.71 -3.17 -8.50
N GLN A 16 4.93 -4.23 -8.47
CA GLN A 16 4.48 -4.82 -7.21
C GLN A 16 5.66 -5.05 -6.27
N ALA A 17 6.56 -5.92 -6.67
CA ALA A 17 7.74 -6.23 -5.85
C ALA A 17 8.40 -4.97 -5.34
N ASP A 18 8.61 -4.01 -6.24
CA ASP A 18 9.24 -2.74 -5.88
C ASP A 18 8.42 -2.01 -4.82
N ALA A 19 7.12 -2.29 -4.80
CA ALA A 19 6.22 -1.66 -3.83
C ALA A 19 6.43 -2.23 -2.43
N ILE A 20 6.43 -3.55 -2.33
CA ILE A 20 6.61 -4.22 -1.05
C ILE A 20 7.99 -3.89 -0.46
N ARG A 21 9.03 -4.04 -1.27
CA ARG A 21 10.39 -3.76 -0.83
C ARG A 21 10.48 -2.36 -0.23
N ARG A 22 9.68 -1.44 -0.75
CA ARG A 22 9.68 -0.06 -0.28
C ARG A 22 8.91 0.06 1.04
N ILE A 23 7.74 -0.56 1.09
CA ILE A 23 6.91 -0.53 2.29
C ILE A 23 7.66 -1.06 3.50
N ARG A 24 8.40 -2.16 3.30
CA ARG A 24 9.17 -2.76 4.37
C ARG A 24 10.40 -1.93 4.70
N ASN A 25 10.76 -1.03 3.78
CA ASN A 25 11.92 -0.16 3.98
C ASN A 25 11.50 1.30 4.02
N SER A 26 10.22 1.54 4.26
CA SER A 26 9.69 2.90 4.31
C SER A 26 9.92 3.50 5.69
N LYS A 27 9.83 4.83 5.77
CA LYS A 27 10.02 5.53 7.03
C LYS A 27 8.74 6.27 7.44
N ASP A 28 7.80 6.38 6.51
CA ASP A 28 6.54 7.05 6.78
C ASP A 28 5.46 6.59 5.80
N SER A 29 4.25 6.42 6.31
CA SER A 29 3.13 5.97 5.48
C SER A 29 3.13 6.69 4.13
N TRP A 30 3.52 7.96 4.15
CA TRP A 30 3.58 8.76 2.93
C TRP A 30 4.30 8.01 1.82
N ASP A 31 5.40 7.37 2.16
CA ASP A 31 6.19 6.61 1.20
C ASP A 31 5.39 5.43 0.67
N MET A 32 4.62 4.80 1.55
CA MET A 32 3.81 3.65 1.18
C MET A 32 2.63 4.06 0.31
N LEU A 33 1.75 4.89 0.87
CA LEU A 33 0.58 5.37 0.15
C LEU A 33 0.99 6.27 -1.01
N GLY A 34 2.13 6.94 -0.87
CA GLY A 34 2.61 7.82 -1.91
C GLY A 34 1.87 9.15 -1.93
N VAL A 35 1.68 9.74 -0.76
CA VAL A 35 1.00 11.03 -0.64
C VAL A 35 1.67 11.91 0.39
N LYS A 36 1.83 13.19 0.05
CA LYS A 36 2.46 14.15 0.94
C LYS A 36 1.79 14.13 2.32
N PRO A 37 2.56 14.52 3.34
CA PRO A 37 2.06 14.55 4.72
C PRO A 37 1.04 15.67 4.94
N GLY A 38 0.77 16.44 3.89
CA GLY A 38 -0.19 17.52 3.99
C GLY A 38 -1.38 17.32 3.09
N ALA A 39 -1.68 16.06 2.77
CA ALA A 39 -2.80 15.73 1.91
C ALA A 39 -4.09 15.61 2.71
N SER A 40 -5.22 15.52 2.02
CA SER A 40 -6.51 15.40 2.67
C SER A 40 -7.02 13.96 2.61
N ARG A 41 -8.03 13.66 3.44
CA ARG A 41 -8.60 12.32 3.49
C ARG A 41 -8.85 11.79 2.08
N ASP A 42 -9.54 12.57 1.26
CA ASP A 42 -9.84 12.17 -0.11
C ASP A 42 -8.58 11.71 -0.82
N GLU A 43 -7.47 12.40 -0.57
CA GLU A 43 -6.21 12.05 -1.21
C GLU A 43 -5.69 10.71 -0.69
N VAL A 44 -5.51 10.62 0.62
CA VAL A 44 -5.03 9.39 1.25
C VAL A 44 -5.79 8.17 0.74
N ASN A 45 -7.11 8.30 0.67
CA ASN A 45 -7.96 7.21 0.21
C ASN A 45 -7.66 6.87 -1.26
N LYS A 46 -7.52 7.90 -2.09
CA LYS A 46 -7.22 7.72 -3.50
C LYS A 46 -5.89 6.99 -3.68
N ALA A 47 -4.87 7.43 -2.96
CA ALA A 47 -3.56 6.82 -3.04
C ALA A 47 -3.54 5.44 -2.39
N TYR A 48 -4.30 5.30 -1.30
CA TYR A 48 -4.36 4.04 -0.58
C TYR A 48 -5.07 2.98 -1.41
N ARG A 49 -6.06 3.40 -2.19
CA ARG A 49 -6.81 2.48 -3.04
C ARG A 49 -5.94 1.96 -4.18
N LYS A 50 -5.56 2.86 -5.08
CA LYS A 50 -4.73 2.49 -6.22
C LYS A 50 -3.69 1.45 -5.83
N LEU A 51 -3.12 1.61 -4.64
CA LEU A 51 -2.11 0.69 -4.14
C LEU A 51 -2.75 -0.65 -3.75
N ALA A 52 -3.72 -0.58 -2.84
CA ALA A 52 -4.41 -1.78 -2.38
C ALA A 52 -4.67 -2.75 -3.53
N VAL A 53 -5.01 -2.19 -4.69
CA VAL A 53 -5.29 -2.99 -5.88
C VAL A 53 -4.01 -3.64 -6.42
N LEU A 54 -2.91 -2.90 -6.34
CA LEU A 54 -1.63 -3.40 -6.81
C LEU A 54 -1.07 -4.47 -5.88
N LEU A 55 -1.18 -4.22 -4.58
CA LEU A 55 -0.70 -5.16 -3.58
C LEU A 55 -1.77 -6.18 -3.22
N HIS A 56 -2.92 -6.09 -3.89
CA HIS A 56 -4.02 -7.01 -3.65
C HIS A 56 -3.55 -8.46 -3.72
N PRO A 57 -4.10 -9.31 -2.83
CA PRO A 57 -3.75 -10.73 -2.78
C PRO A 57 -4.27 -11.50 -3.98
N ASP A 58 -5.48 -11.17 -4.42
CA ASP A 58 -6.09 -11.83 -5.56
C ASP A 58 -5.43 -11.40 -6.85
N LYS A 59 -4.56 -10.41 -6.76
CA LYS A 59 -3.84 -9.90 -7.94
C LYS A 59 -2.34 -10.10 -7.80
N CYS A 60 -1.86 -10.14 -6.55
CA CYS A 60 -0.45 -10.33 -6.27
C CYS A 60 -0.22 -11.50 -5.33
N VAL A 61 0.22 -12.63 -5.88
CA VAL A 61 0.47 -13.82 -5.09
C VAL A 61 1.89 -13.83 -4.53
N ALA A 62 2.59 -12.70 -4.69
CA ALA A 62 3.95 -12.58 -4.19
C ALA A 62 4.02 -12.87 -2.70
N PRO A 63 5.20 -13.31 -2.24
CA PRO A 63 5.43 -13.64 -0.84
C PRO A 63 5.44 -12.40 0.06
N GLY A 64 5.75 -11.26 -0.53
CA GLY A 64 5.79 -10.02 0.22
C GLY A 64 4.51 -9.20 0.06
N SER A 65 3.88 -9.33 -1.10
CA SER A 65 2.64 -8.60 -1.37
C SER A 65 1.74 -8.58 -0.15
N GLU A 66 1.69 -9.69 0.58
CA GLU A 66 0.87 -9.79 1.78
C GLU A 66 1.30 -8.75 2.81
N ASP A 67 2.56 -8.81 3.22
CA ASP A 67 3.09 -7.88 4.21
C ASP A 67 2.81 -6.43 3.81
N ALA A 68 2.92 -6.16 2.51
CA ALA A 68 2.67 -4.82 2.00
C ALA A 68 1.24 -4.37 2.30
N PHE A 69 0.28 -5.16 1.83
CA PHE A 69 -1.13 -4.84 2.05
C PHE A 69 -1.39 -4.45 3.49
N LYS A 70 -0.83 -5.22 4.42
CA LYS A 70 -0.99 -4.95 5.84
C LYS A 70 -0.46 -3.57 6.21
N ALA A 71 0.74 -3.25 5.72
CA ALA A 71 1.36 -1.96 5.99
C ALA A 71 0.47 -0.82 5.50
N VAL A 72 -0.02 -0.93 4.27
CA VAL A 72 -0.87 0.09 3.67
C VAL A 72 -1.99 0.48 4.64
N VAL A 73 -2.78 -0.50 5.05
CA VAL A 73 -3.88 -0.26 5.98
C VAL A 73 -3.41 0.52 7.20
N ASN A 74 -2.41 -0.03 7.89
CA ASN A 74 -1.87 0.61 9.09
C ASN A 74 -1.30 1.98 8.75
N ALA A 75 -1.14 2.26 7.47
CA ALA A 75 -0.60 3.53 7.01
C ALA A 75 -1.71 4.54 6.75
N ARG A 76 -2.75 4.10 6.06
CA ARG A 76 -3.88 4.97 5.73
C ARG A 76 -4.70 5.27 6.98
N THR A 77 -5.30 4.22 7.56
CA THR A 77 -6.11 4.38 8.76
C THR A 77 -5.39 5.23 9.80
N ALA A 78 -4.10 5.02 9.95
CA ALA A 78 -3.30 5.77 10.91
C ALA A 78 -3.35 7.26 10.62
N LEU A 79 -2.95 7.64 9.41
CA LEU A 79 -2.95 9.04 9.01
C LEU A 79 -4.33 9.66 9.19
N LEU A 80 -5.31 9.10 8.49
CA LEU A 80 -6.68 9.59 8.56
C LEU A 80 -7.03 10.01 10.00
N LYS A 81 -6.75 9.13 10.95
CA LYS A 81 -7.02 9.40 12.36
C LYS A 81 -6.43 10.75 12.77
N ASN A 82 -5.22 11.03 12.30
CA ASN A 82 -4.55 12.29 12.63
C ASN A 82 -5.19 13.45 11.88
N ILE A 83 -5.61 13.20 10.64
CA ILE A 83 -6.24 14.23 9.83
C ILE A 83 -7.54 14.71 10.46
N LYS A 84 -8.34 13.77 10.95
CA LYS A 84 -9.61 14.09 11.58
C LYS A 84 -9.40 14.96 12.82
N SER A 85 -9.85 16.21 12.74
CA SER A 85 -9.70 17.14 13.85
C SER A 85 -11.05 17.76 14.22
N GLY A 86 -11.56 17.39 15.39
CA GLY A 86 -12.84 17.91 15.84
C GLY A 86 -12.74 18.57 17.22
N PRO A 87 -12.87 19.90 17.23
CA PRO A 87 -12.80 20.67 18.48
C PRO A 87 -14.02 20.46 19.37
N SER A 88 -13.77 20.35 20.67
CA SER A 88 -14.84 20.13 21.64
C SER A 88 -14.82 21.18 22.74
N SER A 89 -16.00 21.63 23.15
CA SER A 89 -16.11 22.64 24.19
C SER A 89 -15.40 22.20 25.46
N GLY A 90 -15.74 21.01 25.95
CA GLY A 90 -15.12 20.49 27.15
C GLY A 90 -16.02 20.61 28.37
N GLY A 1 3.85 -28.01 0.96
CA GLY A 1 3.61 -29.39 1.35
C GLY A 1 3.81 -30.35 0.18
N SER A 2 2.88 -30.32 -0.77
CA SER A 2 2.96 -31.18 -1.93
C SER A 2 3.59 -30.47 -3.12
N SER A 3 3.17 -29.22 -3.34
CA SER A 3 3.69 -28.43 -4.44
C SER A 3 4.96 -27.69 -4.02
N GLY A 4 5.86 -27.46 -4.98
CA GLY A 4 7.09 -26.76 -4.69
C GLY A 4 7.98 -26.62 -5.92
N SER A 5 7.37 -26.25 -7.04
CA SER A 5 8.12 -26.08 -8.29
C SER A 5 8.32 -24.59 -8.61
N SER A 6 9.26 -24.32 -9.50
CA SER A 6 9.56 -22.94 -9.88
C SER A 6 8.37 -22.31 -10.62
N GLY A 7 7.81 -23.06 -11.56
CA GLY A 7 6.68 -22.56 -12.33
C GLY A 7 7.11 -21.69 -13.49
N SER A 8 6.28 -20.69 -13.80
CA SER A 8 6.58 -19.78 -14.89
C SER A 8 7.82 -18.95 -14.60
N SER A 9 8.34 -18.26 -15.62
CA SER A 9 9.53 -17.44 -15.46
C SER A 9 9.38 -16.49 -14.28
N ALA A 10 8.36 -15.64 -14.32
CA ALA A 10 8.10 -14.69 -13.25
C ALA A 10 6.65 -14.75 -12.79
N SER A 11 6.45 -14.72 -11.48
CA SER A 11 5.11 -14.78 -10.90
C SER A 11 4.45 -13.40 -10.93
N PHE A 12 5.13 -12.42 -10.36
CA PHE A 12 4.61 -11.05 -10.32
C PHE A 12 5.47 -10.11 -11.16
N THR A 13 5.07 -8.85 -11.23
CA THR A 13 5.80 -7.86 -12.00
C THR A 13 6.82 -7.14 -11.15
N LYS A 14 7.64 -6.29 -11.78
CA LYS A 14 8.67 -5.54 -11.08
C LYS A 14 8.03 -4.50 -10.16
N GLU A 15 7.02 -3.81 -10.65
CA GLU A 15 6.33 -2.79 -9.87
C GLU A 15 5.90 -3.34 -8.52
N GLN A 16 5.11 -4.41 -8.55
CA GLN A 16 4.62 -5.03 -7.32
C GLN A 16 5.78 -5.31 -6.36
N ALA A 17 6.66 -6.23 -6.75
CA ALA A 17 7.81 -6.59 -5.93
C ALA A 17 8.50 -5.35 -5.39
N ASP A 18 8.73 -4.37 -6.26
CA ASP A 18 9.39 -3.14 -5.88
C ASP A 18 8.52 -2.34 -4.91
N ALA A 19 7.21 -2.56 -4.96
CA ALA A 19 6.28 -1.87 -4.09
C ALA A 19 6.35 -2.41 -2.68
N ILE A 20 6.39 -3.73 -2.56
CA ILE A 20 6.45 -4.38 -1.25
C ILE A 20 7.75 -4.04 -0.53
N ARG A 21 8.86 -4.12 -1.25
CA ARG A 21 10.16 -3.81 -0.68
C ARG A 21 10.21 -2.39 -0.14
N ARG A 22 9.47 -1.50 -0.78
CA ARG A 22 9.42 -0.10 -0.37
C ARG A 22 8.61 0.06 0.91
N ILE A 23 7.46 -0.60 0.97
CA ILE A 23 6.60 -0.54 2.14
C ILE A 23 7.32 -1.05 3.38
N ARG A 24 8.18 -2.04 3.19
CA ARG A 24 8.93 -2.62 4.30
C ARG A 24 10.18 -1.79 4.60
N ASN A 25 10.53 -0.90 3.69
CA ASN A 25 11.70 -0.05 3.85
C ASN A 25 11.29 1.42 4.00
N SER A 26 9.99 1.67 3.88
CA SER A 26 9.47 3.04 4.00
C SER A 26 9.82 3.63 5.36
N LYS A 27 9.98 4.95 5.38
CA LYS A 27 10.32 5.66 6.62
C LYS A 27 9.11 6.40 7.17
N ASP A 28 8.01 6.36 6.43
CA ASP A 28 6.78 7.04 6.84
C ASP A 28 5.60 6.59 5.99
N SER A 29 4.40 6.96 6.42
CA SER A 29 3.18 6.58 5.70
C SER A 29 3.12 7.28 4.35
N TRP A 30 3.68 8.48 4.28
CA TRP A 30 3.69 9.26 3.05
C TRP A 30 4.35 8.48 1.91
N ASP A 31 5.40 7.74 2.24
CA ASP A 31 6.12 6.94 1.25
C ASP A 31 5.28 5.75 0.80
N MET A 32 4.72 5.02 1.77
CA MET A 32 3.89 3.86 1.47
C MET A 32 2.78 4.22 0.49
N LEU A 33 1.86 5.06 0.94
CA LEU A 33 0.74 5.49 0.10
C LEU A 33 1.22 6.33 -1.07
N GLY A 34 2.34 7.03 -0.87
CA GLY A 34 2.89 7.86 -1.91
C GLY A 34 2.23 9.23 -1.98
N VAL A 35 1.78 9.72 -0.83
CA VAL A 35 1.12 11.03 -0.76
C VAL A 35 1.95 12.02 0.05
N LYS A 36 1.57 13.29 -0.01
CA LYS A 36 2.27 14.34 0.71
C LYS A 36 1.77 14.42 2.16
N PRO A 37 2.65 14.92 3.06
CA PRO A 37 2.31 15.07 4.46
C PRO A 37 1.28 16.18 4.71
N GLY A 38 0.06 15.78 5.04
CA GLY A 38 -0.99 16.75 5.29
C GLY A 38 -2.16 16.59 4.34
N ALA A 39 -2.10 15.58 3.48
CA ALA A 39 -3.16 15.33 2.52
C ALA A 39 -4.51 15.22 3.21
N SER A 40 -5.56 15.01 2.41
CA SER A 40 -6.91 14.89 2.96
C SER A 40 -7.41 13.45 2.86
N ARG A 41 -8.52 13.17 3.52
CA ARG A 41 -9.10 11.84 3.52
C ARG A 41 -9.08 11.24 2.12
N ASP A 42 -9.82 11.85 1.21
CA ASP A 42 -9.88 11.39 -0.17
C ASP A 42 -8.48 11.08 -0.71
N GLU A 43 -7.56 12.02 -0.50
CA GLU A 43 -6.19 11.85 -0.97
C GLU A 43 -5.60 10.54 -0.44
N VAL A 44 -5.69 10.33 0.86
CA VAL A 44 -5.17 9.13 1.49
C VAL A 44 -5.91 7.89 1.00
N ASN A 45 -7.20 8.06 0.69
CA ASN A 45 -8.02 6.95 0.21
C ASN A 45 -7.69 6.62 -1.23
N LYS A 46 -7.36 7.64 -2.01
CA LYS A 46 -7.01 7.46 -3.42
C LYS A 46 -5.66 6.78 -3.57
N ALA A 47 -4.68 7.25 -2.81
CA ALA A 47 -3.34 6.68 -2.86
C ALA A 47 -3.32 5.25 -2.32
N TYR A 48 -4.21 4.98 -1.37
CA TYR A 48 -4.31 3.65 -0.77
C TYR A 48 -4.94 2.66 -1.75
N ARG A 49 -5.86 3.15 -2.57
CA ARG A 49 -6.54 2.30 -3.54
C ARG A 49 -5.58 1.89 -4.66
N LYS A 50 -5.11 2.86 -5.43
CA LYS A 50 -4.19 2.59 -6.53
C LYS A 50 -3.11 1.61 -6.10
N LEU A 51 -2.70 1.69 -4.84
CA LEU A 51 -1.67 0.81 -4.30
C LEU A 51 -2.27 -0.55 -3.91
N ALA A 52 -3.25 -0.53 -3.02
CA ALA A 52 -3.89 -1.75 -2.57
C ALA A 52 -4.16 -2.69 -3.74
N VAL A 53 -4.50 -2.11 -4.89
CA VAL A 53 -4.78 -2.90 -6.08
C VAL A 53 -3.53 -3.59 -6.60
N LEU A 54 -2.40 -2.89 -6.51
CA LEU A 54 -1.12 -3.44 -6.97
C LEU A 54 -0.61 -4.49 -5.99
N LEU A 55 -1.00 -4.38 -4.74
CA LEU A 55 -0.58 -5.32 -3.71
C LEU A 55 -1.73 -6.24 -3.31
N HIS A 56 -2.86 -6.08 -3.98
CA HIS A 56 -4.04 -6.91 -3.70
C HIS A 56 -3.68 -8.39 -3.73
N PRO A 57 -4.22 -9.15 -2.76
CA PRO A 57 -3.97 -10.59 -2.66
C PRO A 57 -4.63 -11.38 -3.79
N ASP A 58 -5.57 -10.73 -4.48
CA ASP A 58 -6.27 -11.37 -5.58
C ASP A 58 -5.58 -11.09 -6.91
N LYS A 59 -4.67 -10.13 -6.90
CA LYS A 59 -3.93 -9.77 -8.11
C LYS A 59 -2.44 -10.01 -7.92
N CYS A 60 -2.00 -10.09 -6.67
CA CYS A 60 -0.60 -10.33 -6.36
C CYS A 60 -0.43 -11.52 -5.42
N VAL A 61 -0.05 -12.66 -5.96
CA VAL A 61 0.14 -13.87 -5.17
C VAL A 61 1.53 -13.91 -4.56
N ALA A 62 2.24 -12.79 -4.63
CA ALA A 62 3.59 -12.69 -4.08
C ALA A 62 3.58 -12.96 -2.57
N PRO A 63 4.73 -13.42 -2.06
CA PRO A 63 4.88 -13.72 -0.63
C PRO A 63 4.89 -12.47 0.23
N GLY A 64 5.45 -11.38 -0.30
CA GLY A 64 5.50 -10.13 0.43
C GLY A 64 4.30 -9.25 0.16
N SER A 65 3.59 -9.54 -0.92
CA SER A 65 2.40 -8.76 -1.29
C SER A 65 1.46 -8.63 -0.10
N GLU A 66 1.34 -9.70 0.68
CA GLU A 66 0.47 -9.70 1.85
C GLU A 66 0.91 -8.64 2.86
N ASP A 67 2.13 -8.77 3.35
CA ASP A 67 2.67 -7.83 4.32
C ASP A 67 2.55 -6.40 3.81
N ALA A 68 2.82 -6.20 2.54
CA ALA A 68 2.74 -4.88 1.92
C ALA A 68 1.38 -4.23 2.20
N PHE A 69 0.32 -4.91 1.78
CA PHE A 69 -1.03 -4.40 1.99
C PHE A 69 -1.28 -4.07 3.45
N LYS A 70 -0.96 -5.03 4.32
CA LYS A 70 -1.14 -4.84 5.77
C LYS A 70 -0.60 -3.48 6.22
N ALA A 71 0.60 -3.15 5.74
CA ALA A 71 1.22 -1.87 6.09
C ALA A 71 0.39 -0.70 5.60
N VAL A 72 0.05 -0.71 4.32
CA VAL A 72 -0.74 0.36 3.71
C VAL A 72 -1.89 0.77 4.63
N VAL A 73 -2.50 -0.22 5.28
CA VAL A 73 -3.60 0.05 6.19
C VAL A 73 -3.14 0.82 7.42
N ASN A 74 -2.08 0.31 8.06
CA ASN A 74 -1.54 0.95 9.25
C ASN A 74 -1.11 2.39 8.94
N ALA A 75 -0.60 2.60 7.74
CA ALA A 75 -0.15 3.93 7.33
C ALA A 75 -1.32 4.81 6.96
N ARG A 76 -2.23 4.28 6.14
CA ARG A 76 -3.40 5.04 5.71
C ARG A 76 -4.32 5.34 6.89
N THR A 77 -4.94 4.31 7.44
CA THR A 77 -5.83 4.46 8.58
C THR A 77 -5.25 5.44 9.61
N ALA A 78 -3.97 5.26 9.92
CA ALA A 78 -3.30 6.12 10.88
C ALA A 78 -3.41 7.59 10.48
N LEU A 79 -2.92 7.91 9.29
CA LEU A 79 -2.96 9.28 8.80
C LEU A 79 -4.38 9.83 8.86
N LEU A 80 -5.34 9.03 8.44
CA LEU A 80 -6.75 9.44 8.45
C LEU A 80 -7.15 9.96 9.84
N LYS A 81 -6.59 9.34 10.87
CA LYS A 81 -6.89 9.74 12.25
C LYS A 81 -6.79 11.26 12.40
N ASN A 82 -5.77 11.84 11.79
CA ASN A 82 -5.55 13.29 11.86
C ASN A 82 -6.60 14.03 11.05
N ILE A 83 -6.97 13.47 9.90
CA ILE A 83 -7.97 14.08 9.03
C ILE A 83 -9.37 13.96 9.64
N LYS A 84 -9.96 15.11 9.94
CA LYS A 84 -11.31 15.14 10.53
C LYS A 84 -12.36 14.78 9.49
N SER A 85 -13.29 13.91 9.85
CA SER A 85 -14.35 13.49 8.95
C SER A 85 -15.53 14.46 9.01
N GLY A 86 -16.21 14.47 10.14
CA GLY A 86 -17.36 15.36 10.30
C GLY A 86 -17.49 15.88 11.72
N PRO A 87 -17.72 17.19 11.85
CA PRO A 87 -17.87 17.84 13.16
C PRO A 87 -19.17 17.44 13.85
N SER A 88 -19.08 16.49 14.76
CA SER A 88 -20.25 16.02 15.50
C SER A 88 -19.89 15.71 16.96
N SER A 89 -20.76 16.13 17.86
CA SER A 89 -20.54 15.90 19.29
C SER A 89 -21.46 14.81 19.82
N GLY A 90 -21.26 14.42 21.08
CA GLY A 90 -22.07 13.39 21.68
C GLY A 90 -21.26 12.44 22.54
#